data_8YTG
# 
_entry.id   8YTG 
# 
_audit_conform.dict_name       mmcif_pdbx.dic 
_audit_conform.dict_version    5.399 
_audit_conform.dict_location   http://mmcif.pdb.org/dictionaries/ascii/mmcif_pdbx.dic 
# 
loop_
_database_2.database_id 
_database_2.database_code 
_database_2.pdbx_database_accession 
_database_2.pdbx_DOI 
PDB   8YTG         pdb_00008ytg 10.2210/pdb8ytg/pdb 
WWPDB D_1300046356 ?            ?                   
# 
loop_
_pdbx_audit_revision_history.ordinal 
_pdbx_audit_revision_history.data_content_type 
_pdbx_audit_revision_history.major_revision 
_pdbx_audit_revision_history.minor_revision 
_pdbx_audit_revision_history.revision_date 
1 'Structure model' 1 0 2024-11-20 
2 'Structure model' 1 1 2024-12-18 
# 
_pdbx_audit_revision_details.ordinal             1 
_pdbx_audit_revision_details.revision_ordinal    1 
_pdbx_audit_revision_details.data_content_type   'Structure model' 
_pdbx_audit_revision_details.provider            repository 
_pdbx_audit_revision_details.type                'Initial release' 
_pdbx_audit_revision_details.description         ? 
_pdbx_audit_revision_details.details             ? 
# 
_pdbx_audit_revision_group.ordinal             1 
_pdbx_audit_revision_group.revision_ordinal    2 
_pdbx_audit_revision_group.data_content_type   'Structure model' 
_pdbx_audit_revision_group.group               'Database references' 
# 
loop_
_pdbx_audit_revision_category.ordinal 
_pdbx_audit_revision_category.revision_ordinal 
_pdbx_audit_revision_category.data_content_type 
_pdbx_audit_revision_category.category 
1 2 'Structure model' citation        
2 2 'Structure model' citation_author 
# 
loop_
_pdbx_audit_revision_item.ordinal 
_pdbx_audit_revision_item.revision_ordinal 
_pdbx_audit_revision_item.data_content_type 
_pdbx_audit_revision_item.item 
1  2 'Structure model' '_citation.country'                 
2  2 'Structure model' '_citation.journal_abbrev'          
3  2 'Structure model' '_citation.journal_id_CSD'          
4  2 'Structure model' '_citation.journal_id_ISSN'         
5  2 'Structure model' '_citation.journal_volume'          
6  2 'Structure model' '_citation.page_first'              
7  2 'Structure model' '_citation.page_last'               
8  2 'Structure model' '_citation.pdbx_database_id_DOI'    
9  2 'Structure model' '_citation.pdbx_database_id_PubMed' 
10 2 'Structure model' '_citation.title'                   
11 2 'Structure model' '_citation.year'                    
# 
_pdbx_database_status.status_code                     REL 
_pdbx_database_status.status_code_sf                  REL 
_pdbx_database_status.status_code_mr                  ? 
_pdbx_database_status.entry_id                        8YTG 
_pdbx_database_status.recvd_initial_deposition_date   2024-03-25 
_pdbx_database_status.SG_entry                        N 
_pdbx_database_status.deposit_site                    PDBJ 
_pdbx_database_status.process_site                    PDBC 
_pdbx_database_status.status_code_cs                  ? 
_pdbx_database_status.status_code_nmr_data            ? 
_pdbx_database_status.methods_development_category    ? 
_pdbx_database_status.pdb_format_compatible           Y 
# 
_pdbx_contact_author.id                 3 
_pdbx_contact_author.email              jpding@sibcb.ac.cn 
_pdbx_contact_author.name_first         Jianping 
_pdbx_contact_author.name_last          Ding 
_pdbx_contact_author.name_mi            ? 
_pdbx_contact_author.role               'principal investigator/group leader' 
_pdbx_contact_author.identifier_ORCID   0000-0001-7029-7346 
# 
loop_
_audit_author.name 
_audit_author.pdbx_ordinal 
_audit_author.identifier_ORCID 
'Wang, G.C.' 1 0009-0001-9825-3617 
'Ding, J.P.' 2 0000-0001-7029-7346 
# 
_citation.abstract                  ? 
_citation.abstract_id_CAS           ? 
_citation.book_id_ISBN              ? 
_citation.book_publisher            ? 
_citation.book_publisher_city       ? 
_citation.book_title                ? 
_citation.coordinate_linkage        ? 
_citation.country                   UK 
_citation.database_id_Medline       ? 
_citation.details                   ? 
_citation.id                        primary 
_citation.journal_abbrev            'Nat Commun' 
_citation.journal_id_ASTM           ? 
_citation.journal_id_CSD            ? 
_citation.journal_id_ISSN           2041-1723 
_citation.journal_full              ? 
_citation.journal_issue             ? 
_citation.journal_volume            15 
_citation.language                  ? 
_citation.page_first                10425 
_citation.page_last                 10425 
_citation.title                     
'IRF2BP2 binds to a conserved RxSVI motif of protein partners and regulates megakaryocytic differentiation.' 
_citation.year                      2024 
_citation.database_id_CSD           ? 
_citation.pdbx_database_id_DOI      10.1038/s41467-024-54889-5 
_citation.pdbx_database_id_PubMed   39616187 
_citation.pdbx_database_id_patent   ? 
_citation.unpublished_flag          ? 
# 
loop_
_citation_author.citation_id 
_citation_author.name 
_citation_author.ordinal 
_citation_author.identifier_ORCID 
primary 'Wang, G.'  1 0009-0001-9825-3617 
primary 'Lu, T.'    2 ?                   
primary 'Zhang, L.' 3 ?                   
primary 'Ding, J.'  4 0000-0001-7029-7346 
# 
loop_
_entity.id 
_entity.type 
_entity.src_method 
_entity.pdbx_description 
_entity.formula_weight 
_entity.pdbx_number_of_molecules 
_entity.pdbx_ec 
_entity.pdbx_mutation 
_entity.pdbx_fragment 
_entity.details 
1 polymer     man 'Interferon regulatory factor 2-binding protein 2' 8867.110 1   ? ? 'RING domain' ? 
2 polymer     syn 'Interferon regulatory factor 2'                   905.117  1   ? ? ?             ? 
3 non-polymer syn 'ZINC ION'                                         65.409   3   ? ? ?             ? 
4 water       nat water                                              18.015   158 ? ? ?             ? 
# 
loop_
_entity_name_com.entity_id 
_entity_name_com.name 
1 'IRF-2-binding protein 2,IRF-2BP2' 
2 IRF-2                              
# 
loop_
_entity_poly.entity_id 
_entity_poly.type 
_entity_poly.nstd_linkage 
_entity_poly.nstd_monomer 
_entity_poly.pdbx_seq_one_letter_code 
_entity_poly.pdbx_seq_one_letter_code_can 
_entity_poly.pdbx_strand_id 
_entity_poly.pdbx_target_identifier 
1 'polypeptide(L)' no no 
;GSLATSAPLCCTLCHERLEDTHFVQCPSVPSHKFCFPCSRQSIKQQGASGEVYCPSGEKCPLVGSNVPWAFMQGEIATIL
AGD
;
;GSLATSAPLCCTLCHERLEDTHFVQCPSVPSHKFCFPCSRQSIKQQGASGEVYCPSGEKCPLVGSNVPWAFMQGEIATIL
AGD
;
A ? 
2 'polypeptide(L)' no no RASVIKKT                                                                               RASVIKKT B ? 
# 
loop_
_pdbx_entity_nonpoly.entity_id 
_pdbx_entity_nonpoly.name 
_pdbx_entity_nonpoly.comp_id 
3 'ZINC ION' ZN  
4 water      HOH 
# 
loop_
_entity_poly_seq.entity_id 
_entity_poly_seq.num 
_entity_poly_seq.mon_id 
_entity_poly_seq.hetero 
1 1  GLY n 
1 2  SER n 
1 3  LEU n 
1 4  ALA n 
1 5  THR n 
1 6  SER n 
1 7  ALA n 
1 8  PRO n 
1 9  LEU n 
1 10 CYS n 
1 11 CYS n 
1 12 THR n 
1 13 LEU n 
1 14 CYS n 
1 15 HIS n 
1 16 GLU n 
1 17 ARG n 
1 18 LEU n 
1 19 GLU n 
1 20 ASP n 
1 21 THR n 
1 22 HIS n 
1 23 PHE n 
1 24 VAL n 
1 25 GLN n 
1 26 CYS n 
1 27 PRO n 
1 28 SER n 
1 29 VAL n 
1 30 PRO n 
1 31 SER n 
1 32 HIS n 
1 33 LYS n 
1 34 PHE n 
1 35 CYS n 
1 36 PHE n 
1 37 PRO n 
1 38 CYS n 
1 39 SER n 
1 40 ARG n 
1 41 GLN n 
1 42 SER n 
1 43 ILE n 
1 44 LYS n 
1 45 GLN n 
1 46 GLN n 
1 47 GLY n 
1 48 ALA n 
1 49 SER n 
1 50 GLY n 
1 51 GLU n 
1 52 VAL n 
1 53 TYR n 
1 54 CYS n 
1 55 PRO n 
1 56 SER n 
1 57 GLY n 
1 58 GLU n 
1 59 LYS n 
1 60 CYS n 
1 61 PRO n 
1 62 LEU n 
1 63 VAL n 
1 64 GLY n 
1 65 SER n 
1 66 ASN n 
1 67 VAL n 
1 68 PRO n 
1 69 TRP n 
1 70 ALA n 
1 71 PHE n 
1 72 MET n 
1 73 GLN n 
1 74 GLY n 
1 75 GLU n 
1 76 ILE n 
1 77 ALA n 
1 78 THR n 
1 79 ILE n 
1 80 LEU n 
1 81 ALA n 
1 82 GLY n 
1 83 ASP n 
2 1  ARG n 
2 2  ALA n 
2 3  SER n 
2 4  VAL n 
2 5  ILE n 
2 6  LYS n 
2 7  LYS n 
2 8  THR n 
# 
_entity_src_gen.entity_id                          1 
_entity_src_gen.pdbx_src_id                        1 
_entity_src_gen.pdbx_alt_source_flag               sample 
_entity_src_gen.pdbx_seq_type                      'Biological sequence' 
_entity_src_gen.pdbx_beg_seq_num                   1 
_entity_src_gen.pdbx_end_seq_num                   83 
_entity_src_gen.gene_src_common_name               human 
_entity_src_gen.gene_src_genus                     ? 
_entity_src_gen.pdbx_gene_src_gene                 IRF2BP2 
_entity_src_gen.gene_src_species                   ? 
_entity_src_gen.gene_src_strain                    ? 
_entity_src_gen.gene_src_tissue                    ? 
_entity_src_gen.gene_src_tissue_fraction           ? 
_entity_src_gen.gene_src_details                   ? 
_entity_src_gen.pdbx_gene_src_fragment             ? 
_entity_src_gen.pdbx_gene_src_scientific_name      'Homo sapiens' 
_entity_src_gen.pdbx_gene_src_ncbi_taxonomy_id     9606 
_entity_src_gen.pdbx_gene_src_variant              ? 
_entity_src_gen.pdbx_gene_src_cell_line            ? 
_entity_src_gen.pdbx_gene_src_atcc                 ? 
_entity_src_gen.pdbx_gene_src_organ                ? 
_entity_src_gen.pdbx_gene_src_organelle            ? 
_entity_src_gen.pdbx_gene_src_cell                 ? 
_entity_src_gen.pdbx_gene_src_cellular_location    ? 
_entity_src_gen.host_org_common_name               ? 
_entity_src_gen.pdbx_host_org_scientific_name      'Escherichia coli' 
_entity_src_gen.pdbx_host_org_ncbi_taxonomy_id     562 
_entity_src_gen.host_org_genus                     ? 
_entity_src_gen.pdbx_host_org_gene                 ? 
_entity_src_gen.pdbx_host_org_organ                ? 
_entity_src_gen.host_org_species                   ? 
_entity_src_gen.pdbx_host_org_tissue               ? 
_entity_src_gen.pdbx_host_org_tissue_fraction      ? 
_entity_src_gen.pdbx_host_org_strain               ? 
_entity_src_gen.pdbx_host_org_variant              ? 
_entity_src_gen.pdbx_host_org_cell_line            ? 
_entity_src_gen.pdbx_host_org_atcc                 ? 
_entity_src_gen.pdbx_host_org_culture_collection   ? 
_entity_src_gen.pdbx_host_org_cell                 ? 
_entity_src_gen.pdbx_host_org_organelle            ? 
_entity_src_gen.pdbx_host_org_cellular_location    ? 
_entity_src_gen.pdbx_host_org_vector_type          ? 
_entity_src_gen.pdbx_host_org_vector               ? 
_entity_src_gen.host_org_details                   ? 
_entity_src_gen.expression_system_id               ? 
_entity_src_gen.plasmid_name                       ? 
_entity_src_gen.plasmid_details                    ? 
_entity_src_gen.pdbx_description                   ? 
# 
_pdbx_entity_src_syn.entity_id              2 
_pdbx_entity_src_syn.pdbx_src_id            1 
_pdbx_entity_src_syn.pdbx_alt_source_flag   sample 
_pdbx_entity_src_syn.pdbx_beg_seq_num       1 
_pdbx_entity_src_syn.pdbx_end_seq_num       8 
_pdbx_entity_src_syn.organism_scientific    'Homo sapiens' 
_pdbx_entity_src_syn.organism_common_name   Human 
_pdbx_entity_src_syn.ncbi_taxonomy_id       9606 
_pdbx_entity_src_syn.details                ? 
# 
loop_
_chem_comp.id 
_chem_comp.type 
_chem_comp.mon_nstd_flag 
_chem_comp.name 
_chem_comp.pdbx_synonyms 
_chem_comp.formula 
_chem_comp.formula_weight 
ALA 'L-peptide linking' y ALANINE         ? 'C3 H7 N O2'     89.093  
ARG 'L-peptide linking' y ARGININE        ? 'C6 H15 N4 O2 1' 175.209 
ASN 'L-peptide linking' y ASPARAGINE      ? 'C4 H8 N2 O3'    132.118 
ASP 'L-peptide linking' y 'ASPARTIC ACID' ? 'C4 H7 N O4'     133.103 
CYS 'L-peptide linking' y CYSTEINE        ? 'C3 H7 N O2 S'   121.158 
GLN 'L-peptide linking' y GLUTAMINE       ? 'C5 H10 N2 O3'   146.144 
GLU 'L-peptide linking' y 'GLUTAMIC ACID' ? 'C5 H9 N O4'     147.129 
GLY 'peptide linking'   y GLYCINE         ? 'C2 H5 N O2'     75.067  
HIS 'L-peptide linking' y HISTIDINE       ? 'C6 H10 N3 O2 1' 156.162 
HOH non-polymer         . WATER           ? 'H2 O'           18.015  
ILE 'L-peptide linking' y ISOLEUCINE      ? 'C6 H13 N O2'    131.173 
LEU 'L-peptide linking' y LEUCINE         ? 'C6 H13 N O2'    131.173 
LYS 'L-peptide linking' y LYSINE          ? 'C6 H15 N2 O2 1' 147.195 
MET 'L-peptide linking' y METHIONINE      ? 'C5 H11 N O2 S'  149.211 
PHE 'L-peptide linking' y PHENYLALANINE   ? 'C9 H11 N O2'    165.189 
PRO 'L-peptide linking' y PROLINE         ? 'C5 H9 N O2'     115.130 
SER 'L-peptide linking' y SERINE          ? 'C3 H7 N O3'     105.093 
THR 'L-peptide linking' y THREONINE       ? 'C4 H9 N O3'     119.119 
TRP 'L-peptide linking' y TRYPTOPHAN      ? 'C11 H12 N2 O2'  204.225 
TYR 'L-peptide linking' y TYROSINE        ? 'C9 H11 N O3'    181.189 
VAL 'L-peptide linking' y VALINE          ? 'C5 H11 N O2'    117.146 
ZN  non-polymer         . 'ZINC ION'      ? 'Zn 2'           65.409  
# 
loop_
_pdbx_poly_seq_scheme.asym_id 
_pdbx_poly_seq_scheme.entity_id 
_pdbx_poly_seq_scheme.seq_id 
_pdbx_poly_seq_scheme.mon_id 
_pdbx_poly_seq_scheme.ndb_seq_num 
_pdbx_poly_seq_scheme.pdb_seq_num 
_pdbx_poly_seq_scheme.auth_seq_num 
_pdbx_poly_seq_scheme.pdb_mon_id 
_pdbx_poly_seq_scheme.auth_mon_id 
_pdbx_poly_seq_scheme.pdb_strand_id 
_pdbx_poly_seq_scheme.pdb_ins_code 
_pdbx_poly_seq_scheme.hetero 
A 1 1  GLY 1  496 ?   ?   ?   A . n 
A 1 2  SER 2  497 ?   ?   ?   A . n 
A 1 3  LEU 3  498 ?   ?   ?   A . n 
A 1 4  ALA 4  499 ?   ?   ?   A . n 
A 1 5  THR 5  500 ?   ?   ?   A . n 
A 1 6  SER 6  501 ?   ?   ?   A . n 
A 1 7  ALA 7  502 ?   ?   ?   A . n 
A 1 8  PRO 8  503 503 PRO PRO A . n 
A 1 9  LEU 9  504 504 LEU LEU A . n 
A 1 10 CYS 10 505 505 CYS CYS A . n 
A 1 11 CYS 11 506 506 CYS CYS A . n 
A 1 12 THR 12 507 507 THR THR A . n 
A 1 13 LEU 13 508 508 LEU LEU A . n 
A 1 14 CYS 14 509 509 CYS CYS A . n 
A 1 15 HIS 15 510 510 HIS HIS A . n 
A 1 16 GLU 16 511 511 GLU GLU A . n 
A 1 17 ARG 17 512 512 ARG ARG A . n 
A 1 18 LEU 18 513 513 LEU LEU A . n 
A 1 19 GLU 19 514 514 GLU GLU A . n 
A 1 20 ASP 20 515 515 ASP ASP A . n 
A 1 21 THR 21 516 516 THR THR A . n 
A 1 22 HIS 22 517 517 HIS HIS A . n 
A 1 23 PHE 23 518 518 PHE PHE A . n 
A 1 24 VAL 24 519 519 VAL VAL A . n 
A 1 25 GLN 25 520 520 GLN GLN A . n 
A 1 26 CYS 26 521 521 CYS CYS A . n 
A 1 27 PRO 27 522 522 PRO PRO A . n 
A 1 28 SER 28 523 523 SER SER A . n 
A 1 29 VAL 29 524 524 VAL VAL A . n 
A 1 30 PRO 30 525 525 PRO PRO A . n 
A 1 31 SER 31 526 526 SER SER A . n 
A 1 32 HIS 32 527 527 HIS HIS A . n 
A 1 33 LYS 33 528 528 LYS LYS A . n 
A 1 34 PHE 34 529 529 PHE PHE A . n 
A 1 35 CYS 35 530 530 CYS CYS A . n 
A 1 36 PHE 36 531 531 PHE PHE A . n 
A 1 37 PRO 37 532 532 PRO PRO A . n 
A 1 38 CYS 38 533 533 CYS CYS A . n 
A 1 39 SER 39 534 534 SER SER A . n 
A 1 40 ARG 40 535 535 ARG ARG A . n 
A 1 41 GLN 41 536 536 GLN GLN A . n 
A 1 42 SER 42 537 537 SER SER A . n 
A 1 43 ILE 43 538 538 ILE ILE A . n 
A 1 44 LYS 44 539 539 LYS LYS A . n 
A 1 45 GLN 45 540 540 GLN GLN A . n 
A 1 46 GLN 46 541 541 GLN GLN A . n 
A 1 47 GLY 47 542 542 GLY GLY A . n 
A 1 48 ALA 48 543 543 ALA ALA A . n 
A 1 49 SER 49 544 544 SER SER A . n 
A 1 50 GLY 50 545 545 GLY GLY A . n 
A 1 51 GLU 51 546 546 GLU GLU A . n 
A 1 52 VAL 52 547 547 VAL VAL A . n 
A 1 53 TYR 53 548 548 TYR TYR A . n 
A 1 54 CYS 54 549 549 CYS CYS A . n 
A 1 55 PRO 55 550 550 PRO PRO A . n 
A 1 56 SER 56 551 551 SER SER A . n 
A 1 57 GLY 57 552 552 GLY GLY A . n 
A 1 58 GLU 58 553 553 GLU GLU A . n 
A 1 59 LYS 59 554 554 LYS LYS A . n 
A 1 60 CYS 60 555 555 CYS CYS A . n 
A 1 61 PRO 61 556 556 PRO PRO A . n 
A 1 62 LEU 62 557 557 LEU LEU A . n 
A 1 63 VAL 63 558 558 VAL VAL A . n 
A 1 64 GLY 64 559 559 GLY GLY A . n 
A 1 65 SER 65 560 560 SER SER A . n 
A 1 66 ASN 66 561 561 ASN ASN A . n 
A 1 67 VAL 67 562 562 VAL VAL A . n 
A 1 68 PRO 68 563 563 PRO PRO A . n 
A 1 69 TRP 69 564 564 TRP TRP A . n 
A 1 70 ALA 70 565 565 ALA ALA A . n 
A 1 71 PHE 71 566 566 PHE PHE A . n 
A 1 72 MET 72 567 567 MET MET A . n 
A 1 73 GLN 73 568 568 GLN GLN A . n 
A 1 74 GLY 74 569 569 GLY GLY A . n 
A 1 75 GLU 75 570 570 GLU GLU A . n 
A 1 76 ILE 76 571 571 ILE ILE A . n 
A 1 77 ALA 77 572 572 ALA ALA A . n 
A 1 78 THR 78 573 573 THR THR A . n 
A 1 79 ILE 79 574 574 ILE ILE A . n 
A 1 80 LEU 80 575 575 LEU LEU A . n 
A 1 81 ALA 81 576 576 ALA ALA A . n 
A 1 82 GLY 82 577 577 GLY GLY A . n 
A 1 83 ASP 83 578 578 ASP ASP A . n 
B 2 1  ARG 1  1   1   ARG ARG B . n 
B 2 2  ALA 2  2   2   ALA ALA B . n 
B 2 3  SER 3  3   3   SER SER B . n 
B 2 4  VAL 4  4   4   VAL VAL B . n 
B 2 5  ILE 5  5   5   ILE ILE B . n 
B 2 6  LYS 6  6   6   LYS LYS B . n 
B 2 7  LYS 7  7   ?   ?   ?   B . n 
B 2 8  THR 8  8   ?   ?   ?   B . n 
# 
_pdbx_entity_instance_feature.ordinal        1 
_pdbx_entity_instance_feature.comp_id        ZN 
_pdbx_entity_instance_feature.asym_id        ? 
_pdbx_entity_instance_feature.seq_num        ? 
_pdbx_entity_instance_feature.auth_comp_id   ZN 
_pdbx_entity_instance_feature.auth_asym_id   ? 
_pdbx_entity_instance_feature.auth_seq_num   ? 
_pdbx_entity_instance_feature.feature_type   'SUBJECT OF INVESTIGATION' 
_pdbx_entity_instance_feature.details        ? 
# 
loop_
_pdbx_nonpoly_scheme.asym_id 
_pdbx_nonpoly_scheme.entity_id 
_pdbx_nonpoly_scheme.mon_id 
_pdbx_nonpoly_scheme.ndb_seq_num 
_pdbx_nonpoly_scheme.pdb_seq_num 
_pdbx_nonpoly_scheme.auth_seq_num 
_pdbx_nonpoly_scheme.pdb_mon_id 
_pdbx_nonpoly_scheme.auth_mon_id 
_pdbx_nonpoly_scheme.pdb_strand_id 
_pdbx_nonpoly_scheme.pdb_ins_code 
C 3 ZN  1   601 1   ZN  ZN  A . 
D 3 ZN  1   602 2   ZN  ZN  A . 
E 3 ZN  1   603 3   ZN  ZN  A . 
F 4 HOH 1   701 143 HOH HOH A . 
F 4 HOH 2   702 132 HOH HOH A . 
F 4 HOH 3   703 126 HOH HOH A . 
F 4 HOH 4   704 151 HOH HOH A . 
F 4 HOH 5   705 69  HOH HOH A . 
F 4 HOH 6   706 110 HOH HOH A . 
F 4 HOH 7   707 95  HOH HOH A . 
F 4 HOH 8   708 59  HOH HOH A . 
F 4 HOH 9   709 27  HOH HOH A . 
F 4 HOH 10  710 65  HOH HOH A . 
F 4 HOH 11  711 42  HOH HOH A . 
F 4 HOH 12  712 33  HOH HOH A . 
F 4 HOH 13  713 46  HOH HOH A . 
F 4 HOH 14  714 92  HOH HOH A . 
F 4 HOH 15  715 103 HOH HOH A . 
F 4 HOH 16  716 5   HOH HOH A . 
F 4 HOH 17  717 23  HOH HOH A . 
F 4 HOH 18  718 16  HOH HOH A . 
F 4 HOH 19  719 97  HOH HOH A . 
F 4 HOH 20  720 7   HOH HOH A . 
F 4 HOH 21  721 74  HOH HOH A . 
F 4 HOH 22  722 88  HOH HOH A . 
F 4 HOH 23  723 35  HOH HOH A . 
F 4 HOH 24  724 100 HOH HOH A . 
F 4 HOH 25  725 119 HOH HOH A . 
F 4 HOH 26  726 114 HOH HOH A . 
F 4 HOH 27  727 24  HOH HOH A . 
F 4 HOH 28  728 75  HOH HOH A . 
F 4 HOH 29  729 152 HOH HOH A . 
F 4 HOH 30  730 2   HOH HOH A . 
F 4 HOH 31  731 149 HOH HOH A . 
F 4 HOH 32  732 120 HOH HOH A . 
F 4 HOH 33  733 41  HOH HOH A . 
F 4 HOH 34  734 1   HOH HOH A . 
F 4 HOH 35  735 62  HOH HOH A . 
F 4 HOH 36  736 29  HOH HOH A . 
F 4 HOH 37  737 93  HOH HOH A . 
F 4 HOH 38  738 47  HOH HOH A . 
F 4 HOH 39  739 137 HOH HOH A . 
F 4 HOH 40  740 51  HOH HOH A . 
F 4 HOH 41  741 15  HOH HOH A . 
F 4 HOH 42  742 66  HOH HOH A . 
F 4 HOH 43  743 86  HOH HOH A . 
F 4 HOH 44  744 70  HOH HOH A . 
F 4 HOH 45  745 6   HOH HOH A . 
F 4 HOH 46  746 4   HOH HOH A . 
F 4 HOH 47  747 30  HOH HOH A . 
F 4 HOH 48  748 123 HOH HOH A . 
F 4 HOH 49  749 8   HOH HOH A . 
F 4 HOH 50  750 79  HOH HOH A . 
F 4 HOH 51  751 142 HOH HOH A . 
F 4 HOH 52  752 45  HOH HOH A . 
F 4 HOH 53  753 25  HOH HOH A . 
F 4 HOH 54  754 131 HOH HOH A . 
F 4 HOH 55  755 11  HOH HOH A . 
F 4 HOH 56  756 9   HOH HOH A . 
F 4 HOH 57  757 53  HOH HOH A . 
F 4 HOH 58  758 63  HOH HOH A . 
F 4 HOH 59  759 91  HOH HOH A . 
F 4 HOH 60  760 128 HOH HOH A . 
F 4 HOH 61  761 18  HOH HOH A . 
F 4 HOH 62  762 10  HOH HOH A . 
F 4 HOH 63  763 116 HOH HOH A . 
F 4 HOH 64  764 28  HOH HOH A . 
F 4 HOH 65  765 14  HOH HOH A . 
F 4 HOH 66  766 13  HOH HOH A . 
F 4 HOH 67  767 87  HOH HOH A . 
F 4 HOH 68  768 89  HOH HOH A . 
F 4 HOH 69  769 57  HOH HOH A . 
F 4 HOH 70  770 36  HOH HOH A . 
F 4 HOH 71  771 73  HOH HOH A . 
F 4 HOH 72  772 54  HOH HOH A . 
F 4 HOH 73  773 113 HOH HOH A . 
F 4 HOH 74  774 12  HOH HOH A . 
F 4 HOH 75  775 22  HOH HOH A . 
F 4 HOH 76  776 104 HOH HOH A . 
F 4 HOH 77  777 109 HOH HOH A . 
F 4 HOH 78  778 44  HOH HOH A . 
F 4 HOH 79  779 49  HOH HOH A . 
F 4 HOH 80  780 94  HOH HOH A . 
F 4 HOH 81  781 21  HOH HOH A . 
F 4 HOH 82  782 34  HOH HOH A . 
F 4 HOH 83  783 127 HOH HOH A . 
F 4 HOH 84  784 156 HOH HOH A . 
F 4 HOH 85  785 90  HOH HOH A . 
F 4 HOH 86  786 101 HOH HOH A . 
F 4 HOH 87  787 107 HOH HOH A . 
F 4 HOH 88  788 56  HOH HOH A . 
F 4 HOH 89  789 96  HOH HOH A . 
F 4 HOH 90  790 78  HOH HOH A . 
F 4 HOH 91  791 71  HOH HOH A . 
F 4 HOH 92  792 48  HOH HOH A . 
F 4 HOH 93  793 146 HOH HOH A . 
F 4 HOH 94  794 52  HOH HOH A . 
F 4 HOH 95  795 80  HOH HOH A . 
F 4 HOH 96  796 147 HOH HOH A . 
F 4 HOH 97  797 115 HOH HOH A . 
F 4 HOH 98  798 98  HOH HOH A . 
F 4 HOH 99  799 37  HOH HOH A . 
F 4 HOH 100 800 83  HOH HOH A . 
F 4 HOH 101 801 118 HOH HOH A . 
F 4 HOH 102 802 133 HOH HOH A . 
F 4 HOH 103 803 106 HOH HOH A . 
F 4 HOH 104 804 60  HOH HOH A . 
F 4 HOH 105 805 111 HOH HOH A . 
F 4 HOH 106 806 125 HOH HOH A . 
F 4 HOH 107 807 72  HOH HOH A . 
F 4 HOH 108 808 155 HOH HOH A . 
F 4 HOH 109 809 81  HOH HOH A . 
F 4 HOH 110 810 58  HOH HOH A . 
F 4 HOH 111 811 108 HOH HOH A . 
F 4 HOH 112 812 148 HOH HOH A . 
F 4 HOH 113 813 40  HOH HOH A . 
F 4 HOH 114 814 144 HOH HOH A . 
F 4 HOH 115 815 32  HOH HOH A . 
F 4 HOH 116 816 121 HOH HOH A . 
F 4 HOH 117 817 26  HOH HOH A . 
F 4 HOH 118 818 99  HOH HOH A . 
F 4 HOH 119 819 31  HOH HOH A . 
F 4 HOH 120 820 105 HOH HOH A . 
F 4 HOH 121 821 39  HOH HOH A . 
F 4 HOH 122 822 112 HOH HOH A . 
F 4 HOH 123 823 141 HOH HOH A . 
F 4 HOH 124 824 61  HOH HOH A . 
F 4 HOH 125 825 82  HOH HOH A . 
F 4 HOH 126 826 139 HOH HOH A . 
F 4 HOH 127 827 77  HOH HOH A . 
F 4 HOH 128 828 117 HOH HOH A . 
F 4 HOH 129 829 102 HOH HOH A . 
F 4 HOH 130 830 50  HOH HOH A . 
F 4 HOH 131 831 157 HOH HOH A . 
F 4 HOH 132 832 153 HOH HOH A . 
F 4 HOH 133 833 55  HOH HOH A . 
F 4 HOH 134 834 158 HOH HOH A . 
F 4 HOH 135 835 76  HOH HOH A . 
F 4 HOH 136 836 67  HOH HOH A . 
F 4 HOH 137 837 84  HOH HOH A . 
F 4 HOH 138 838 135 HOH HOH A . 
F 4 HOH 139 839 68  HOH HOH A . 
F 4 HOH 140 840 154 HOH HOH A . 
F 4 HOH 141 841 124 HOH HOH A . 
F 4 HOH 142 842 134 HOH HOH A . 
F 4 HOH 143 843 130 HOH HOH A . 
G 4 HOH 1   101 122 HOH HOH B . 
G 4 HOH 2   102 43  HOH HOH B . 
G 4 HOH 3   103 3   HOH HOH B . 
G 4 HOH 4   104 64  HOH HOH B . 
G 4 HOH 5   105 38  HOH HOH B . 
G 4 HOH 6   106 20  HOH HOH B . 
G 4 HOH 7   107 150 HOH HOH B . 
G 4 HOH 8   108 17  HOH HOH B . 
G 4 HOH 9   109 85  HOH HOH B . 
G 4 HOH 10  110 138 HOH HOH B . 
G 4 HOH 11  111 145 HOH HOH B . 
G 4 HOH 12  112 140 HOH HOH B . 
G 4 HOH 13  113 129 HOH HOH B . 
G 4 HOH 14  114 136 HOH HOH B . 
G 4 HOH 15  115 19  HOH HOH B . 
# 
loop_
_software.citation_id 
_software.classification 
_software.compiler_name 
_software.compiler_version 
_software.contact_author 
_software.contact_author_email 
_software.date 
_software.description 
_software.dependencies 
_software.hardware 
_software.language 
_software.location 
_software.mods 
_software.name 
_software.os 
_software.os_version 
_software.type 
_software.version 
_software.pdbx_ordinal 
? refinement       ? ? ? ? ? ? ? ? ? ? ? PHENIX ? ? ? '(1.20.1_4487: ???)' 1 
? 'data scaling'   ? ? ? ? ? ? ? ? ? ? ? DIALS  ? ? ? .                    2 
? 'data reduction' ? ? ? ? ? ? ? ? ? ? ? DIALS  ? ? ? .                    3 
? phasing          ? ? ? ? ? ? ? ? ? ? ? PHENIX ? ? ? .                    4 
# 
_cell.angle_alpha                  90.00 
_cell.angle_alpha_esd              ? 
_cell.angle_beta                   108.21 
_cell.angle_beta_esd               ? 
_cell.angle_gamma                  90.00 
_cell.angle_gamma_esd              ? 
_cell.entry_id                     8YTG 
_cell.details                      ? 
_cell.formula_units_Z              ? 
_cell.length_a                     26.733 
_cell.length_a_esd                 ? 
_cell.length_b                     39.868 
_cell.length_b_esd                 ? 
_cell.length_c                     36.247 
_cell.length_c_esd                 ? 
_cell.volume                       ? 
_cell.volume_esd                   ? 
_cell.Z_PDB                        2 
_cell.reciprocal_angle_alpha       ? 
_cell.reciprocal_angle_beta        ? 
_cell.reciprocal_angle_gamma       ? 
_cell.reciprocal_angle_alpha_esd   ? 
_cell.reciprocal_angle_beta_esd    ? 
_cell.reciprocal_angle_gamma_esd   ? 
_cell.reciprocal_length_a          ? 
_cell.reciprocal_length_b          ? 
_cell.reciprocal_length_c          ? 
_cell.reciprocal_length_a_esd      ? 
_cell.reciprocal_length_b_esd      ? 
_cell.reciprocal_length_c_esd      ? 
_cell.pdbx_unique_axis             ? 
_cell.pdbx_esd_method              ? 
# 
_symmetry.entry_id                         8YTG 
_symmetry.cell_setting                     ? 
_symmetry.Int_Tables_number                4 
_symmetry.space_group_name_Hall            ? 
_symmetry.space_group_name_H-M             'P 1 21 1' 
_symmetry.pdbx_full_space_group_name_H-M   ? 
# 
_exptl.absorpt_coefficient_mu     ? 
_exptl.absorpt_correction_T_max   ? 
_exptl.absorpt_correction_T_min   ? 
_exptl.absorpt_correction_type    ? 
_exptl.absorpt_process_details    ? 
_exptl.entry_id                   8YTG 
_exptl.crystals_number            1 
_exptl.details                    ? 
_exptl.method                     'X-RAY DIFFRACTION' 
_exptl.method_details             ? 
# 
_exptl_crystal.colour                       ? 
_exptl_crystal.density_diffrn               ? 
_exptl_crystal.density_Matthews             1.88 
_exptl_crystal.density_method               ? 
_exptl_crystal.density_percent_sol          34.49 
_exptl_crystal.description                  ? 
_exptl_crystal.F_000                        ? 
_exptl_crystal.id                           1 
_exptl_crystal.preparation                  ? 
_exptl_crystal.size_max                     ? 
_exptl_crystal.size_mid                     ? 
_exptl_crystal.size_min                     ? 
_exptl_crystal.size_rad                     ? 
_exptl_crystal.colour_lustre                ? 
_exptl_crystal.colour_modifier              ? 
_exptl_crystal.colour_primary               ? 
_exptl_crystal.density_meas                 ? 
_exptl_crystal.density_meas_esd             ? 
_exptl_crystal.density_meas_gt              ? 
_exptl_crystal.density_meas_lt              ? 
_exptl_crystal.density_meas_temp            ? 
_exptl_crystal.density_meas_temp_esd        ? 
_exptl_crystal.density_meas_temp_gt         ? 
_exptl_crystal.density_meas_temp_lt         ? 
_exptl_crystal.pdbx_crystal_image_url       ? 
_exptl_crystal.pdbx_crystal_image_format    ? 
_exptl_crystal.pdbx_mosaicity               ? 
_exptl_crystal.pdbx_mosaicity_esd           ? 
_exptl_crystal.pdbx_mosaic_method           ? 
_exptl_crystal.pdbx_mosaic_block_size       ? 
_exptl_crystal.pdbx_mosaic_block_size_esd   ? 
# 
_exptl_crystal_grow.apparatus       ? 
_exptl_crystal_grow.atmosphere      ? 
_exptl_crystal_grow.crystal_id      1 
_exptl_crystal_grow.details         ? 
_exptl_crystal_grow.method          'VAPOR DIFFUSION, HANGING DROP' 
_exptl_crystal_grow.method_ref      ? 
_exptl_crystal_grow.pH              ? 
_exptl_crystal_grow.pressure        ? 
_exptl_crystal_grow.pressure_esd    ? 
_exptl_crystal_grow.seeding         ? 
_exptl_crystal_grow.seeding_ref     ? 
_exptl_crystal_grow.temp_details    ? 
_exptl_crystal_grow.temp_esd        ? 
_exptl_crystal_grow.time            ? 
_exptl_crystal_grow.pdbx_details    '2.5 M ammonium sulfate and 0.1 M sodium acetate (pH 4.6)' 
_exptl_crystal_grow.pdbx_pH_range   ? 
_exptl_crystal_grow.temp            293 
# 
_diffrn.ambient_environment              ? 
_diffrn.ambient_temp                     100 
_diffrn.ambient_temp_details             ? 
_diffrn.ambient_temp_esd                 ? 
_diffrn.crystal_id                       1 
_diffrn.crystal_support                  ? 
_diffrn.crystal_treatment                ? 
_diffrn.details                          ? 
_diffrn.id                               1 
_diffrn.ambient_pressure                 ? 
_diffrn.ambient_pressure_esd             ? 
_diffrn.ambient_pressure_gt              ? 
_diffrn.ambient_pressure_lt              ? 
_diffrn.ambient_temp_gt                  ? 
_diffrn.ambient_temp_lt                  ? 
_diffrn.pdbx_serial_crystal_experiment   N 
# 
_diffrn_detector.details                      ? 
_diffrn_detector.detector                     PIXEL 
_diffrn_detector.diffrn_id                    1 
_diffrn_detector.type                         'DECTRIS PILATUS3 6M' 
_diffrn_detector.area_resol_mean              ? 
_diffrn_detector.dtime                        ? 
_diffrn_detector.pdbx_frames_total            ? 
_diffrn_detector.pdbx_collection_time_total   ? 
_diffrn_detector.pdbx_collection_date         2023-11-12 
_diffrn_detector.pdbx_frequency               ? 
_diffrn_detector.id                           ? 
_diffrn_detector.number_of_axes               ? 
# 
_diffrn_radiation.collimation                      ? 
_diffrn_radiation.diffrn_id                        1 
_diffrn_radiation.filter_edge                      ? 
_diffrn_radiation.inhomogeneity                    ? 
_diffrn_radiation.monochromator                    ? 
_diffrn_radiation.polarisn_norm                    ? 
_diffrn_radiation.polarisn_ratio                   ? 
_diffrn_radiation.probe                            ? 
_diffrn_radiation.type                             ? 
_diffrn_radiation.xray_symbol                      ? 
_diffrn_radiation.wavelength_id                    1 
_diffrn_radiation.pdbx_monochromatic_or_laue_m_l   M 
_diffrn_radiation.pdbx_wavelength_list             ? 
_diffrn_radiation.pdbx_wavelength                  ? 
_diffrn_radiation.pdbx_diffrn_protocol             'SINGLE WAVELENGTH' 
_diffrn_radiation.pdbx_analyzer                    ? 
_diffrn_radiation.pdbx_scattering_type             x-ray 
# 
_diffrn_radiation_wavelength.id           1 
_diffrn_radiation_wavelength.wavelength   0.9786 
_diffrn_radiation_wavelength.wt           1.0 
# 
_diffrn_source.current                     ? 
_diffrn_source.details                     ? 
_diffrn_source.diffrn_id                   1 
_diffrn_source.power                       ? 
_diffrn_source.size                        ? 
_diffrn_source.source                      SYNCHROTRON 
_diffrn_source.target                      ? 
_diffrn_source.type                        'SSRF BEAMLINE BL19U1' 
_diffrn_source.voltage                     ? 
_diffrn_source.take-off_angle              ? 
_diffrn_source.pdbx_wavelength_list        0.9786 
_diffrn_source.pdbx_wavelength             ? 
_diffrn_source.pdbx_synchrotron_beamline   BL19U1 
_diffrn_source.pdbx_synchrotron_site       SSRF 
# 
_reflns.B_iso_Wilson_estimate                          ? 
_reflns.entry_id                                       8YTG 
_reflns.data_reduction_details                         ? 
_reflns.data_reduction_method                          ? 
_reflns.d_resolution_high                              1.45 
_reflns.d_resolution_low                               39.87 
_reflns.details                                        ? 
_reflns.limit_h_max                                    ? 
_reflns.limit_h_min                                    ? 
_reflns.limit_k_max                                    ? 
_reflns.limit_k_min                                    ? 
_reflns.limit_l_max                                    ? 
_reflns.limit_l_min                                    ? 
_reflns.number_all                                     ? 
_reflns.number_obs                                     12812 
_reflns.observed_criterion                             ? 
_reflns.observed_criterion_F_max                       ? 
_reflns.observed_criterion_F_min                       ? 
_reflns.observed_criterion_I_max                       ? 
_reflns.observed_criterion_I_min                       ? 
_reflns.observed_criterion_sigma_F                     ? 
_reflns.observed_criterion_sigma_I                     ? 
_reflns.percent_possible_obs                           98.9 
_reflns.R_free_details                                 ? 
_reflns.Rmerge_F_all                                   ? 
_reflns.Rmerge_F_obs                                   ? 
_reflns.Friedel_coverage                               ? 
_reflns.number_gt                                      ? 
_reflns.threshold_expression                           ? 
_reflns.pdbx_redundancy                                5.8 
_reflns.pdbx_netI_over_av_sigmaI                       ? 
_reflns.pdbx_netI_over_sigmaI                          10.3 
_reflns.pdbx_res_netI_over_av_sigmaI_2                 ? 
_reflns.pdbx_res_netI_over_sigmaI_2                    ? 
_reflns.pdbx_chi_squared                               ? 
_reflns.pdbx_scaling_rejects                           ? 
_reflns.pdbx_d_res_high_opt                            ? 
_reflns.pdbx_d_res_low_opt                             ? 
_reflns.pdbx_d_res_opt_method                          ? 
_reflns.phase_calculation_details                      ? 
_reflns.pdbx_Rrim_I_all                                ? 
_reflns.pdbx_Rpim_I_all                                ? 
_reflns.pdbx_d_opt                                     ? 
_reflns.pdbx_number_measured_all                       ? 
_reflns.pdbx_diffrn_id                                 1 
_reflns.pdbx_ordinal                                   1 
_reflns.pdbx_CC_half                                   ? 
_reflns.pdbx_CC_star                                   ? 
_reflns.pdbx_R_split                                   ? 
_reflns.pdbx_Rmerge_I_obs                              0.163 
_reflns.pdbx_Rmerge_I_all                              ? 
_reflns.pdbx_Rsym_value                                ? 
_reflns.pdbx_CC_split_method                           ? 
_reflns.pdbx_aniso_diffraction_limit_axis_1_ortho[1]   ? 
_reflns.pdbx_aniso_diffraction_limit_axis_1_ortho[2]   ? 
_reflns.pdbx_aniso_diffraction_limit_axis_1_ortho[3]   ? 
_reflns.pdbx_aniso_diffraction_limit_axis_2_ortho[1]   ? 
_reflns.pdbx_aniso_diffraction_limit_axis_2_ortho[2]   ? 
_reflns.pdbx_aniso_diffraction_limit_axis_2_ortho[3]   ? 
_reflns.pdbx_aniso_diffraction_limit_axis_3_ortho[1]   ? 
_reflns.pdbx_aniso_diffraction_limit_axis_3_ortho[2]   ? 
_reflns.pdbx_aniso_diffraction_limit_axis_3_ortho[3]   ? 
_reflns.pdbx_aniso_diffraction_limit_1                 ? 
_reflns.pdbx_aniso_diffraction_limit_2                 ? 
_reflns.pdbx_aniso_diffraction_limit_3                 ? 
_reflns.pdbx_aniso_B_tensor_eigenvector_1_ortho[1]     ? 
_reflns.pdbx_aniso_B_tensor_eigenvector_1_ortho[2]     ? 
_reflns.pdbx_aniso_B_tensor_eigenvector_1_ortho[3]     ? 
_reflns.pdbx_aniso_B_tensor_eigenvector_2_ortho[1]     ? 
_reflns.pdbx_aniso_B_tensor_eigenvector_2_ortho[2]     ? 
_reflns.pdbx_aniso_B_tensor_eigenvector_2_ortho[3]     ? 
_reflns.pdbx_aniso_B_tensor_eigenvector_3_ortho[1]     ? 
_reflns.pdbx_aniso_B_tensor_eigenvector_3_ortho[2]     ? 
_reflns.pdbx_aniso_B_tensor_eigenvector_3_ortho[3]     ? 
_reflns.pdbx_aniso_B_tensor_eigenvalue_1               ? 
_reflns.pdbx_aniso_B_tensor_eigenvalue_2               ? 
_reflns.pdbx_aniso_B_tensor_eigenvalue_3               ? 
_reflns.pdbx_orthogonalization_convention              ? 
_reflns.pdbx_percent_possible_ellipsoidal              ? 
_reflns.pdbx_percent_possible_spherical                ? 
_reflns.pdbx_percent_possible_ellipsoidal_anomalous    ? 
_reflns.pdbx_percent_possible_spherical_anomalous      ? 
_reflns.pdbx_redundancy_anomalous                      ? 
_reflns.pdbx_CC_half_anomalous                         ? 
_reflns.pdbx_absDiff_over_sigma_anomalous              ? 
_reflns.pdbx_percent_possible_anomalous                ? 
_reflns.pdbx_observed_signal_threshold                 ? 
_reflns.pdbx_signal_type                               ? 
_reflns.pdbx_signal_details                            ? 
_reflns.pdbx_signal_software_id                        ? 
# 
_reflns_shell.d_res_high                                    1.45 
_reflns_shell.d_res_low                                     1.5 
_reflns_shell.meanI_over_sigI_all                           ? 
_reflns_shell.meanI_over_sigI_obs                           1.8 
_reflns_shell.number_measured_all                           ? 
_reflns_shell.number_measured_obs                           ? 
_reflns_shell.number_possible                               ? 
_reflns_shell.number_unique_all                             ? 
_reflns_shell.number_unique_obs                             1270 
_reflns_shell.percent_possible_obs                          ? 
_reflns_shell.Rmerge_F_all                                  ? 
_reflns_shell.Rmerge_F_obs                                  ? 
_reflns_shell.meanI_over_sigI_gt                            ? 
_reflns_shell.meanI_over_uI_all                             ? 
_reflns_shell.meanI_over_uI_gt                              ? 
_reflns_shell.number_measured_gt                            ? 
_reflns_shell.number_unique_gt                              ? 
_reflns_shell.percent_possible_gt                           ? 
_reflns_shell.Rmerge_F_gt                                   ? 
_reflns_shell.Rmerge_I_gt                                   ? 
_reflns_shell.pdbx_redundancy                               ? 
_reflns_shell.pdbx_chi_squared                              ? 
_reflns_shell.pdbx_netI_over_sigmaI_all                     ? 
_reflns_shell.pdbx_netI_over_sigmaI_obs                     ? 
_reflns_shell.pdbx_Rrim_I_all                               ? 
_reflns_shell.pdbx_Rpim_I_all                               ? 
_reflns_shell.pdbx_rejects                                  ? 
_reflns_shell.pdbx_ordinal                                  1 
_reflns_shell.pdbx_diffrn_id                                1 
_reflns_shell.pdbx_CC_half                                  ? 
_reflns_shell.pdbx_CC_star                                  ? 
_reflns_shell.pdbx_R_split                                  ? 
_reflns_shell.percent_possible_all                          ? 
_reflns_shell.Rmerge_I_all                                  ? 
_reflns_shell.Rmerge_I_obs                                  0.406 
_reflns_shell.pdbx_Rsym_value                               ? 
_reflns_shell.pdbx_percent_possible_ellipsoidal             ? 
_reflns_shell.pdbx_percent_possible_spherical               ? 
_reflns_shell.pdbx_percent_possible_ellipsoidal_anomalous   ? 
_reflns_shell.pdbx_percent_possible_spherical_anomalous     ? 
_reflns_shell.pdbx_redundancy_anomalous                     ? 
_reflns_shell.pdbx_CC_half_anomalous                        ? 
_reflns_shell.pdbx_absDiff_over_sigma_anomalous             ? 
_reflns_shell.pdbx_percent_possible_anomalous               ? 
# 
_refine.aniso_B[1][1]                            ? 
_refine.aniso_B[1][2]                            ? 
_refine.aniso_B[1][3]                            ? 
_refine.aniso_B[2][2]                            ? 
_refine.aniso_B[2][3]                            ? 
_refine.aniso_B[3][3]                            ? 
_refine.B_iso_max                                ? 
_refine.B_iso_mean                               ? 
_refine.B_iso_min                                ? 
_refine.correlation_coeff_Fo_to_Fc               ? 
_refine.correlation_coeff_Fo_to_Fc_free          ? 
_refine.details                                  ? 
_refine.diff_density_max                         ? 
_refine.diff_density_max_esd                     ? 
_refine.diff_density_min                         ? 
_refine.diff_density_min_esd                     ? 
_refine.diff_density_rms                         ? 
_refine.diff_density_rms_esd                     ? 
_refine.entry_id                                 8YTG 
_refine.pdbx_refine_id                           'X-RAY DIFFRACTION' 
_refine.ls_abs_structure_details                 ? 
_refine.ls_abs_structure_Flack                   ? 
_refine.ls_abs_structure_Flack_esd               ? 
_refine.ls_abs_structure_Rogers                  ? 
_refine.ls_abs_structure_Rogers_esd              ? 
_refine.ls_d_res_high                            1.45 
_refine.ls_d_res_low                             34.43 
_refine.ls_extinction_coef                       ? 
_refine.ls_extinction_coef_esd                   ? 
_refine.ls_extinction_expression                 ? 
_refine.ls_extinction_method                     ? 
_refine.ls_goodness_of_fit_all                   ? 
_refine.ls_goodness_of_fit_all_esd               ? 
_refine.ls_goodness_of_fit_obs                   ? 
_refine.ls_goodness_of_fit_obs_esd               ? 
_refine.ls_hydrogen_treatment                    ? 
_refine.ls_matrix_type                           ? 
_refine.ls_number_constraints                    ? 
_refine.ls_number_parameters                     ? 
_refine.ls_number_reflns_all                     ? 
_refine.ls_number_reflns_obs                     12782 
_refine.ls_number_reflns_R_free                  625 
_refine.ls_number_reflns_R_work                  ? 
_refine.ls_number_restraints                     ? 
_refine.ls_percent_reflns_obs                    98.77 
_refine.ls_percent_reflns_R_free                 4.89 
_refine.ls_R_factor_all                          ? 
_refine.ls_R_factor_obs                          0.1661 
_refine.ls_R_factor_R_free                       0.1887 
_refine.ls_R_factor_R_free_error                 ? 
_refine.ls_R_factor_R_free_error_details         ? 
_refine.ls_R_factor_R_work                       0.1649 
_refine.ls_R_Fsqd_factor_obs                     ? 
_refine.ls_R_I_factor_obs                        ? 
_refine.ls_redundancy_reflns_all                 ? 
_refine.ls_redundancy_reflns_obs                 ? 
_refine.ls_restrained_S_all                      ? 
_refine.ls_restrained_S_obs                      ? 
_refine.ls_shift_over_esd_max                    ? 
_refine.ls_shift_over_esd_mean                   ? 
_refine.ls_structure_factor_coef                 ? 
_refine.ls_weighting_details                     ? 
_refine.ls_weighting_scheme                      ? 
_refine.ls_wR_factor_all                         ? 
_refine.ls_wR_factor_obs                         ? 
_refine.ls_wR_factor_R_free                      ? 
_refine.ls_wR_factor_R_work                      ? 
_refine.occupancy_max                            ? 
_refine.occupancy_min                            ? 
_refine.solvent_model_details                    'FLAT BULK SOLVENT MODEL' 
_refine.solvent_model_param_bsol                 ? 
_refine.solvent_model_param_ksol                 ? 
_refine.pdbx_R_complete                          ? 
_refine.ls_R_factor_gt                           ? 
_refine.ls_goodness_of_fit_gt                    ? 
_refine.ls_goodness_of_fit_ref                   ? 
_refine.ls_shift_over_su_max                     ? 
_refine.ls_shift_over_su_max_lt                  ? 
_refine.ls_shift_over_su_mean                    ? 
_refine.ls_shift_over_su_mean_lt                 ? 
_refine.pdbx_ls_sigma_I                          ? 
_refine.pdbx_ls_sigma_F                          1.36 
_refine.pdbx_ls_sigma_Fsqd                       ? 
_refine.pdbx_data_cutoff_high_absF               ? 
_refine.pdbx_data_cutoff_high_rms_absF           ? 
_refine.pdbx_data_cutoff_low_absF                ? 
_refine.pdbx_isotropic_thermal_model             ? 
_refine.pdbx_ls_cross_valid_method               'FREE R-VALUE' 
_refine.pdbx_method_to_determine_struct          'MOLECULAR REPLACEMENT' 
_refine.pdbx_starting_model                      ? 
_refine.pdbx_stereochemistry_target_values       ML 
_refine.pdbx_R_Free_selection_details            ? 
_refine.pdbx_stereochem_target_val_spec_case     ? 
_refine.pdbx_overall_ESU_R                       ? 
_refine.pdbx_overall_ESU_R_Free                  ? 
_refine.pdbx_solvent_vdw_probe_radii             1.10 
_refine.pdbx_solvent_ion_probe_radii             ? 
_refine.pdbx_solvent_shrinkage_radii             0.90 
_refine.pdbx_real_space_R                        ? 
_refine.pdbx_density_correlation                 ? 
_refine.pdbx_pd_number_of_powder_patterns        ? 
_refine.pdbx_pd_number_of_points                 ? 
_refine.pdbx_pd_meas_number_of_points            ? 
_refine.pdbx_pd_proc_ls_prof_R_factor            ? 
_refine.pdbx_pd_proc_ls_prof_wR_factor           ? 
_refine.pdbx_pd_Marquardt_correlation_coeff      ? 
_refine.pdbx_pd_Fsqrd_R_factor                   ? 
_refine.pdbx_pd_ls_matrix_band_width             ? 
_refine.pdbx_overall_phase_error                 17.61 
_refine.pdbx_overall_SU_R_free_Cruickshank_DPI   ? 
_refine.pdbx_overall_SU_R_free_Blow_DPI          ? 
_refine.pdbx_overall_SU_R_Blow_DPI               ? 
_refine.pdbx_TLS_residual_ADP_flag               ? 
_refine.pdbx_diffrn_id                           1 
_refine.overall_SU_B                             ? 
_refine.overall_SU_ML                            0.11 
_refine.overall_SU_R_Cruickshank_DPI             ? 
_refine.overall_SU_R_free                        ? 
_refine.overall_FOM_free_R_set                   ? 
_refine.overall_FOM_work_R_set                   ? 
_refine.pdbx_average_fsc_overall                 ? 
_refine.pdbx_average_fsc_work                    ? 
_refine.pdbx_average_fsc_free                    ? 
# 
_refine_hist.pdbx_refine_id                   'X-RAY DIFFRACTION' 
_refine_hist.cycle_id                         LAST 
_refine_hist.details                          ? 
_refine_hist.d_res_high                       1.45 
_refine_hist.d_res_low                        34.43 
_refine_hist.number_atoms_solvent             158 
_refine_hist.number_atoms_total               782 
_refine_hist.number_reflns_all                ? 
_refine_hist.number_reflns_obs                ? 
_refine_hist.number_reflns_R_free             ? 
_refine_hist.number_reflns_R_work             ? 
_refine_hist.R_factor_all                     ? 
_refine_hist.R_factor_obs                     ? 
_refine_hist.R_factor_R_free                  ? 
_refine_hist.R_factor_R_work                  ? 
_refine_hist.pdbx_number_residues_total       ? 
_refine_hist.pdbx_B_iso_mean_ligand           ? 
_refine_hist.pdbx_B_iso_mean_solvent          ? 
_refine_hist.pdbx_number_atoms_protein        621 
_refine_hist.pdbx_number_atoms_nucleic_acid   0 
_refine_hist.pdbx_number_atoms_ligand         3 
_refine_hist.pdbx_number_atoms_lipid          ? 
_refine_hist.pdbx_number_atoms_carb           ? 
_refine_hist.pdbx_pseudo_atom_details         ? 
# 
loop_
_refine_ls_restr.pdbx_refine_id 
_refine_ls_restr.criterion 
_refine_ls_restr.dev_ideal 
_refine_ls_restr.dev_ideal_target 
_refine_ls_restr.number 
_refine_ls_restr.rejects 
_refine_ls_restr.type 
_refine_ls_restr.weight 
_refine_ls_restr.pdbx_restraint_function 
'X-RAY DIFFRACTION' ? 0.006 ? 636 ? f_bond_d           ? ? 
'X-RAY DIFFRACTION' ? 0.873 ? 860 ? f_angle_d          ? ? 
'X-RAY DIFFRACTION' ? 5.311 ? 85  ? f_dihedral_angle_d ? ? 
'X-RAY DIFFRACTION' ? 0.093 ? 94  ? f_chiral_restr     ? ? 
'X-RAY DIFFRACTION' ? 0.010 ? 112 ? f_plane_restr      ? ? 
# 
loop_
_refine_ls_shell.pdbx_refine_id 
_refine_ls_shell.d_res_high 
_refine_ls_shell.d_res_low 
_refine_ls_shell.number_reflns_all 
_refine_ls_shell.number_reflns_obs 
_refine_ls_shell.number_reflns_R_free 
_refine_ls_shell.number_reflns_R_work 
_refine_ls_shell.percent_reflns_obs 
_refine_ls_shell.percent_reflns_R_free 
_refine_ls_shell.R_factor_all 
_refine_ls_shell.R_factor_obs 
_refine_ls_shell.R_factor_R_free_error 
_refine_ls_shell.R_factor_R_work 
_refine_ls_shell.redundancy_reflns_all 
_refine_ls_shell.redundancy_reflns_obs 
_refine_ls_shell.wR_factor_all 
_refine_ls_shell.wR_factor_obs 
_refine_ls_shell.wR_factor_R_free 
_refine_ls_shell.wR_factor_R_work 
_refine_ls_shell.pdbx_R_complete 
_refine_ls_shell.pdbx_total_number_of_bins_used 
_refine_ls_shell.pdbx_phase_error 
_refine_ls_shell.pdbx_fsc_work 
_refine_ls_shell.pdbx_fsc_free 
_refine_ls_shell.R_factor_R_free 
'X-RAY DIFFRACTION' 1.45 1.60  . . 170 3010 99.00  . . . . 0.1703 . . . . . . . . . . . 0.2007 
'X-RAY DIFFRACTION' 1.60 1.83  . . 163 3035 100.00 . . . . 0.1516 . . . . . . . . . . . 0.1755 
'X-RAY DIFFRACTION' 1.83 2.30  . . 151 3059 99.00  . . . . 0.1660 . . . . . . . . . . . 0.1976 
'X-RAY DIFFRACTION' 2.30 34.43 . . 141 3053 97.00  . . . . 0.1677 . . . . . . . . . . . 0.1842 
# 
_struct.entry_id                     8YTG 
_struct.title                        'Crystal structures of human IRF2BP2 RING domain in complex with IRF2 peptide' 
_struct.pdbx_model_details           ? 
_struct.pdbx_formula_weight          ? 
_struct.pdbx_formula_weight_method   ? 
_struct.pdbx_model_type_details      ? 
_struct.pdbx_CASP_flag               N 
# 
_struct_keywords.entry_id        8YTG 
_struct_keywords.text            'IRF2BP2, RING domain, IRF2, TRANSCRIPTION' 
_struct_keywords.pdbx_keywords   TRANSCRIPTION 
# 
loop_
_struct_asym.id 
_struct_asym.pdbx_blank_PDB_chainid_flag 
_struct_asym.pdbx_modified 
_struct_asym.entity_id 
_struct_asym.details 
A N N 1 ? 
B N N 2 ? 
C N N 3 ? 
D N N 3 ? 
E N N 3 ? 
F N N 4 ? 
G N N 4 ? 
# 
loop_
_struct_ref.id 
_struct_ref.db_name 
_struct_ref.db_code 
_struct_ref.pdbx_db_accession 
_struct_ref.pdbx_db_isoform 
_struct_ref.entity_id 
_struct_ref.pdbx_seq_one_letter_code 
_struct_ref.pdbx_align_begin 
1 UNP I2BP2_HUMAN Q7Z5L9 ? 1 
;SLATSAPLCCTLCHERLEDTHFVQCPSVPSHKFCFPCSRQSIKQQGASGEVYCPSGEKCPLVGSNVPWAFMQGEIATILA
GD
;
497 
2 UNP IRF2_HUMAN  P14316 ? 2 RASVIKKT                                                                              331 
# 
loop_
_struct_ref_seq.align_id 
_struct_ref_seq.ref_id 
_struct_ref_seq.pdbx_PDB_id_code 
_struct_ref_seq.pdbx_strand_id 
_struct_ref_seq.seq_align_beg 
_struct_ref_seq.pdbx_seq_align_beg_ins_code 
_struct_ref_seq.seq_align_end 
_struct_ref_seq.pdbx_seq_align_end_ins_code 
_struct_ref_seq.pdbx_db_accession 
_struct_ref_seq.db_align_beg 
_struct_ref_seq.pdbx_db_align_beg_ins_code 
_struct_ref_seq.db_align_end 
_struct_ref_seq.pdbx_db_align_end_ins_code 
_struct_ref_seq.pdbx_auth_seq_align_beg 
_struct_ref_seq.pdbx_auth_seq_align_end 
1 1 8YTG A 2 ? 83 ? Q7Z5L9 497 ? 578 ? 497 578 
2 2 8YTG B 1 ? 8  ? P14316 331 ? 338 ? 1   8   
# 
_struct_ref_seq_dif.align_id                     1 
_struct_ref_seq_dif.pdbx_pdb_id_code             8YTG 
_struct_ref_seq_dif.mon_id                       GLY 
_struct_ref_seq_dif.pdbx_pdb_strand_id           A 
_struct_ref_seq_dif.seq_num                      1 
_struct_ref_seq_dif.pdbx_pdb_ins_code            ? 
_struct_ref_seq_dif.pdbx_seq_db_name             UNP 
_struct_ref_seq_dif.pdbx_seq_db_accession_code   Q7Z5L9 
_struct_ref_seq_dif.db_mon_id                    ? 
_struct_ref_seq_dif.pdbx_seq_db_seq_num          ? 
_struct_ref_seq_dif.details                      'expression tag' 
_struct_ref_seq_dif.pdbx_auth_seq_num            496 
_struct_ref_seq_dif.pdbx_ordinal                 1 
# 
_pdbx_struct_assembly.id                   1 
_pdbx_struct_assembly.details              author_and_software_defined_assembly 
_pdbx_struct_assembly.method_details       PISA 
_pdbx_struct_assembly.oligomeric_details   dimeric 
_pdbx_struct_assembly.oligomeric_count     2 
# 
loop_
_pdbx_struct_assembly_prop.biol_id 
_pdbx_struct_assembly_prop.type 
_pdbx_struct_assembly_prop.value 
_pdbx_struct_assembly_prop.details 
1 'ABSA (A^2)' 920  ? 
1 MORE         -37  ? 
1 'SSA (A^2)'  5060 ? 
# 
_pdbx_struct_assembly_gen.assembly_id       1 
_pdbx_struct_assembly_gen.oper_expression   1 
_pdbx_struct_assembly_gen.asym_id_list      A,B,C,D,E,F,G 
# 
_pdbx_struct_assembly_auth_evidence.id                     1 
_pdbx_struct_assembly_auth_evidence.assembly_id            1 
_pdbx_struct_assembly_auth_evidence.experimental_support   none 
_pdbx_struct_assembly_auth_evidence.details                ? 
# 
_pdbx_struct_oper_list.id                   1 
_pdbx_struct_oper_list.type                 'identity operation' 
_pdbx_struct_oper_list.name                 1_555 
_pdbx_struct_oper_list.symmetry_operation   x,y,z 
_pdbx_struct_oper_list.matrix[1][1]         1.0000000000 
_pdbx_struct_oper_list.matrix[1][2]         0.0000000000 
_pdbx_struct_oper_list.matrix[1][3]         0.0000000000 
_pdbx_struct_oper_list.vector[1]            0.0000000000 
_pdbx_struct_oper_list.matrix[2][1]         0.0000000000 
_pdbx_struct_oper_list.matrix[2][2]         1.0000000000 
_pdbx_struct_oper_list.matrix[2][3]         0.0000000000 
_pdbx_struct_oper_list.vector[2]            0.0000000000 
_pdbx_struct_oper_list.matrix[3][1]         0.0000000000 
_pdbx_struct_oper_list.matrix[3][2]         0.0000000000 
_pdbx_struct_oper_list.matrix[3][3]         1.0000000000 
_pdbx_struct_oper_list.vector[3]            0.0000000000 
# 
loop_
_struct_conf.conf_type_id 
_struct_conf.id 
_struct_conf.pdbx_PDB_helix_id 
_struct_conf.beg_label_comp_id 
_struct_conf.beg_label_asym_id 
_struct_conf.beg_label_seq_id 
_struct_conf.pdbx_beg_PDB_ins_code 
_struct_conf.end_label_comp_id 
_struct_conf.end_label_asym_id 
_struct_conf.end_label_seq_id 
_struct_conf.pdbx_end_PDB_ins_code 
_struct_conf.beg_auth_comp_id 
_struct_conf.beg_auth_asym_id 
_struct_conf.beg_auth_seq_id 
_struct_conf.end_auth_comp_id 
_struct_conf.end_auth_asym_id 
_struct_conf.end_auth_seq_id 
_struct_conf.pdbx_PDB_helix_class 
_struct_conf.details 
_struct_conf.pdbx_PDB_helix_length 
HELX_P HELX_P1 AA1 PHE A 36 ? ALA A 48 ? PHE A 531 ALA A 543 1 ? 13 
HELX_P HELX_P2 AA2 MET A 72 ? ALA A 81 ? MET A 567 ALA A 576 1 ? 10 
# 
_struct_conf_type.id          HELX_P 
_struct_conf_type.criteria    ? 
_struct_conf_type.reference   ? 
# 
loop_
_struct_conn.id 
_struct_conn.conn_type_id 
_struct_conn.pdbx_leaving_atom_flag 
_struct_conn.pdbx_PDB_id 
_struct_conn.ptnr1_label_asym_id 
_struct_conn.ptnr1_label_comp_id 
_struct_conn.ptnr1_label_seq_id 
_struct_conn.ptnr1_label_atom_id 
_struct_conn.pdbx_ptnr1_label_alt_id 
_struct_conn.pdbx_ptnr1_PDB_ins_code 
_struct_conn.pdbx_ptnr1_standard_comp_id 
_struct_conn.ptnr1_symmetry 
_struct_conn.ptnr2_label_asym_id 
_struct_conn.ptnr2_label_comp_id 
_struct_conn.ptnr2_label_seq_id 
_struct_conn.ptnr2_label_atom_id 
_struct_conn.pdbx_ptnr2_label_alt_id 
_struct_conn.pdbx_ptnr2_PDB_ins_code 
_struct_conn.ptnr1_auth_asym_id 
_struct_conn.ptnr1_auth_comp_id 
_struct_conn.ptnr1_auth_seq_id 
_struct_conn.ptnr2_auth_asym_id 
_struct_conn.ptnr2_auth_comp_id 
_struct_conn.ptnr2_auth_seq_id 
_struct_conn.ptnr2_symmetry 
_struct_conn.pdbx_ptnr3_label_atom_id 
_struct_conn.pdbx_ptnr3_label_seq_id 
_struct_conn.pdbx_ptnr3_label_comp_id 
_struct_conn.pdbx_ptnr3_label_asym_id 
_struct_conn.pdbx_ptnr3_label_alt_id 
_struct_conn.pdbx_ptnr3_PDB_ins_code 
_struct_conn.details 
_struct_conn.pdbx_dist_value 
_struct_conn.pdbx_value_order 
_struct_conn.pdbx_role 
metalc1 metalc ? ? A CYS 11 SG  ? ? ? 1_555 C ZN . ZN ? ? A CYS 506 A ZN 601 1_555 ? ? ? ? ? ? ? 2.346 ? ? 
metalc2 metalc ? ? A CYS 14 SG  ? ? ? 1_555 C ZN . ZN ? ? A CYS 509 A ZN 601 1_555 ? ? ? ? ? ? ? 2.295 ? ? 
metalc3 metalc ? ? A CYS 26 SG  ? ? ? 1_555 D ZN . ZN ? ? A CYS 521 A ZN 602 1_555 ? ? ? ? ? ? ? 2.334 ? ? 
metalc4 metalc ? ? A HIS 32 ND1 ? ? ? 1_555 D ZN . ZN ? ? A HIS 527 A ZN 602 1_555 ? ? ? ? ? ? ? 2.090 ? ? 
metalc5 metalc ? ? A CYS 35 SG  ? ? ? 1_555 C ZN . ZN ? ? A CYS 530 A ZN 601 1_555 ? ? ? ? ? ? ? 2.327 ? ? 
metalc6 metalc ? ? A CYS 38 SG  ? ? ? 1_555 C ZN . ZN ? ? A CYS 533 A ZN 601 1_555 ? ? ? ? ? ? ? 2.293 ? ? 
metalc7 metalc ? ? A CYS 54 SG  ? ? ? 1_555 D ZN . ZN ? ? A CYS 549 A ZN 602 1_555 ? ? ? ? ? ? ? 2.387 ? ? 
metalc8 metalc ? ? A CYS 60 SG  ? ? ? 1_555 D ZN . ZN ? ? A CYS 555 A ZN 602 1_555 ? ? ? ? ? ? ? 2.316 ? ? 
# 
_struct_conn_type.id          metalc 
_struct_conn_type.criteria    ? 
_struct_conn_type.reference   ? 
# 
loop_
_pdbx_struct_conn_angle.id 
_pdbx_struct_conn_angle.ptnr1_label_atom_id 
_pdbx_struct_conn_angle.ptnr1_label_alt_id 
_pdbx_struct_conn_angle.ptnr1_label_asym_id 
_pdbx_struct_conn_angle.ptnr1_label_comp_id 
_pdbx_struct_conn_angle.ptnr1_label_seq_id 
_pdbx_struct_conn_angle.ptnr1_auth_atom_id 
_pdbx_struct_conn_angle.ptnr1_auth_asym_id 
_pdbx_struct_conn_angle.ptnr1_auth_comp_id 
_pdbx_struct_conn_angle.ptnr1_auth_seq_id 
_pdbx_struct_conn_angle.ptnr1_PDB_ins_code 
_pdbx_struct_conn_angle.ptnr1_symmetry 
_pdbx_struct_conn_angle.ptnr2_label_atom_id 
_pdbx_struct_conn_angle.ptnr2_label_alt_id 
_pdbx_struct_conn_angle.ptnr2_label_asym_id 
_pdbx_struct_conn_angle.ptnr2_label_comp_id 
_pdbx_struct_conn_angle.ptnr2_label_seq_id 
_pdbx_struct_conn_angle.ptnr2_auth_atom_id 
_pdbx_struct_conn_angle.ptnr2_auth_asym_id 
_pdbx_struct_conn_angle.ptnr2_auth_comp_id 
_pdbx_struct_conn_angle.ptnr2_auth_seq_id 
_pdbx_struct_conn_angle.ptnr2_PDB_ins_code 
_pdbx_struct_conn_angle.ptnr2_symmetry 
_pdbx_struct_conn_angle.ptnr3_label_atom_id 
_pdbx_struct_conn_angle.ptnr3_label_alt_id 
_pdbx_struct_conn_angle.ptnr3_label_asym_id 
_pdbx_struct_conn_angle.ptnr3_label_comp_id 
_pdbx_struct_conn_angle.ptnr3_label_seq_id 
_pdbx_struct_conn_angle.ptnr3_auth_atom_id 
_pdbx_struct_conn_angle.ptnr3_auth_asym_id 
_pdbx_struct_conn_angle.ptnr3_auth_comp_id 
_pdbx_struct_conn_angle.ptnr3_auth_seq_id 
_pdbx_struct_conn_angle.ptnr3_PDB_ins_code 
_pdbx_struct_conn_angle.ptnr3_symmetry 
_pdbx_struct_conn_angle.value 
_pdbx_struct_conn_angle.value_esd 
1  SG  ? A CYS 11 ? A CYS 506 ? 1_555 ZN ? C ZN . ? A ZN 601 ? 1_555 SG  ? A CYS 14 ? A CYS 509 ? 1_555 108.4 ? 
2  SG  ? A CYS 11 ? A CYS 506 ? 1_555 ZN ? C ZN . ? A ZN 601 ? 1_555 SG  ? A CYS 35 ? A CYS 530 ? 1_555 115.3 ? 
3  SG  ? A CYS 14 ? A CYS 509 ? 1_555 ZN ? C ZN . ? A ZN 601 ? 1_555 SG  ? A CYS 35 ? A CYS 530 ? 1_555 111.7 ? 
4  SG  ? A CYS 11 ? A CYS 506 ? 1_555 ZN ? C ZN . ? A ZN 601 ? 1_555 SG  ? A CYS 38 ? A CYS 533 ? 1_555 111.0 ? 
5  SG  ? A CYS 14 ? A CYS 509 ? 1_555 ZN ? C ZN . ? A ZN 601 ? 1_555 SG  ? A CYS 38 ? A CYS 533 ? 1_555 108.2 ? 
6  SG  ? A CYS 35 ? A CYS 530 ? 1_555 ZN ? C ZN . ? A ZN 601 ? 1_555 SG  ? A CYS 38 ? A CYS 533 ? 1_555 101.9 ? 
7  SG  ? A CYS 26 ? A CYS 521 ? 1_555 ZN ? D ZN . ? A ZN 602 ? 1_555 ND1 ? A HIS 32 ? A HIS 527 ? 1_555 118.4 ? 
8  SG  ? A CYS 26 ? A CYS 521 ? 1_555 ZN ? D ZN . ? A ZN 602 ? 1_555 SG  ? A CYS 54 ? A CYS 549 ? 1_555 110.7 ? 
9  ND1 ? A HIS 32 ? A HIS 527 ? 1_555 ZN ? D ZN . ? A ZN 602 ? 1_555 SG  ? A CYS 54 ? A CYS 549 ? 1_555 104.6 ? 
10 SG  ? A CYS 26 ? A CYS 521 ? 1_555 ZN ? D ZN . ? A ZN 602 ? 1_555 SG  ? A CYS 60 ? A CYS 555 ? 1_555 111.3 ? 
11 ND1 ? A HIS 32 ? A HIS 527 ? 1_555 ZN ? D ZN . ? A ZN 602 ? 1_555 SG  ? A CYS 60 ? A CYS 555 ? 1_555 100.4 ? 
12 SG  ? A CYS 54 ? A CYS 549 ? 1_555 ZN ? D ZN . ? A ZN 602 ? 1_555 SG  ? A CYS 60 ? A CYS 555 ? 1_555 110.8 ? 
# 
_struct_sheet.id               AA1 
_struct_sheet.type             ? 
_struct_sheet.number_strands   2 
_struct_sheet.details          ? 
# 
_struct_sheet_order.sheet_id     AA1 
_struct_sheet_order.range_id_1   1 
_struct_sheet_order.range_id_2   2 
_struct_sheet_order.offset       ? 
_struct_sheet_order.sense        anti-parallel 
# 
loop_
_struct_sheet_range.sheet_id 
_struct_sheet_range.id 
_struct_sheet_range.beg_label_comp_id 
_struct_sheet_range.beg_label_asym_id 
_struct_sheet_range.beg_label_seq_id 
_struct_sheet_range.pdbx_beg_PDB_ins_code 
_struct_sheet_range.end_label_comp_id 
_struct_sheet_range.end_label_asym_id 
_struct_sheet_range.end_label_seq_id 
_struct_sheet_range.pdbx_end_PDB_ins_code 
_struct_sheet_range.beg_auth_comp_id 
_struct_sheet_range.beg_auth_asym_id 
_struct_sheet_range.beg_auth_seq_id 
_struct_sheet_range.end_auth_comp_id 
_struct_sheet_range.end_auth_asym_id 
_struct_sheet_range.end_auth_seq_id 
AA1 1 PHE A 23 ? GLN A 25 ? PHE A 518 GLN A 520 
AA1 2 LYS A 33 ? CYS A 35 ? LYS A 528 CYS A 530 
# 
_pdbx_struct_sheet_hbond.sheet_id                AA1 
_pdbx_struct_sheet_hbond.range_id_1              1 
_pdbx_struct_sheet_hbond.range_id_2              2 
_pdbx_struct_sheet_hbond.range_1_label_atom_id   N 
_pdbx_struct_sheet_hbond.range_1_label_comp_id   VAL 
_pdbx_struct_sheet_hbond.range_1_label_asym_id   A 
_pdbx_struct_sheet_hbond.range_1_label_seq_id    24 
_pdbx_struct_sheet_hbond.range_1_PDB_ins_code    ? 
_pdbx_struct_sheet_hbond.range_1_auth_atom_id    N 
_pdbx_struct_sheet_hbond.range_1_auth_comp_id    VAL 
_pdbx_struct_sheet_hbond.range_1_auth_asym_id    A 
_pdbx_struct_sheet_hbond.range_1_auth_seq_id     519 
_pdbx_struct_sheet_hbond.range_2_label_atom_id   O 
_pdbx_struct_sheet_hbond.range_2_label_comp_id   PHE 
_pdbx_struct_sheet_hbond.range_2_label_asym_id   A 
_pdbx_struct_sheet_hbond.range_2_label_seq_id    34 
_pdbx_struct_sheet_hbond.range_2_PDB_ins_code    ? 
_pdbx_struct_sheet_hbond.range_2_auth_atom_id    O 
_pdbx_struct_sheet_hbond.range_2_auth_comp_id    PHE 
_pdbx_struct_sheet_hbond.range_2_auth_asym_id    A 
_pdbx_struct_sheet_hbond.range_2_auth_seq_id     529 
# 
_pdbx_entry_details.entry_id                   8YTG 
_pdbx_entry_details.has_ligand_of_interest     Y 
_pdbx_entry_details.compound_details           ? 
_pdbx_entry_details.source_details             ? 
_pdbx_entry_details.nonpolymer_details         ? 
_pdbx_entry_details.sequence_details           ? 
_pdbx_entry_details.has_protein_modification   N 
# 
loop_
_pdbx_validate_close_contact.id 
_pdbx_validate_close_contact.PDB_model_num 
_pdbx_validate_close_contact.auth_atom_id_1 
_pdbx_validate_close_contact.auth_asym_id_1 
_pdbx_validate_close_contact.auth_comp_id_1 
_pdbx_validate_close_contact.auth_seq_id_1 
_pdbx_validate_close_contact.PDB_ins_code_1 
_pdbx_validate_close_contact.label_alt_id_1 
_pdbx_validate_close_contact.auth_atom_id_2 
_pdbx_validate_close_contact.auth_asym_id_2 
_pdbx_validate_close_contact.auth_comp_id_2 
_pdbx_validate_close_contact.auth_seq_id_2 
_pdbx_validate_close_contact.PDB_ins_code_2 
_pdbx_validate_close_contact.label_alt_id_2 
_pdbx_validate_close_contact.dist 
1 1 O A HOH 758 ? ? O A HOH 796 ? ? 1.93 
2 1 O A HOH 808 ? ? O A HOH 828 ? ? 2.01 
3 1 O B HOH 107 ? ? O B HOH 111 ? ? 2.05 
4 1 O B HOH 110 ? ? O B HOH 114 ? ? 2.10 
5 1 O A HOH 822 ? ? O A HOH 843 ? ? 2.10 
6 1 O A HOH 830 ? ? O B HOH 111 ? ? 2.15 
7 1 O B HOH 112 ? ? O B HOH 113 ? ? 2.15 
# 
loop_
_pdbx_distant_solvent_atoms.id 
_pdbx_distant_solvent_atoms.PDB_model_num 
_pdbx_distant_solvent_atoms.auth_atom_id 
_pdbx_distant_solvent_atoms.label_alt_id 
_pdbx_distant_solvent_atoms.auth_asym_id 
_pdbx_distant_solvent_atoms.auth_comp_id 
_pdbx_distant_solvent_atoms.auth_seq_id 
_pdbx_distant_solvent_atoms.PDB_ins_code 
_pdbx_distant_solvent_atoms.neighbor_macromolecule_distance 
_pdbx_distant_solvent_atoms.neighbor_ligand_distance 
1 1 O ? A HOH 842 ? 5.85 . 
2 1 O ? A HOH 843 ? 6.29 . 
# 
loop_
_pdbx_unobs_or_zero_occ_residues.id 
_pdbx_unobs_or_zero_occ_residues.PDB_model_num 
_pdbx_unobs_or_zero_occ_residues.polymer_flag 
_pdbx_unobs_or_zero_occ_residues.occupancy_flag 
_pdbx_unobs_or_zero_occ_residues.auth_asym_id 
_pdbx_unobs_or_zero_occ_residues.auth_comp_id 
_pdbx_unobs_or_zero_occ_residues.auth_seq_id 
_pdbx_unobs_or_zero_occ_residues.PDB_ins_code 
_pdbx_unobs_or_zero_occ_residues.label_asym_id 
_pdbx_unobs_or_zero_occ_residues.label_comp_id 
_pdbx_unobs_or_zero_occ_residues.label_seq_id 
1 1 Y 1 A GLY 496 ? A GLY 1 
2 1 Y 1 A SER 497 ? A SER 2 
3 1 Y 1 A LEU 498 ? A LEU 3 
4 1 Y 1 A ALA 499 ? A ALA 4 
5 1 Y 1 A THR 500 ? A THR 5 
6 1 Y 1 A SER 501 ? A SER 6 
7 1 Y 1 A ALA 502 ? A ALA 7 
8 1 Y 1 B LYS 7   ? B LYS 7 
9 1 Y 1 B THR 8   ? B THR 8 
# 
loop_
_chem_comp_atom.comp_id 
_chem_comp_atom.atom_id 
_chem_comp_atom.type_symbol 
_chem_comp_atom.pdbx_aromatic_flag 
_chem_comp_atom.pdbx_stereo_config 
_chem_comp_atom.pdbx_ordinal 
ALA N    N  N N 1   
ALA CA   C  N S 2   
ALA C    C  N N 3   
ALA O    O  N N 4   
ALA CB   C  N N 5   
ALA OXT  O  N N 6   
ALA H    H  N N 7   
ALA H2   H  N N 8   
ALA HA   H  N N 9   
ALA HB1  H  N N 10  
ALA HB2  H  N N 11  
ALA HB3  H  N N 12  
ALA HXT  H  N N 13  
ARG N    N  N N 14  
ARG CA   C  N S 15  
ARG C    C  N N 16  
ARG O    O  N N 17  
ARG CB   C  N N 18  
ARG CG   C  N N 19  
ARG CD   C  N N 20  
ARG NE   N  N N 21  
ARG CZ   C  N N 22  
ARG NH1  N  N N 23  
ARG NH2  N  N N 24  
ARG OXT  O  N N 25  
ARG H    H  N N 26  
ARG H2   H  N N 27  
ARG HA   H  N N 28  
ARG HB2  H  N N 29  
ARG HB3  H  N N 30  
ARG HG2  H  N N 31  
ARG HG3  H  N N 32  
ARG HD2  H  N N 33  
ARG HD3  H  N N 34  
ARG HE   H  N N 35  
ARG HH11 H  N N 36  
ARG HH12 H  N N 37  
ARG HH21 H  N N 38  
ARG HH22 H  N N 39  
ARG HXT  H  N N 40  
ASN N    N  N N 41  
ASN CA   C  N S 42  
ASN C    C  N N 43  
ASN O    O  N N 44  
ASN CB   C  N N 45  
ASN CG   C  N N 46  
ASN OD1  O  N N 47  
ASN ND2  N  N N 48  
ASN OXT  O  N N 49  
ASN H    H  N N 50  
ASN H2   H  N N 51  
ASN HA   H  N N 52  
ASN HB2  H  N N 53  
ASN HB3  H  N N 54  
ASN HD21 H  N N 55  
ASN HD22 H  N N 56  
ASN HXT  H  N N 57  
ASP N    N  N N 58  
ASP CA   C  N S 59  
ASP C    C  N N 60  
ASP O    O  N N 61  
ASP CB   C  N N 62  
ASP CG   C  N N 63  
ASP OD1  O  N N 64  
ASP OD2  O  N N 65  
ASP OXT  O  N N 66  
ASP H    H  N N 67  
ASP H2   H  N N 68  
ASP HA   H  N N 69  
ASP HB2  H  N N 70  
ASP HB3  H  N N 71  
ASP HD2  H  N N 72  
ASP HXT  H  N N 73  
CYS N    N  N N 74  
CYS CA   C  N R 75  
CYS C    C  N N 76  
CYS O    O  N N 77  
CYS CB   C  N N 78  
CYS SG   S  N N 79  
CYS OXT  O  N N 80  
CYS H    H  N N 81  
CYS H2   H  N N 82  
CYS HA   H  N N 83  
CYS HB2  H  N N 84  
CYS HB3  H  N N 85  
CYS HG   H  N N 86  
CYS HXT  H  N N 87  
GLN N    N  N N 88  
GLN CA   C  N S 89  
GLN C    C  N N 90  
GLN O    O  N N 91  
GLN CB   C  N N 92  
GLN CG   C  N N 93  
GLN CD   C  N N 94  
GLN OE1  O  N N 95  
GLN NE2  N  N N 96  
GLN OXT  O  N N 97  
GLN H    H  N N 98  
GLN H2   H  N N 99  
GLN HA   H  N N 100 
GLN HB2  H  N N 101 
GLN HB3  H  N N 102 
GLN HG2  H  N N 103 
GLN HG3  H  N N 104 
GLN HE21 H  N N 105 
GLN HE22 H  N N 106 
GLN HXT  H  N N 107 
GLU N    N  N N 108 
GLU CA   C  N S 109 
GLU C    C  N N 110 
GLU O    O  N N 111 
GLU CB   C  N N 112 
GLU CG   C  N N 113 
GLU CD   C  N N 114 
GLU OE1  O  N N 115 
GLU OE2  O  N N 116 
GLU OXT  O  N N 117 
GLU H    H  N N 118 
GLU H2   H  N N 119 
GLU HA   H  N N 120 
GLU HB2  H  N N 121 
GLU HB3  H  N N 122 
GLU HG2  H  N N 123 
GLU HG3  H  N N 124 
GLU HE2  H  N N 125 
GLU HXT  H  N N 126 
GLY N    N  N N 127 
GLY CA   C  N N 128 
GLY C    C  N N 129 
GLY O    O  N N 130 
GLY OXT  O  N N 131 
GLY H    H  N N 132 
GLY H2   H  N N 133 
GLY HA2  H  N N 134 
GLY HA3  H  N N 135 
GLY HXT  H  N N 136 
HIS N    N  N N 137 
HIS CA   C  N S 138 
HIS C    C  N N 139 
HIS O    O  N N 140 
HIS CB   C  N N 141 
HIS CG   C  Y N 142 
HIS ND1  N  Y N 143 
HIS CD2  C  Y N 144 
HIS CE1  C  Y N 145 
HIS NE2  N  Y N 146 
HIS OXT  O  N N 147 
HIS H    H  N N 148 
HIS H2   H  N N 149 
HIS HA   H  N N 150 
HIS HB2  H  N N 151 
HIS HB3  H  N N 152 
HIS HD1  H  N N 153 
HIS HD2  H  N N 154 
HIS HE1  H  N N 155 
HIS HE2  H  N N 156 
HIS HXT  H  N N 157 
HOH O    O  N N 158 
HOH H1   H  N N 159 
HOH H2   H  N N 160 
ILE N    N  N N 161 
ILE CA   C  N S 162 
ILE C    C  N N 163 
ILE O    O  N N 164 
ILE CB   C  N S 165 
ILE CG1  C  N N 166 
ILE CG2  C  N N 167 
ILE CD1  C  N N 168 
ILE OXT  O  N N 169 
ILE H    H  N N 170 
ILE H2   H  N N 171 
ILE HA   H  N N 172 
ILE HB   H  N N 173 
ILE HG12 H  N N 174 
ILE HG13 H  N N 175 
ILE HG21 H  N N 176 
ILE HG22 H  N N 177 
ILE HG23 H  N N 178 
ILE HD11 H  N N 179 
ILE HD12 H  N N 180 
ILE HD13 H  N N 181 
ILE HXT  H  N N 182 
LEU N    N  N N 183 
LEU CA   C  N S 184 
LEU C    C  N N 185 
LEU O    O  N N 186 
LEU CB   C  N N 187 
LEU CG   C  N N 188 
LEU CD1  C  N N 189 
LEU CD2  C  N N 190 
LEU OXT  O  N N 191 
LEU H    H  N N 192 
LEU H2   H  N N 193 
LEU HA   H  N N 194 
LEU HB2  H  N N 195 
LEU HB3  H  N N 196 
LEU HG   H  N N 197 
LEU HD11 H  N N 198 
LEU HD12 H  N N 199 
LEU HD13 H  N N 200 
LEU HD21 H  N N 201 
LEU HD22 H  N N 202 
LEU HD23 H  N N 203 
LEU HXT  H  N N 204 
LYS N    N  N N 205 
LYS CA   C  N S 206 
LYS C    C  N N 207 
LYS O    O  N N 208 
LYS CB   C  N N 209 
LYS CG   C  N N 210 
LYS CD   C  N N 211 
LYS CE   C  N N 212 
LYS NZ   N  N N 213 
LYS OXT  O  N N 214 
LYS H    H  N N 215 
LYS H2   H  N N 216 
LYS HA   H  N N 217 
LYS HB2  H  N N 218 
LYS HB3  H  N N 219 
LYS HG2  H  N N 220 
LYS HG3  H  N N 221 
LYS HD2  H  N N 222 
LYS HD3  H  N N 223 
LYS HE2  H  N N 224 
LYS HE3  H  N N 225 
LYS HZ1  H  N N 226 
LYS HZ2  H  N N 227 
LYS HZ3  H  N N 228 
LYS HXT  H  N N 229 
MET N    N  N N 230 
MET CA   C  N S 231 
MET C    C  N N 232 
MET O    O  N N 233 
MET CB   C  N N 234 
MET CG   C  N N 235 
MET SD   S  N N 236 
MET CE   C  N N 237 
MET OXT  O  N N 238 
MET H    H  N N 239 
MET H2   H  N N 240 
MET HA   H  N N 241 
MET HB2  H  N N 242 
MET HB3  H  N N 243 
MET HG2  H  N N 244 
MET HG3  H  N N 245 
MET HE1  H  N N 246 
MET HE2  H  N N 247 
MET HE3  H  N N 248 
MET HXT  H  N N 249 
PHE N    N  N N 250 
PHE CA   C  N S 251 
PHE C    C  N N 252 
PHE O    O  N N 253 
PHE CB   C  N N 254 
PHE CG   C  Y N 255 
PHE CD1  C  Y N 256 
PHE CD2  C  Y N 257 
PHE CE1  C  Y N 258 
PHE CE2  C  Y N 259 
PHE CZ   C  Y N 260 
PHE OXT  O  N N 261 
PHE H    H  N N 262 
PHE H2   H  N N 263 
PHE HA   H  N N 264 
PHE HB2  H  N N 265 
PHE HB3  H  N N 266 
PHE HD1  H  N N 267 
PHE HD2  H  N N 268 
PHE HE1  H  N N 269 
PHE HE2  H  N N 270 
PHE HZ   H  N N 271 
PHE HXT  H  N N 272 
PRO N    N  N N 273 
PRO CA   C  N S 274 
PRO C    C  N N 275 
PRO O    O  N N 276 
PRO CB   C  N N 277 
PRO CG   C  N N 278 
PRO CD   C  N N 279 
PRO OXT  O  N N 280 
PRO H    H  N N 281 
PRO HA   H  N N 282 
PRO HB2  H  N N 283 
PRO HB3  H  N N 284 
PRO HG2  H  N N 285 
PRO HG3  H  N N 286 
PRO HD2  H  N N 287 
PRO HD3  H  N N 288 
PRO HXT  H  N N 289 
SER N    N  N N 290 
SER CA   C  N S 291 
SER C    C  N N 292 
SER O    O  N N 293 
SER CB   C  N N 294 
SER OG   O  N N 295 
SER OXT  O  N N 296 
SER H    H  N N 297 
SER H2   H  N N 298 
SER HA   H  N N 299 
SER HB2  H  N N 300 
SER HB3  H  N N 301 
SER HG   H  N N 302 
SER HXT  H  N N 303 
THR N    N  N N 304 
THR CA   C  N S 305 
THR C    C  N N 306 
THR O    O  N N 307 
THR CB   C  N R 308 
THR OG1  O  N N 309 
THR CG2  C  N N 310 
THR OXT  O  N N 311 
THR H    H  N N 312 
THR H2   H  N N 313 
THR HA   H  N N 314 
THR HB   H  N N 315 
THR HG1  H  N N 316 
THR HG21 H  N N 317 
THR HG22 H  N N 318 
THR HG23 H  N N 319 
THR HXT  H  N N 320 
TRP N    N  N N 321 
TRP CA   C  N S 322 
TRP C    C  N N 323 
TRP O    O  N N 324 
TRP CB   C  N N 325 
TRP CG   C  Y N 326 
TRP CD1  C  Y N 327 
TRP CD2  C  Y N 328 
TRP NE1  N  Y N 329 
TRP CE2  C  Y N 330 
TRP CE3  C  Y N 331 
TRP CZ2  C  Y N 332 
TRP CZ3  C  Y N 333 
TRP CH2  C  Y N 334 
TRP OXT  O  N N 335 
TRP H    H  N N 336 
TRP H2   H  N N 337 
TRP HA   H  N N 338 
TRP HB2  H  N N 339 
TRP HB3  H  N N 340 
TRP HD1  H  N N 341 
TRP HE1  H  N N 342 
TRP HE3  H  N N 343 
TRP HZ2  H  N N 344 
TRP HZ3  H  N N 345 
TRP HH2  H  N N 346 
TRP HXT  H  N N 347 
TYR N    N  N N 348 
TYR CA   C  N S 349 
TYR C    C  N N 350 
TYR O    O  N N 351 
TYR CB   C  N N 352 
TYR CG   C  Y N 353 
TYR CD1  C  Y N 354 
TYR CD2  C  Y N 355 
TYR CE1  C  Y N 356 
TYR CE2  C  Y N 357 
TYR CZ   C  Y N 358 
TYR OH   O  N N 359 
TYR OXT  O  N N 360 
TYR H    H  N N 361 
TYR H2   H  N N 362 
TYR HA   H  N N 363 
TYR HB2  H  N N 364 
TYR HB3  H  N N 365 
TYR HD1  H  N N 366 
TYR HD2  H  N N 367 
TYR HE1  H  N N 368 
TYR HE2  H  N N 369 
TYR HH   H  N N 370 
TYR HXT  H  N N 371 
VAL N    N  N N 372 
VAL CA   C  N S 373 
VAL C    C  N N 374 
VAL O    O  N N 375 
VAL CB   C  N N 376 
VAL CG1  C  N N 377 
VAL CG2  C  N N 378 
VAL OXT  O  N N 379 
VAL H    H  N N 380 
VAL H2   H  N N 381 
VAL HA   H  N N 382 
VAL HB   H  N N 383 
VAL HG11 H  N N 384 
VAL HG12 H  N N 385 
VAL HG13 H  N N 386 
VAL HG21 H  N N 387 
VAL HG22 H  N N 388 
VAL HG23 H  N N 389 
VAL HXT  H  N N 390 
ZN  ZN   ZN N N 391 
# 
loop_
_chem_comp_bond.comp_id 
_chem_comp_bond.atom_id_1 
_chem_comp_bond.atom_id_2 
_chem_comp_bond.value_order 
_chem_comp_bond.pdbx_aromatic_flag 
_chem_comp_bond.pdbx_stereo_config 
_chem_comp_bond.pdbx_ordinal 
ALA N   CA   sing N N 1   
ALA N   H    sing N N 2   
ALA N   H2   sing N N 3   
ALA CA  C    sing N N 4   
ALA CA  CB   sing N N 5   
ALA CA  HA   sing N N 6   
ALA C   O    doub N N 7   
ALA C   OXT  sing N N 8   
ALA CB  HB1  sing N N 9   
ALA CB  HB2  sing N N 10  
ALA CB  HB3  sing N N 11  
ALA OXT HXT  sing N N 12  
ARG N   CA   sing N N 13  
ARG N   H    sing N N 14  
ARG N   H2   sing N N 15  
ARG CA  C    sing N N 16  
ARG CA  CB   sing N N 17  
ARG CA  HA   sing N N 18  
ARG C   O    doub N N 19  
ARG C   OXT  sing N N 20  
ARG CB  CG   sing N N 21  
ARG CB  HB2  sing N N 22  
ARG CB  HB3  sing N N 23  
ARG CG  CD   sing N N 24  
ARG CG  HG2  sing N N 25  
ARG CG  HG3  sing N N 26  
ARG CD  NE   sing N N 27  
ARG CD  HD2  sing N N 28  
ARG CD  HD3  sing N N 29  
ARG NE  CZ   sing N N 30  
ARG NE  HE   sing N N 31  
ARG CZ  NH1  sing N N 32  
ARG CZ  NH2  doub N N 33  
ARG NH1 HH11 sing N N 34  
ARG NH1 HH12 sing N N 35  
ARG NH2 HH21 sing N N 36  
ARG NH2 HH22 sing N N 37  
ARG OXT HXT  sing N N 38  
ASN N   CA   sing N N 39  
ASN N   H    sing N N 40  
ASN N   H2   sing N N 41  
ASN CA  C    sing N N 42  
ASN CA  CB   sing N N 43  
ASN CA  HA   sing N N 44  
ASN C   O    doub N N 45  
ASN C   OXT  sing N N 46  
ASN CB  CG   sing N N 47  
ASN CB  HB2  sing N N 48  
ASN CB  HB3  sing N N 49  
ASN CG  OD1  doub N N 50  
ASN CG  ND2  sing N N 51  
ASN ND2 HD21 sing N N 52  
ASN ND2 HD22 sing N N 53  
ASN OXT HXT  sing N N 54  
ASP N   CA   sing N N 55  
ASP N   H    sing N N 56  
ASP N   H2   sing N N 57  
ASP CA  C    sing N N 58  
ASP CA  CB   sing N N 59  
ASP CA  HA   sing N N 60  
ASP C   O    doub N N 61  
ASP C   OXT  sing N N 62  
ASP CB  CG   sing N N 63  
ASP CB  HB2  sing N N 64  
ASP CB  HB3  sing N N 65  
ASP CG  OD1  doub N N 66  
ASP CG  OD2  sing N N 67  
ASP OD2 HD2  sing N N 68  
ASP OXT HXT  sing N N 69  
CYS N   CA   sing N N 70  
CYS N   H    sing N N 71  
CYS N   H2   sing N N 72  
CYS CA  C    sing N N 73  
CYS CA  CB   sing N N 74  
CYS CA  HA   sing N N 75  
CYS C   O    doub N N 76  
CYS C   OXT  sing N N 77  
CYS CB  SG   sing N N 78  
CYS CB  HB2  sing N N 79  
CYS CB  HB3  sing N N 80  
CYS SG  HG   sing N N 81  
CYS OXT HXT  sing N N 82  
GLN N   CA   sing N N 83  
GLN N   H    sing N N 84  
GLN N   H2   sing N N 85  
GLN CA  C    sing N N 86  
GLN CA  CB   sing N N 87  
GLN CA  HA   sing N N 88  
GLN C   O    doub N N 89  
GLN C   OXT  sing N N 90  
GLN CB  CG   sing N N 91  
GLN CB  HB2  sing N N 92  
GLN CB  HB3  sing N N 93  
GLN CG  CD   sing N N 94  
GLN CG  HG2  sing N N 95  
GLN CG  HG3  sing N N 96  
GLN CD  OE1  doub N N 97  
GLN CD  NE2  sing N N 98  
GLN NE2 HE21 sing N N 99  
GLN NE2 HE22 sing N N 100 
GLN OXT HXT  sing N N 101 
GLU N   CA   sing N N 102 
GLU N   H    sing N N 103 
GLU N   H2   sing N N 104 
GLU CA  C    sing N N 105 
GLU CA  CB   sing N N 106 
GLU CA  HA   sing N N 107 
GLU C   O    doub N N 108 
GLU C   OXT  sing N N 109 
GLU CB  CG   sing N N 110 
GLU CB  HB2  sing N N 111 
GLU CB  HB3  sing N N 112 
GLU CG  CD   sing N N 113 
GLU CG  HG2  sing N N 114 
GLU CG  HG3  sing N N 115 
GLU CD  OE1  doub N N 116 
GLU CD  OE2  sing N N 117 
GLU OE2 HE2  sing N N 118 
GLU OXT HXT  sing N N 119 
GLY N   CA   sing N N 120 
GLY N   H    sing N N 121 
GLY N   H2   sing N N 122 
GLY CA  C    sing N N 123 
GLY CA  HA2  sing N N 124 
GLY CA  HA3  sing N N 125 
GLY C   O    doub N N 126 
GLY C   OXT  sing N N 127 
GLY OXT HXT  sing N N 128 
HIS N   CA   sing N N 129 
HIS N   H    sing N N 130 
HIS N   H2   sing N N 131 
HIS CA  C    sing N N 132 
HIS CA  CB   sing N N 133 
HIS CA  HA   sing N N 134 
HIS C   O    doub N N 135 
HIS C   OXT  sing N N 136 
HIS CB  CG   sing N N 137 
HIS CB  HB2  sing N N 138 
HIS CB  HB3  sing N N 139 
HIS CG  ND1  sing Y N 140 
HIS CG  CD2  doub Y N 141 
HIS ND1 CE1  doub Y N 142 
HIS ND1 HD1  sing N N 143 
HIS CD2 NE2  sing Y N 144 
HIS CD2 HD2  sing N N 145 
HIS CE1 NE2  sing Y N 146 
HIS CE1 HE1  sing N N 147 
HIS NE2 HE2  sing N N 148 
HIS OXT HXT  sing N N 149 
HOH O   H1   sing N N 150 
HOH O   H2   sing N N 151 
ILE N   CA   sing N N 152 
ILE N   H    sing N N 153 
ILE N   H2   sing N N 154 
ILE CA  C    sing N N 155 
ILE CA  CB   sing N N 156 
ILE CA  HA   sing N N 157 
ILE C   O    doub N N 158 
ILE C   OXT  sing N N 159 
ILE CB  CG1  sing N N 160 
ILE CB  CG2  sing N N 161 
ILE CB  HB   sing N N 162 
ILE CG1 CD1  sing N N 163 
ILE CG1 HG12 sing N N 164 
ILE CG1 HG13 sing N N 165 
ILE CG2 HG21 sing N N 166 
ILE CG2 HG22 sing N N 167 
ILE CG2 HG23 sing N N 168 
ILE CD1 HD11 sing N N 169 
ILE CD1 HD12 sing N N 170 
ILE CD1 HD13 sing N N 171 
ILE OXT HXT  sing N N 172 
LEU N   CA   sing N N 173 
LEU N   H    sing N N 174 
LEU N   H2   sing N N 175 
LEU CA  C    sing N N 176 
LEU CA  CB   sing N N 177 
LEU CA  HA   sing N N 178 
LEU C   O    doub N N 179 
LEU C   OXT  sing N N 180 
LEU CB  CG   sing N N 181 
LEU CB  HB2  sing N N 182 
LEU CB  HB3  sing N N 183 
LEU CG  CD1  sing N N 184 
LEU CG  CD2  sing N N 185 
LEU CG  HG   sing N N 186 
LEU CD1 HD11 sing N N 187 
LEU CD1 HD12 sing N N 188 
LEU CD1 HD13 sing N N 189 
LEU CD2 HD21 sing N N 190 
LEU CD2 HD22 sing N N 191 
LEU CD2 HD23 sing N N 192 
LEU OXT HXT  sing N N 193 
LYS N   CA   sing N N 194 
LYS N   H    sing N N 195 
LYS N   H2   sing N N 196 
LYS CA  C    sing N N 197 
LYS CA  CB   sing N N 198 
LYS CA  HA   sing N N 199 
LYS C   O    doub N N 200 
LYS C   OXT  sing N N 201 
LYS CB  CG   sing N N 202 
LYS CB  HB2  sing N N 203 
LYS CB  HB3  sing N N 204 
LYS CG  CD   sing N N 205 
LYS CG  HG2  sing N N 206 
LYS CG  HG3  sing N N 207 
LYS CD  CE   sing N N 208 
LYS CD  HD2  sing N N 209 
LYS CD  HD3  sing N N 210 
LYS CE  NZ   sing N N 211 
LYS CE  HE2  sing N N 212 
LYS CE  HE3  sing N N 213 
LYS NZ  HZ1  sing N N 214 
LYS NZ  HZ2  sing N N 215 
LYS NZ  HZ3  sing N N 216 
LYS OXT HXT  sing N N 217 
MET N   CA   sing N N 218 
MET N   H    sing N N 219 
MET N   H2   sing N N 220 
MET CA  C    sing N N 221 
MET CA  CB   sing N N 222 
MET CA  HA   sing N N 223 
MET C   O    doub N N 224 
MET C   OXT  sing N N 225 
MET CB  CG   sing N N 226 
MET CB  HB2  sing N N 227 
MET CB  HB3  sing N N 228 
MET CG  SD   sing N N 229 
MET CG  HG2  sing N N 230 
MET CG  HG3  sing N N 231 
MET SD  CE   sing N N 232 
MET CE  HE1  sing N N 233 
MET CE  HE2  sing N N 234 
MET CE  HE3  sing N N 235 
MET OXT HXT  sing N N 236 
PHE N   CA   sing N N 237 
PHE N   H    sing N N 238 
PHE N   H2   sing N N 239 
PHE CA  C    sing N N 240 
PHE CA  CB   sing N N 241 
PHE CA  HA   sing N N 242 
PHE C   O    doub N N 243 
PHE C   OXT  sing N N 244 
PHE CB  CG   sing N N 245 
PHE CB  HB2  sing N N 246 
PHE CB  HB3  sing N N 247 
PHE CG  CD1  doub Y N 248 
PHE CG  CD2  sing Y N 249 
PHE CD1 CE1  sing Y N 250 
PHE CD1 HD1  sing N N 251 
PHE CD2 CE2  doub Y N 252 
PHE CD2 HD2  sing N N 253 
PHE CE1 CZ   doub Y N 254 
PHE CE1 HE1  sing N N 255 
PHE CE2 CZ   sing Y N 256 
PHE CE2 HE2  sing N N 257 
PHE CZ  HZ   sing N N 258 
PHE OXT HXT  sing N N 259 
PRO N   CA   sing N N 260 
PRO N   CD   sing N N 261 
PRO N   H    sing N N 262 
PRO CA  C    sing N N 263 
PRO CA  CB   sing N N 264 
PRO CA  HA   sing N N 265 
PRO C   O    doub N N 266 
PRO C   OXT  sing N N 267 
PRO CB  CG   sing N N 268 
PRO CB  HB2  sing N N 269 
PRO CB  HB3  sing N N 270 
PRO CG  CD   sing N N 271 
PRO CG  HG2  sing N N 272 
PRO CG  HG3  sing N N 273 
PRO CD  HD2  sing N N 274 
PRO CD  HD3  sing N N 275 
PRO OXT HXT  sing N N 276 
SER N   CA   sing N N 277 
SER N   H    sing N N 278 
SER N   H2   sing N N 279 
SER CA  C    sing N N 280 
SER CA  CB   sing N N 281 
SER CA  HA   sing N N 282 
SER C   O    doub N N 283 
SER C   OXT  sing N N 284 
SER CB  OG   sing N N 285 
SER CB  HB2  sing N N 286 
SER CB  HB3  sing N N 287 
SER OG  HG   sing N N 288 
SER OXT HXT  sing N N 289 
THR N   CA   sing N N 290 
THR N   H    sing N N 291 
THR N   H2   sing N N 292 
THR CA  C    sing N N 293 
THR CA  CB   sing N N 294 
THR CA  HA   sing N N 295 
THR C   O    doub N N 296 
THR C   OXT  sing N N 297 
THR CB  OG1  sing N N 298 
THR CB  CG2  sing N N 299 
THR CB  HB   sing N N 300 
THR OG1 HG1  sing N N 301 
THR CG2 HG21 sing N N 302 
THR CG2 HG22 sing N N 303 
THR CG2 HG23 sing N N 304 
THR OXT HXT  sing N N 305 
TRP N   CA   sing N N 306 
TRP N   H    sing N N 307 
TRP N   H2   sing N N 308 
TRP CA  C    sing N N 309 
TRP CA  CB   sing N N 310 
TRP CA  HA   sing N N 311 
TRP C   O    doub N N 312 
TRP C   OXT  sing N N 313 
TRP CB  CG   sing N N 314 
TRP CB  HB2  sing N N 315 
TRP CB  HB3  sing N N 316 
TRP CG  CD1  doub Y N 317 
TRP CG  CD2  sing Y N 318 
TRP CD1 NE1  sing Y N 319 
TRP CD1 HD1  sing N N 320 
TRP CD2 CE2  doub Y N 321 
TRP CD2 CE3  sing Y N 322 
TRP NE1 CE2  sing Y N 323 
TRP NE1 HE1  sing N N 324 
TRP CE2 CZ2  sing Y N 325 
TRP CE3 CZ3  doub Y N 326 
TRP CE3 HE3  sing N N 327 
TRP CZ2 CH2  doub Y N 328 
TRP CZ2 HZ2  sing N N 329 
TRP CZ3 CH2  sing Y N 330 
TRP CZ3 HZ3  sing N N 331 
TRP CH2 HH2  sing N N 332 
TRP OXT HXT  sing N N 333 
TYR N   CA   sing N N 334 
TYR N   H    sing N N 335 
TYR N   H2   sing N N 336 
TYR CA  C    sing N N 337 
TYR CA  CB   sing N N 338 
TYR CA  HA   sing N N 339 
TYR C   O    doub N N 340 
TYR C   OXT  sing N N 341 
TYR CB  CG   sing N N 342 
TYR CB  HB2  sing N N 343 
TYR CB  HB3  sing N N 344 
TYR CG  CD1  doub Y N 345 
TYR CG  CD2  sing Y N 346 
TYR CD1 CE1  sing Y N 347 
TYR CD1 HD1  sing N N 348 
TYR CD2 CE2  doub Y N 349 
TYR CD2 HD2  sing N N 350 
TYR CE1 CZ   doub Y N 351 
TYR CE1 HE1  sing N N 352 
TYR CE2 CZ   sing Y N 353 
TYR CE2 HE2  sing N N 354 
TYR CZ  OH   sing N N 355 
TYR OH  HH   sing N N 356 
TYR OXT HXT  sing N N 357 
VAL N   CA   sing N N 358 
VAL N   H    sing N N 359 
VAL N   H2   sing N N 360 
VAL CA  C    sing N N 361 
VAL CA  CB   sing N N 362 
VAL CA  HA   sing N N 363 
VAL C   O    doub N N 364 
VAL C   OXT  sing N N 365 
VAL CB  CG1  sing N N 366 
VAL CB  CG2  sing N N 367 
VAL CB  HB   sing N N 368 
VAL CG1 HG11 sing N N 369 
VAL CG1 HG12 sing N N 370 
VAL CG1 HG13 sing N N 371 
VAL CG2 HG21 sing N N 372 
VAL CG2 HG22 sing N N 373 
VAL CG2 HG23 sing N N 374 
VAL OXT HXT  sing N N 375 
# 
_pdbx_audit_support.funding_organization   'Chinese Academy of Sciences' 
_pdbx_audit_support.country                China 
_pdbx_audit_support.grant_number           XDB37030305 
_pdbx_audit_support.ordinal                1 
# 
_pdbx_initial_refinement_model.id               1 
_pdbx_initial_refinement_model.entity_id_list   ? 
_pdbx_initial_refinement_model.type             'experimental model' 
_pdbx_initial_refinement_model.source_name      PDB 
_pdbx_initial_refinement_model.accession_code   8ytf 
_pdbx_initial_refinement_model.details          ? 
# 
_atom_sites.entry_id                    8YTG 
_atom_sites.Cartn_transf_matrix[1][1]   ? 
_atom_sites.Cartn_transf_matrix[1][2]   ? 
_atom_sites.Cartn_transf_matrix[1][3]   ? 
_atom_sites.Cartn_transf_matrix[2][1]   ? 
_atom_sites.Cartn_transf_matrix[2][2]   ? 
_atom_sites.Cartn_transf_matrix[2][3]   ? 
_atom_sites.Cartn_transf_matrix[3][1]   ? 
_atom_sites.Cartn_transf_matrix[3][2]   ? 
_atom_sites.Cartn_transf_matrix[3][3]   ? 
_atom_sites.Cartn_transf_vector[1]      ? 
_atom_sites.Cartn_transf_vector[2]      ? 
_atom_sites.Cartn_transf_vector[3]      ? 
_atom_sites.Cartn_transform_axes        ? 
_atom_sites.fract_transf_matrix[1][1]   -0.03025301 
_atom_sites.fract_transf_matrix[1][2]   -0.01721951 
_atom_sites.fract_transf_matrix[1][3]   -0.01841101 
_atom_sites.fract_transf_matrix[2][1]   0.01495757 
_atom_sites.fract_transf_matrix[2][2]   -0.01892357 
_atom_sites.fract_transf_matrix[2][3]   -0.00687943 
_atom_sites.fract_transf_matrix[3][1]   -0.01339499 
_atom_sites.fract_transf_matrix[3][2]   -0.01747335 
_atom_sites.fract_transf_matrix[3][3]   0.01894075 
_atom_sites.fract_transf_vector[1]      -0.023798 
_atom_sites.fract_transf_vector[2]      0.146175 
_atom_sites.fract_transf_vector[3]      0.291993 
_atom_sites.solution_primary            ? 
_atom_sites.solution_secondary          ? 
_atom_sites.solution_hydrogens          ? 
_atom_sites.special_details             ? 
# 
loop_
_atom_type.symbol 
C  
N  
O  
S  
ZN 
# 
loop_
_atom_site.group_PDB 
_atom_site.id 
_atom_site.type_symbol 
_atom_site.label_atom_id 
_atom_site.label_alt_id 
_atom_site.label_comp_id 
_atom_site.label_asym_id 
_atom_site.label_entity_id 
_atom_site.label_seq_id 
_atom_site.pdbx_PDB_ins_code 
_atom_site.Cartn_x 
_atom_site.Cartn_y 
_atom_site.Cartn_z 
_atom_site.occupancy 
_atom_site.B_iso_or_equiv 
_atom_site.pdbx_formal_charge 
_atom_site.auth_seq_id 
_atom_site.auth_comp_id 
_atom_site.auth_asym_id 
_atom_site.auth_atom_id 
_atom_site.pdbx_PDB_model_num 
ATOM   1   N  N   . PRO A 1 8  ? 6.136   -7.238  -16.202 1.00 24.44 ? 503 PRO A N   1 
ATOM   2   C  CA  . PRO A 1 8  ? 6.762   -7.729  -14.972 1.00 21.12 ? 503 PRO A CA  1 
ATOM   3   C  C   . PRO A 1 8  ? 6.102   -7.143  -13.720 1.00 14.45 ? 503 PRO A C   1 
ATOM   4   O  O   . PRO A 1 8  ? 5.640   -6.004  -13.762 1.00 18.91 ? 503 PRO A O   1 
ATOM   5   C  CB  . PRO A 1 8  ? 8.198   -7.229  -15.106 1.00 21.14 ? 503 PRO A CB  1 
ATOM   6   C  CG  . PRO A 1 8  ? 8.444   -7.216  -16.566 1.00 21.93 ? 503 PRO A CG  1 
ATOM   7   C  CD  . PRO A 1 8  ? 7.138   -6.787  -17.185 1.00 20.29 ? 503 PRO A CD  1 
ATOM   8   N  N   . LEU A 1 9  ? 6.063   -7.913  -12.631 1.00 13.60 ? 504 LEU A N   1 
ATOM   9   C  CA  . LEU A 1 9  ? 5.504   -7.432  -11.366 1.00 11.23 ? 504 LEU A CA  1 
ATOM   10  C  C   . LEU A 1 9  ? 6.470   -6.473  -10.682 1.00 9.62  ? 504 LEU A C   1 
ATOM   11  O  O   . LEU A 1 9  ? 7.522   -6.883  -10.164 1.00 12.02 ? 504 LEU A O   1 
ATOM   12  C  CB  . LEU A 1 9  ? 5.071   -8.576  -10.451 1.00 16.86 ? 504 LEU A CB  1 
ATOM   13  C  CG  . LEU A 1 9  ? 4.454   -9.836  -11.064 1.00 22.94 ? 504 LEU A CG  1 
ATOM   14  C  CD1 . LEU A 1 9  ? 3.860   -10.714 -9.978  1.00 22.45 ? 504 LEU A CD1 1 
ATOM   15  C  CD2 . LEU A 1 9  ? 3.362   -9.444  -12.032 1.00 23.50 ? 504 LEU A CD2 1 
ATOM   16  N  N   . CYS A 1 10 ? 6.101   -5.190  -10.695 1.00 12.06 ? 505 CYS A N   1 
ATOM   17  C  CA  . CYS A 1 10 ? 6.984   -4.102  -10.324 1.00 9.85  ? 505 CYS A CA  1 
ATOM   18  C  C   . CYS A 1 10 ? 6.214   -3.104  -9.481  1.00 8.21  ? 505 CYS A C   1 
ATOM   19  O  O   . CYS A 1 10 ? 5.007   -2.927  -9.648  1.00 10.67 ? 505 CYS A O   1 
ATOM   20  C  CB  . CYS A 1 10 ? 7.472   -3.385  -11.588 1.00 10.07 ? 505 CYS A CB  1 
ATOM   21  S  SG  . CYS A 1 10 ? 8.662   -4.329  -12.569 1.00 12.66 ? 505 CYS A SG  1 
ATOM   22  N  N   . CYS A 1 11 ? 6.937   -2.419  -8.604  1.00 8.70  ? 506 CYS A N   1 
ATOM   23  C  CA  . CYS A 1 11 ? 6.346   -1.359  -7.798  1.00 8.12  ? 506 CYS A CA  1 
ATOM   24  C  C   . CYS A 1 11 ? 5.845   -0.230  -8.687  1.00 8.89  ? 506 CYS A C   1 
ATOM   25  O  O   . CYS A 1 11 ? 6.571   0.259   -9.561  1.00 10.74 ? 506 CYS A O   1 
ATOM   26  C  CB  . CYS A 1 11 ? 7.409   -0.806  -6.852  1.00 8.62  ? 506 CYS A CB  1 
ATOM   27  S  SG  . CYS A 1 11 ? 6.867   0.555   -5.828  1.00 8.88  ? 506 CYS A SG  1 
ATOM   28  N  N   . THR A 1 12 ? 4.611   0.208   -8.433  1.00 9.03  ? 507 THR A N   1 
ATOM   29  C  CA  . THR A 1 12 ? 4.003   1.288   -9.209  1.00 9.51  ? 507 THR A CA  1 
ATOM   30  C  C   . THR A 1 12 ? 4.790   2.588   -9.112  1.00 12.37 ? 507 THR A C   1 
ATOM   31  O  O   . THR A 1 12 ? 4.836   3.359   -10.080 1.00 14.03 ? 507 THR A O   1 
ATOM   32  C  CB  . THR A 1 12 ? 2.573   1.503   -8.699  1.00 12.06 ? 507 THR A CB  1 
ATOM   33  O  OG1 . THR A 1 12 ? 1.797   0.332   -8.955  1.00 10.21 ? 507 THR A OG1 1 
ATOM   34  C  CG2 . THR A 1 12 ? 1.902   2.707   -9.355  1.00 12.51 ? 507 THR A CG2 1 
ATOM   35  N  N   . LEU A 1 13 ? 5.420   2.848   -7.971  1.00 11.83 ? 508 LEU A N   1 
ATOM   36  C  CA  . LEU A 1 13 ? 6.092   4.125   -7.758  1.00 10.18 ? 508 LEU A CA  1 
ATOM   37  C  C   . LEU A 1 13 ? 7.555   4.124   -8.202  1.00 12.79 ? 508 LEU A C   1 
ATOM   38  O  O   . LEU A 1 13 ? 7.967   5.014   -8.951  1.00 18.12 ? 508 LEU A O   1 
ATOM   39  C  CB  . LEU A 1 13 ? 5.943   4.563   -6.296  1.00 12.76 ? 508 LEU A CB  1 
ATOM   40  C  CG  . LEU A 1 13 ? 4.498   4.720   -5.811  1.00 11.30 ? 508 LEU A CG  1 
ATOM   41  C  CD1 . LEU A 1 13 ? 4.442   5.023   -4.320  1.00 12.59 ? 508 LEU A CD1 1 
ATOM   42  C  CD2 . LEU A 1 13 ? 3.790   5.816   -6.610  1.00 14.03 ? 508 LEU A CD2 1 
ATOM   43  N  N   . CYS A 1 14 ? 8.358   3.157   -7.749  1.00 9.83  ? 509 CYS A N   1 
ATOM   44  C  CA  . CYS A 1 14 ? 9.794   3.144   -8.055  1.00 11.37 ? 509 CYS A CA  1 
ATOM   45  C  C   . CYS A 1 14 ? 10.199  2.147   -9.141  1.00 12.15 ? 509 CYS A C   1 
ATOM   46  O  O   . CYS A 1 14 ? 11.371  2.149   -9.552  1.00 12.38 ? 509 CYS A O   1 
ATOM   47  C  CB  . CYS A 1 14 ? 10.622  2.890   -6.793  1.00 12.88 ? 509 CYS A CB  1 
ATOM   48  S  SG  . CYS A 1 14 ? 10.557  1.177   -6.231  1.00 10.93 ? 509 CYS A SG  1 
ATOM   49  N  N   . HIS A 1 15 ? 9.278   1.294   -9.588  1.00 10.13 ? 510 HIS A N   1 
ATOM   50  C  CA  . HIS A 1 15 ? 9.444   0.329   -10.673 1.00 12.66 ? 510 HIS A CA  1 
ATOM   51  C  C   . HIS A 1 15 ? 10.306  -0.870  -10.305 1.00 11.73 ? 510 HIS A C   1 
ATOM   52  O  O   . HIS A 1 15 ? 10.590  -1.699  -11.170 1.00 10.44 ? 510 HIS A O   1 
ATOM   53  C  CB  . HIS A 1 15 ? 9.941   0.992   -11.956 1.00 12.25 ? 510 HIS A CB  1 
ATOM   54  C  CG  . HIS A 1 15 ? 9.234   2.268   -12.259 1.00 13.91 ? 510 HIS A CG  1 
ATOM   55  N  ND1 . HIS A 1 15 ? 7.916   2.312   -12.658 1.00 15.94 ? 510 HIS A ND1 1 
ATOM   56  C  CD2 . HIS A 1 15 ? 9.644   3.554   -12.159 1.00 15.30 ? 510 HIS A CD2 1 
ATOM   57  C  CE1 . HIS A 1 15 ? 7.553   3.573   -12.822 1.00 16.82 ? 510 HIS A CE1 1 
ATOM   58  N  NE2 . HIS A 1 15 ? 8.581   4.346   -12.522 1.00 16.15 ? 510 HIS A NE2 1 
ATOM   59  N  N   . GLU A 1 16 ? 10.726  -0.996  -9.045  1.00 8.89  ? 511 GLU A N   1 
ATOM   60  C  CA  . GLU A 1 16 ? 11.503  -2.164  -8.650  1.00 12.49 ? 511 GLU A CA  1 
ATOM   61  C  C   . GLU A 1 16 ? 10.700  -3.450  -8.775  1.00 12.06 ? 511 GLU A C   1 
ATOM   62  O  O   . GLU A 1 16 ? 9.519   -3.512  -8.425  1.00 10.84 ? 511 GLU A O   1 
ATOM   63  C  CB  . GLU A 1 16 ? 12.033  -2.013  -7.220  1.00 15.34 ? 511 GLU A CB  1 
ATOM   64  C  CG  . GLU A 1 16 ? 13.100  -3.046  -6.855  1.00 18.03 ? 511 GLU A CG  1 
ATOM   65  C  CD  . GLU A 1 16 ? 14.489  -2.770  -7.449  1.00 23.98 ? 511 GLU A CD  1 
ATOM   66  O  OE1 . GLU A 1 16 ? 14.619  -1.917  -8.358  1.00 24.08 ? 511 GLU A OE1 1 
ATOM   67  O  OE2 . GLU A 1 16 ? 15.455  -3.428  -6.996  1.00 31.43 ? 511 GLU A OE2 1 
ATOM   68  N  N   . ARG A 1 17 ? 11.361  -4.486  -9.274  1.00 12.22 ? 512 ARG A N   1 
ATOM   69  C  CA  . ARG A 1 17 ? 10.760  -5.806  -9.347  1.00 10.31 ? 512 ARG A CA  1 
ATOM   70  C  C   . ARG A 1 17 ? 10.416  -6.314  -7.948  1.00 12.50 ? 512 ARG A C   1 
ATOM   71  O  O   . ARG A 1 17 ? 11.202  -6.179  -7.006  1.00 12.72 ? 512 ARG A O   1 
ATOM   72  C  CB  . ARG A 1 17 ? 11.751  -6.741  -10.030 1.00 11.71 ? 512 ARG A CB  1 
ATOM   73  C  CG  . ARG A 1 17 ? 11.700  -6.672  -11.566 1.00 12.36 ? 512 ARG A CG  1 
ATOM   74  C  CD  . ARG A 1 17 ? 12.846  -7.461  -12.152 1.00 16.47 ? 512 ARG A CD  1 
ATOM   75  N  NE  . ARG A 1 17 ? 12.506  -8.865  -12.335 1.00 16.63 ? 512 ARG A NE  1 
ATOM   76  C  CZ  . ARG A 1 17 ? 11.643  -9.361  -13.213 1.00 18.26 ? 512 ARG A CZ  1 
ATOM   77  N  NH1 . ARG A 1 17 ? 11.052  -8.600  -14.119 1.00 17.19 ? 512 ARG A NH1 1 
ATOM   78  N  NH2 . ARG A 1 17 ? 11.382  -10.665 -13.191 1.00 17.77 ? 512 ARG A NH2 1 
ATOM   79  N  N   . LEU A 1 18 ? 9.226   -6.901  -7.815  1.00 10.22 ? 513 LEU A N   1 
ATOM   80  C  CA  . LEU A 1 18 ? 8.724   -7.301  -6.506  1.00 10.06 ? 513 LEU A CA  1 
ATOM   81  C  C   . LEU A 1 18 ? 9.041   -8.739  -6.129  1.00 12.75 ? 513 LEU A C   1 
ATOM   82  O  O   . LEU A 1 18 ? 8.760   -9.125  -4.989  1.00 10.82 ? 513 LEU A O   1 
ATOM   83  C  CB  . LEU A 1 18 ? 7.216   -7.069  -6.403  1.00 11.96 ? 513 LEU A CB  1 
ATOM   84  C  CG  . LEU A 1 18 ? 6.791   -5.621  -6.646  1.00 11.18 ? 513 LEU A CG  1 
ATOM   85  C  CD1 . LEU A 1 18 ? 5.298   -5.537  -6.843  1.00 10.74 ? 513 LEU A CD1 1 
ATOM   86  C  CD2 . LEU A 1 18 ? 7.276   -4.709  -5.506  1.00 10.71 ? 513 LEU A CD2 1 
ATOM   87  N  N   . GLU A 1 19 ? 9.620   -9.526  -7.036  1.00 11.80 ? 514 GLU A N   1 
ATOM   88  C  CA  . GLU A 1 19 ? 9.902   -10.921 -6.742  1.00 11.95 ? 514 GLU A CA  1 
ATOM   89  C  C   . GLU A 1 19 ? 10.735  -11.022 -5.467  1.00 10.02 ? 514 GLU A C   1 
ATOM   90  O  O   . GLU A 1 19 ? 11.653  -10.225 -5.237  1.00 11.35 ? 514 GLU A O   1 
ATOM   91  C  CB  . GLU A 1 19 ? 10.689  -11.549 -7.900  1.00 15.16 ? 514 GLU A CB  1 
ATOM   92  C  CG  . GLU A 1 19 ? 11.975  -10.809 -8.255  1.00 17.79 ? 514 GLU A CG  1 
ATOM   93  C  CD  . GLU A 1 19 ? 12.399  -10.969 -9.712  1.00 24.13 ? 514 GLU A CD  1 
ATOM   94  O  OE1 . GLU A 1 19 ? 11.768  -11.764 -10.447 1.00 23.83 ? 514 GLU A OE1 1 
ATOM   95  O  OE2 . GLU A 1 19 ? 13.396  -10.322 -10.105 1.00 20.63 ? 514 GLU A OE2 1 
ATOM   96  N  N   . ASP A 1 20 ? 10.396  -12.004 -4.629  1.00 9.44  ? 515 ASP A N   1 
ATOM   97  C  CA  . ASP A 1 20 ? 11.157  -12.342 -3.425  1.00 11.37 ? 515 ASP A CA  1 
ATOM   98  C  C   . ASP A 1 20 ? 11.150  -11.238 -2.371  1.00 12.07 ? 515 ASP A C   1 
ATOM   99  O  O   . ASP A 1 20 ? 11.989  -11.243 -1.464  1.00 12.19 ? 515 ASP A O   1 
ATOM   100 C  CB  . ASP A 1 20 ? 12.594  -12.781 -3.758  1.00 14.49 ? 515 ASP A CB  1 
ATOM   101 C  CG  . ASP A 1 20 ? 12.654  -13.728 -4.937  1.00 16.10 ? 515 ASP A CG  1 
ATOM   102 O  OD1 . ASP A 1 20 ? 11.780  -14.612 -5.057  1.00 17.35 ? 515 ASP A OD1 1 
ATOM   103 O  OD2 . ASP A 1 20 ? 13.580  -13.568 -5.767  1.00 21.61 ? 515 ASP A OD2 1 
ATOM   104 N  N   . THR A 1 21 ? 10.229  -10.277 -2.490  1.00 8.83  ? 516 THR A N   1 
ATOM   105 C  CA  . THR A 1 21 ? 9.998   -9.255  -1.479  1.00 7.82  ? 516 THR A CA  1 
ATOM   106 C  C   . THR A 1 21 ? 8.509   -9.154  -1.180  1.00 7.34  ? 516 THR A C   1 
ATOM   107 O  O   . THR A 1 21 ? 7.654   -9.590  -1.960  1.00 8.80  ? 516 THR A O   1 
ATOM   108 C  CB  . THR A 1 21 ? 10.531  -7.879  -1.909  1.00 8.99  ? 516 THR A CB  1 
ATOM   109 O  OG1 . THR A 1 21 ? 9.647   -7.313  -2.875  1.00 10.95 ? 516 THR A OG1 1 
ATOM   110 C  CG2 . THR A 1 21 ? 11.938  -7.976  -2.479  1.00 11.46 ? 516 THR A CG2 1 
ATOM   111 N  N   . HIS A 1 22 ? 8.205   -8.596  -0.020  1.00 7.28  ? 517 HIS A N   1 
ATOM   112 C  CA  . HIS A 1 22 ? 6.820   -8.305  0.295   1.00 6.76  ? 517 HIS A CA  1 
ATOM   113 C  C   . HIS A 1 22 ? 6.401   -6.991  -0.337  1.00 8.84  ? 517 HIS A C   1 
ATOM   114 O  O   . HIS A 1 22 ? 7.225   -6.124  -0.624  1.00 9.12  ? 517 HIS A O   1 
ATOM   115 C  CB  . HIS A 1 22 ? 6.637   -8.258  1.811   1.00 8.22  ? 517 HIS A CB  1 
ATOM   116 C  CG  . HIS A 1 22 ? 6.642   -9.614  2.432   1.00 7.70  ? 517 HIS A CG  1 
ATOM   117 N  ND1 . HIS A 1 22 ? 5.776   -10.601 2.027   1.00 8.14  ? 517 HIS A ND1 1 
ATOM   118 C  CD2 . HIS A 1 22 ? 7.454   -10.181 3.357   1.00 8.41  ? 517 HIS A CD2 1 
ATOM   119 C  CE1 . HIS A 1 22 ? 6.019   -11.709 2.709   1.00 7.90  ? 517 HIS A CE1 1 
ATOM   120 N  NE2 . HIS A 1 22 ? 7.033   -11.481 3.524   1.00 8.85  ? 517 HIS A NE2 1 
ATOM   121 N  N   . PHE A 1 23 ? 5.095   -6.855  -0.557  1.00 6.55  ? 518 PHE A N   1 
ATOM   122 C  CA  . PHE A 1 23 ? 4.573   -5.656  -1.187  1.00 6.39  ? 518 PHE A CA  1 
ATOM   123 C  C   . PHE A 1 23 ? 3.122   -5.480  -0.792  1.00 7.76  ? 518 PHE A C   1 
ATOM   124 O  O   . PHE A 1 23 ? 2.496   -6.389  -0.259  1.00 7.50  ? 518 PHE A O   1 
ATOM   125 C  CB  . PHE A 1 23 ? 4.736   -5.691  -2.712  1.00 8.11  ? 518 PHE A CB  1 
ATOM   126 C  CG  . PHE A 1 23 ? 3.955   -6.777  -3.404  1.00 7.50  ? 518 PHE A CG  1 
ATOM   127 C  CD1 . PHE A 1 23 ? 4.482   -8.053  -3.558  1.00 8.85  ? 518 PHE A CD1 1 
ATOM   128 C  CD2 . PHE A 1 23 ? 2.709   -6.506  -3.955  1.00 7.82  ? 518 PHE A CD2 1 
ATOM   129 C  CE1 . PHE A 1 23 ? 3.779   -9.029  -4.235  1.00 8.95  ? 518 PHE A CE1 1 
ATOM   130 C  CE2 . PHE A 1 23 ? 2.004   -7.480  -4.643  1.00 8.29  ? 518 PHE A CE2 1 
ATOM   131 C  CZ  . PHE A 1 23 ? 2.528   -8.739  -4.776  1.00 9.18  ? 518 PHE A CZ  1 
ATOM   132 N  N   . VAL A 1 24 ? 2.615   -4.276  -1.038  1.00 7.15  ? 519 VAL A N   1 
ATOM   133 C  CA  . VAL A 1 24 ? 1.237   -3.892  -0.762  1.00 4.74  ? 519 VAL A CA  1 
ATOM   134 C  C   . VAL A 1 24 ? 0.461   -3.961  -2.069  1.00 7.34  ? 519 VAL A C   1 
ATOM   135 O  O   . VAL A 1 24 ? 0.917   -3.437  -3.095  1.00 6.85  ? 519 VAL A O   1 
ATOM   136 C  CB  . VAL A 1 24 ? 1.195   -2.462  -0.202  1.00 5.31  ? 519 VAL A CB  1 
ATOM   137 C  CG1 . VAL A 1 24 ? -0.230  -1.913  -0.215  1.00 6.72  ? 519 VAL A CG1 1 
ATOM   138 C  CG2 . VAL A 1 24 ? 1.787   -2.427  1.204   1.00 7.31  ? 519 VAL A CG2 1 
ATOM   139 N  N   . GLN A 1 25 ? -0.715  -4.577  -2.030  1.00 7.39  ? 520 GLN A N   1 
ATOM   140 C  CA  . GLN A 1 25 ? -1.588  -4.710  -3.194  1.00 6.61  ? 520 GLN A CA  1 
ATOM   141 C  C   . GLN A 1 25 ? -2.868  -3.917  -2.951  1.00 5.70  ? 520 GLN A C   1 
ATOM   142 O  O   . GLN A 1 25 ? -3.629  -4.223  -2.024  1.00 7.34  ? 520 GLN A O   1 
ATOM   143 C  CB  . GLN A 1 25 ? -1.933  -6.181  -3.415  1.00 7.55  ? 520 GLN A CB  1 
ATOM   144 C  CG  . GLN A 1 25 ? -2.952  -6.416  -4.479  1.00 10.58 ? 520 GLN A CG  1 
ATOM   145 C  CD  . GLN A 1 25 ? -2.415  -6.062  -5.817  1.00 10.15 ? 520 GLN A CD  1 
ATOM   146 O  OE1 . GLN A 1 25 ? -1.526  -6.739  -6.326  1.00 14.12 ? 520 GLN A OE1 1 
ATOM   147 N  NE2 . GLN A 1 25 ? -2.947  -5.005  -6.419  1.00 11.95 ? 520 GLN A NE2 1 
ATOM   148 N  N   . CYS A 1 26 ? -3.096  -2.890  -3.768  1.00 6.71  ? 521 CYS A N   1 
ATOM   149 C  CA  . CYS A 1 26 ? -4.344  -2.143  -3.695  1.00 5.90  ? 521 CYS A CA  1 
ATOM   150 C  C   . CYS A 1 26 ? -5.506  -3.082  -3.998  1.00 8.57  ? 521 CYS A C   1 
ATOM   151 O  O   . CYS A 1 26 ? -5.465  -3.801  -5.002  1.00 7.65  ? 521 CYS A O   1 
ATOM   152 C  CB  . CYS A 1 26 ? -4.279  -1.035  -4.741  1.00 6.27  ? 521 CYS A CB  1 
ATOM   153 S  SG  . CYS A 1 26 ? -5.790  -0.081  -5.001  1.00 5.72  ? 521 CYS A SG  1 
ATOM   154 N  N   . PRO A 1 27 ? -6.554  -3.098  -3.172  1.00 7.29  ? 522 PRO A N   1 
ATOM   155 C  CA  . PRO A 1 27 ? -7.660  -4.039  -3.407  1.00 9.59  ? 522 PRO A CA  1 
ATOM   156 C  C   . PRO A 1 27 ? -8.429  -3.811  -4.700  1.00 7.92  ? 522 PRO A C   1 
ATOM   157 O  O   . PRO A 1 27 ? -8.923  -4.782  -5.291  1.00 9.55  ? 522 PRO A O   1 
ATOM   158 C  CB  . PRO A 1 27 ? -8.569  -3.814  -2.189  1.00 10.52 ? 522 PRO A CB  1 
ATOM   159 C  CG  . PRO A 1 27 ? -7.676  -3.250  -1.140  1.00 12.17 ? 522 PRO A CG  1 
ATOM   160 C  CD  . PRO A 1 27 ? -6.646  -2.443  -1.855  1.00 7.94  ? 522 PRO A CD  1 
ATOM   161 N  N   . SER A 1 28 ? -8.562  -2.570  -5.164  1.00 7.83  ? 523 SER A N   1 
ATOM   162 C  CA  . SER A 1 28 ? -9.451  -2.303  -6.289  1.00 7.23  ? 523 SER A CA  1 
ATOM   163 C  C   . SER A 1 28 ? -8.730  -2.023  -7.595  1.00 8.56  ? 523 SER A C   1 
ATOM   164 O  O   . SER A 1 28 ? -9.394  -1.886  -8.630  1.00 8.65  ? 523 SER A O   1 
ATOM   165 C  CB  . SER A 1 28 ? -10.385 -1.134  -5.978  1.00 8.60  ? 523 SER A CB  1 
ATOM   166 O  OG  . SER A 1 28 ? -9.660  -0.014  -5.490  1.00 9.07  ? 523 SER A OG  1 
ATOM   167 N  N   . VAL A 1 29 ? -7.405  -1.941  -7.575  1.00 7.93  ? 524 VAL A N   1 
ATOM   168 C  CA  . VAL A 1 29 ? -6.615  -1.690  -8.776  1.00 7.05  ? 524 VAL A CA  1 
ATOM   169 C  C   . VAL A 1 29 ? -5.452  -2.673  -8.755  1.00 8.24  ? 524 VAL A C   1 
ATOM   170 O  O   . VAL A 1 29 ? -4.453  -2.433  -8.068  1.00 8.40  ? 524 VAL A O   1 
ATOM   171 C  CB  . VAL A 1 29 ? -6.139  -0.225  -8.840  1.00 7.55  ? 524 VAL A CB  1 
ATOM   172 C  CG1 . VAL A 1 29 ? -5.375  0.009   -10.145 1.00 7.77  ? 524 VAL A CG1 1 
ATOM   173 C  CG2 . VAL A 1 29 ? -7.302  0.750   -8.713  1.00 8.85  ? 524 VAL A CG2 1 
ATOM   174 N  N   . PRO A 1 30 ? -5.566  -3.801  -9.454  1.00 9.57  ? 525 PRO A N   1 
ATOM   175 C  CA  . PRO A 1 30 ? -4.514  -4.827  -9.396  1.00 11.21 ? 525 PRO A CA  1 
ATOM   176 C  C   . PRO A 1 30 ? -3.126  -4.313  -9.733  1.00 11.01 ? 525 PRO A C   1 
ATOM   177 O  O   . PRO A 1 30 ? -2.145  -4.767  -9.132  1.00 10.86 ? 525 PRO A O   1 
ATOM   178 C  CB  . PRO A 1 30 ? -4.995  -5.865  -10.422 1.00 14.68 ? 525 PRO A CB  1 
ATOM   179 C  CG  . PRO A 1 30 ? -6.453  -5.734  -10.394 1.00 11.14 ? 525 PRO A CG  1 
ATOM   180 C  CD  . PRO A 1 30 ? -6.750  -4.267  -10.194 1.00 9.43  ? 525 PRO A CD  1 
ATOM   181 N  N   . SER A 1 31 ? -3.016  -3.363  -10.660 1.00 9.51  ? 526 SER A N   1 
ATOM   182 C  CA  . SER A 1 31 ? -1.712  -2.846  -11.052 1.00 12.82 ? 526 SER A CA  1 
ATOM   183 C  C   . SER A 1 31 ? -1.068  -1.952  -9.992  1.00 10.58 ? 526 SER A C   1 
ATOM   184 O  O   . SER A 1 31 ? 0.131   -1.668  -10.102 1.00 11.64 ? 526 SER A O   1 
ATOM   185 C  CB  . SER A 1 31 ? -1.817  -2.123  -12.396 1.00 13.31 ? 526 SER A CB  1 
ATOM   186 O  OG  . SER A 1 31 ? -2.581  -0.935  -12.281 1.00 14.50 ? 526 SER A OG  1 
ATOM   187 N  N   . HIS A 1 32 ? -1.817  -1.524  -8.973  1.00 7.97  ? 527 HIS A N   1 
ATOM   188 C  CA  . HIS A 1 32 ? -1.280  -0.697  -7.889  1.00 7.44  ? 527 HIS A CA  1 
ATOM   189 C  C   . HIS A 1 32 ? -0.601  -1.621  -6.884  1.00 6.24  ? 527 HIS A C   1 
ATOM   190 O  O   . HIS A 1 32 ? -1.257  -2.203  -6.019  1.00 7.77  ? 527 HIS A O   1 
ATOM   191 C  CB  . HIS A 1 32 ? -2.403  0.069   -7.203  1.00 7.01  ? 527 HIS A CB  1 
ATOM   192 C  CG  . HIS A 1 32 ? -2.860  1.284   -7.940  1.00 6.46  ? 527 HIS A CG  1 
ATOM   193 N  ND1 . HIS A 1 32 ? -3.900  2.074   -7.498  1.00 7.17  ? 527 HIS A ND1 1 
ATOM   194 C  CD2 . HIS A 1 32 ? -2.412  1.851   -9.086  1.00 8.74  ? 527 HIS A CD2 1 
ATOM   195 C  CE1 . HIS A 1 32 ? -4.084  3.067   -8.351  1.00 8.37  ? 527 HIS A CE1 1 
ATOM   196 N  NE2 . HIS A 1 32 ? -3.195  2.954   -9.323  1.00 9.81  ? 527 HIS A NE2 1 
ATOM   197 N  N   . LYS A 1 33 ? 0.723   -1.768  -7.006  1.00 7.02  ? 528 LYS A N   1 
ATOM   198 C  CA  . LYS A 1 33 ? 1.531   -2.594  -6.118  1.00 6.56  ? 528 LYS A CA  1 
ATOM   199 C  C   . LYS A 1 33 ? 2.713   -1.769  -5.650  1.00 7.60  ? 528 LYS A C   1 
ATOM   200 O  O   . LYS A 1 33 ? 3.321   -1.042  -6.439  1.00 9.29  ? 528 LYS A O   1 
ATOM   201 C  CB  . LYS A 1 33 ? 2.060   -3.862  -6.791  1.00 8.54  ? 528 LYS A CB  1 
ATOM   202 C  CG  . LYS A 1 33 ? 0.996   -4.753  -7.357  1.00 9.00  ? 528 LYS A CG  1 
ATOM   203 C  CD  . LYS A 1 33 ? 1.584   -5.703  -8.382  1.00 12.41 ? 528 LYS A CD  1 
ATOM   204 C  CE  . LYS A 1 33 ? 0.524   -6.086  -9.414  1.00 19.65 ? 528 LYS A CE  1 
ATOM   205 N  NZ  . LYS A 1 33 ? -0.271  -7.240  -8.917  1.00 18.89 ? 528 LYS A NZ  1 
ATOM   206 N  N   . PHE A 1 34 ? 3.046   -1.872  -4.370  1.00 6.90  ? 529 PHE A N   1 
ATOM   207 C  CA  . PHE A 1 34 ? 4.045   -0.984  -3.787  1.00 6.01  ? 529 PHE A CA  1 
ATOM   208 C  C   . PHE A 1 34 ? 5.026   -1.752  -2.924  1.00 6.11  ? 529 PHE A C   1 
ATOM   209 O  O   . PHE A 1 34 ? 4.621   -2.513  -2.045  1.00 7.32  ? 529 PHE A O   1 
ATOM   210 C  CB  . PHE A 1 34 ? 3.361   0.105   -2.972  1.00 8.14  ? 529 PHE A CB  1 
ATOM   211 C  CG  . PHE A 1 34 ? 2.229   0.751   -3.714  1.00 6.31  ? 529 PHE A CG  1 
ATOM   212 C  CD1 . PHE A 1 34 ? 2.478   1.771   -4.618  1.00 9.62  ? 529 PHE A CD1 1 
ATOM   213 C  CD2 . PHE A 1 34 ? 0.927   0.317   -3.532  1.00 6.45  ? 529 PHE A CD2 1 
ATOM   214 C  CE1 . PHE A 1 34 ? 1.446   2.342   -5.323  1.00 7.16  ? 529 PHE A CE1 1 
ATOM   215 C  CE2 . PHE A 1 34 ? -0.107  0.883   -4.223  1.00 6.42  ? 529 PHE A CE2 1 
ATOM   216 C  CZ  . PHE A 1 34 ? 0.146   1.906   -5.119  1.00 7.76  ? 529 PHE A CZ  1 
ATOM   217 N  N   . CYS A 1 35 ? 6.316   -1.551  -3.177  1.00 7.66  ? 530 CYS A N   1 
ATOM   218 C  CA  . CYS A 1 35 ? 7.322   -2.161  -2.323  1.00 8.79  ? 530 CYS A CA  1 
ATOM   219 C  C   . CYS A 1 35 ? 7.242   -1.582  -0.908  1.00 9.15  ? 530 CYS A C   1 
ATOM   220 O  O   . CYS A 1 35 ? 6.635   -0.530  -0.665  1.00 9.33  ? 530 CYS A O   1 
ATOM   221 C  CB  . CYS A 1 35 ? 8.723   -1.970  -2.913  1.00 10.69 ? 530 CYS A CB  1 
ATOM   222 S  SG  . CYS A 1 35 ? 9.377   -0.287  -2.901  1.00 10.26 ? 530 CYS A SG  1 
ATOM   223 N  N   . PHE A 1 36 ? 7.851   -2.292  0.040   1.00 8.49  ? 531 PHE A N   1 
ATOM   224 C  CA  . PHE A 1 36 ? 7.882   -1.779  1.407   1.00 9.00  ? 531 PHE A CA  1 
ATOM   225 C  C   . PHE A 1 36 ? 8.628   -0.456  1.551   1.00 10.49 ? 531 PHE A C   1 
ATOM   226 O  O   . PHE A 1 36 ? 8.107   0.435   2.243   1.00 9.36  ? 531 PHE A O   1 
ATOM   227 C  CB  . PHE A 1 36 ? 8.377   -2.836  2.403   1.00 10.06 ? 531 PHE A CB  1 
ATOM   228 C  CG  . PHE A 1 36 ? 7.311   -3.792  2.884   1.00 9.95  ? 531 PHE A CG  1 
ATOM   229 C  CD1 . PHE A 1 36 ? 6.099   -3.939  2.219   1.00 9.03  ? 531 PHE A CD1 1 
ATOM   230 C  CD2 . PHE A 1 36 ? 7.540   -4.559  4.015   1.00 10.60 ? 531 PHE A CD2 1 
ATOM   231 C  CE1 . PHE A 1 36 ? 5.136   -4.840  2.685   1.00 8.48  ? 531 PHE A CE1 1 
ATOM   232 C  CE2 . PHE A 1 36 ? 6.586   -5.445  4.487   1.00 9.49  ? 531 PHE A CE2 1 
ATOM   233 C  CZ  . PHE A 1 36 ? 5.384   -5.585  3.821   1.00 7.70  ? 531 PHE A CZ  1 
ATOM   234 N  N   . PRO A 1 37 ? 9.801   -0.240  0.938   1.00 10.12 ? 532 PRO A N   1 
ATOM   235 C  CA  . PRO A 1 37 ? 10.411  1.097   1.033   1.00 11.15 ? 532 PRO A CA  1 
ATOM   236 C  C   . PRO A 1 37 ? 9.498   2.222   0.579   1.00 11.61 ? 532 PRO A C   1 
ATOM   237 O  O   . PRO A 1 37 ? 9.430   3.261   1.247   1.00 12.08 ? 532 PRO A O   1 
ATOM   238 C  CB  . PRO A 1 37 ? 11.667  0.971   0.161   1.00 12.63 ? 532 PRO A CB  1 
ATOM   239 C  CG  . PRO A 1 37 ? 12.033  -0.474  0.269   1.00 13.19 ? 532 PRO A CG  1 
ATOM   240 C  CD  . PRO A 1 37 ? 10.716  -1.208  0.309   1.00 10.68 ? 532 PRO A CD  1 
ATOM   241 N  N   . CYS A 1 38 ? 8.797   2.052   -0.549  1.00 10.48 ? 533 CYS A N   1 
ATOM   242 C  CA  . CYS A 1 38 ? 7.870   3.083   -1.010  1.00 11.45 ? 533 CYS A CA  1 
ATOM   243 C  C   . CYS A 1 38 ? 6.655   3.192   -0.095  1.00 10.22 ? 533 CYS A C   1 
ATOM   244 O  O   . CYS A 1 38 ? 6.158   4.296   0.171   1.00 11.25 ? 533 CYS A O   1 
ATOM   245 C  CB  . CYS A 1 38 ? 7.435   2.782   -2.441  1.00 8.63  ? 533 CYS A CB  1 
ATOM   246 S  SG  . CYS A 1 38 ? 8.693   3.145   -3.688  1.00 11.09 ? 533 CYS A SG  1 
ATOM   247 N  N   . SER A 1 39 ? 6.163   2.060   0.407   1.00 9.68  ? 534 SER A N   1 
ATOM   248 C  CA  . SER A 1 39 ? 5.037   2.109   1.332   1.00 9.06  ? 534 SER A CA  1 
ATOM   249 C  C   . SER A 1 39 ? 5.410   2.835   2.621   1.00 9.25  ? 534 SER A C   1 
ATOM   250 O  O   . SER A 1 39 ? 4.595   3.574   3.178   1.00 9.18  ? 534 SER A O   1 
ATOM   251 C  CB  . SER A 1 39 ? 4.539   0.697   1.630   1.00 8.81  ? 534 SER A CB  1 
ATOM   252 O  OG  . SER A 1 39 ? 4.056   0.065   0.449   1.00 7.97  ? 534 SER A OG  1 
ATOM   253 N  N   . ARG A 1 40 ? 6.636   2.623   3.116   1.00 9.16  ? 535 ARG A N   1 
ATOM   254 C  CA  . ARG A 1 40 ? 7.083   3.320   4.320   1.00 9.39  ? 535 ARG A CA  1 
ATOM   255 C  C   . ARG A 1 40 ? 7.077   4.823   4.118   1.00 9.53  ? 535 ARG A C   1 
ATOM   256 O  O   . ARG A 1 40 ? 6.638   5.567   5.000   1.00 10.77 ? 535 ARG A O   1 
ATOM   257 C  CB  . ARG A 1 40 ? 8.479   2.853   4.732   1.00 9.48  ? 535 ARG A CB  1 
ATOM   258 C  CG  . ARG A 1 40 ? 8.488   1.463   5.325   1.00 10.21 ? 535 ARG A CG  1 
ATOM   259 C  CD  . ARG A 1 40 ? 9.769   0.701   5.009   1.00 10.46 ? 535 ARG A CD  1 
ATOM   260 N  NE  . ARG A 1 40 ? 9.724   -0.618  5.624   1.00 9.02  ? 535 ARG A NE  1 
ATOM   261 C  CZ  . ARG A 1 40 ? 10.485  -1.647  5.266   1.00 11.82 ? 535 ARG A CZ  1 
ATOM   262 N  NH1 . ARG A 1 40 ? 11.456  -1.512  4.372   1.00 14.55 ? 535 ARG A NH1 1 
ATOM   263 N  NH2 . ARG A 1 40 ? 10.246  -2.846  5.793   1.00 15.46 ? 535 ARG A NH2 1 
ATOM   264 N  N   . GLN A 1 41 ? 7.604   5.281   2.978   1.00 10.81 ? 536 GLN A N   1 
ATOM   265 C  CA  . GLN A 1 41 ? 7.592   6.703   2.652   1.00 12.52 ? 536 GLN A CA  1 
ATOM   266 C  C   . GLN A 1 41 ? 6.165   7.233   2.568   1.00 10.95 ? 536 GLN A C   1 
ATOM   267 O  O   . GLN A 1 41 ? 5.861   8.321   3.077   1.00 12.70 ? 536 GLN A O   1 
ATOM   268 C  CB  . GLN A 1 41 ? 8.311   6.902   1.320   1.00 14.76 ? 536 GLN A CB  1 
ATOM   269 C  CG  . GLN A 1 41 ? 9.770   7.338   1.435   1.00 26.38 ? 536 GLN A CG  1 
ATOM   270 C  CD  . GLN A 1 41 ? 9.921   8.839   1.659   1.00 33.45 ? 536 GLN A CD  1 
ATOM   271 O  OE1 . GLN A 1 41 ? 9.147   9.457   2.402   1.00 37.12 ? 536 GLN A OE1 1 
ATOM   272 N  NE2 . GLN A 1 41 ? 10.913  9.439   0.996   1.00 36.51 ? 536 GLN A NE2 1 
ATOM   273 N  N   . SER A 1 42 ? 5.260   6.468   1.947   1.00 10.18 ? 537 SER A N   1 
ATOM   274 C  CA  . SER A 1 42 ? 3.874   6.913   1.824   1.00 9.39  ? 537 SER A CA  1 
ATOM   275 C  C   . SER A 1 42 ? 3.188   7.003   3.185   1.00 11.83 ? 537 SER A C   1 
ATOM   276 O  O   . SER A 1 42 ? 2.428   7.941   3.442   1.00 11.18 ? 537 SER A O   1 
ATOM   277 C  CB  . SER A 1 42 ? 3.128   5.949   0.902   1.00 11.56 ? 537 SER A CB  1 
ATOM   278 O  OG  . SER A 1 42 ? 1.845   6.432   0.555   1.00 10.10 ? 537 SER A OG  1 
ATOM   279 N  N   . ILE A 1 43 ? 3.431   6.030   4.063   1.00 9.82  ? 538 ILE A N   1 
ATOM   280 C  CA  . ILE A 1 43 ? 2.859   6.081   5.407   1.00 10.17 ? 538 ILE A CA  1 
ATOM   281 C  C   . ILE A 1 43 ? 3.362   7.314   6.150   1.00 12.35 ? 538 ILE A C   1 
ATOM   282 O  O   . ILE A 1 43 ? 2.587   8.029   6.806   1.00 12.50 ? 538 ILE A O   1 
ATOM   283 C  CB  . ILE A 1 43 ? 3.190   4.787   6.167   1.00 8.96  ? 538 ILE A CB  1 
ATOM   284 C  CG1 . ILE A 1 43 ? 2.370   3.611   5.625   1.00 10.07 ? 538 ILE A CG1 1 
ATOM   285 C  CG2 . ILE A 1 43 ? 2.945   4.948   7.668   1.00 10.16 ? 538 ILE A CG2 1 
ATOM   286 C  CD1 . ILE A 1 43 ? 2.981   2.241   5.981   1.00 10.41 ? 538 ILE A CD1 1 
ATOM   287 N  N   . LYS A 1 44 ? 4.671   7.572   6.061   1.00 11.18 ? 539 LYS A N   1 
ATOM   288 C  CA  . LYS A 1 44 ? 5.250   8.755   6.695   1.00 11.67 ? 539 LYS A CA  1 
ATOM   289 C  C   . LYS A 1 44 ? 4.623   10.030  6.148   1.00 14.23 ? 539 LYS A C   1 
ATOM   290 O  O   . LYS A 1 44 ? 4.241   10.926  6.910   1.00 14.63 ? 539 LYS A O   1 
ATOM   291 C  CB  . LYS A 1 44 ? 6.769   8.772   6.496   1.00 14.13 ? 539 LYS A CB  1 
ATOM   292 C  CG  . LYS A 1 44 ? 7.429   10.098  6.892   1.00 13.92 ? 539 LYS A CG  1 
ATOM   293 C  CD  . LYS A 1 44 ? 8.937   10.003  7.001   1.00 18.68 ? 539 LYS A CD  1 
ATOM   294 C  CE  . LYS A 1 44 ? 9.549   11.371  6.752   1.00 25.40 ? 539 LYS A CE  1 
ATOM   295 N  NZ  . LYS A 1 44 ? 10.174  11.909  7.965   1.00 24.56 ? 539 LYS A NZ  1 
ATOM   296 N  N   . GLN A 1 45 ? 4.511   10.136  4.823   1.00 15.60 ? 540 GLN A N   1 
ATOM   297 C  CA  . GLN A 1 45 ? 3.960   11.356  4.239   1.00 15.10 ? 540 GLN A CA  1 
ATOM   298 C  C   . GLN A 1 45 ? 2.478   11.517  4.568   1.00 17.90 ? 540 GLN A C   1 
ATOM   299 O  O   . GLN A 1 45 ? 2.040   12.590  5.002   1.00 19.79 ? 540 GLN A O   1 
ATOM   300 C  CB  . GLN A 1 45 ? 4.198   11.380  2.734   1.00 16.72 ? 540 GLN A CB  1 
ATOM   301 C  CG  . GLN A 1 45 ? 3.615   12.614  2.065   1.00 20.03 ? 540 GLN A CG  1 
ATOM   302 C  CD  . GLN A 1 45 ? 2.264   12.335  1.432   1.00 23.55 ? 540 GLN A CD  1 
ATOM   303 O  OE1 . GLN A 1 45 ? 1.269   12.993  1.747   1.00 26.67 ? 540 GLN A OE1 1 
ATOM   304 N  NE2 . GLN A 1 45 ? 2.216   11.334  0.555   1.00 23.66 ? 540 GLN A NE2 1 
ATOM   305 N  N   . GLN A 1 46 ? 1.682   10.461  4.378   1.00 14.04 ? 541 GLN A N   1 
ATOM   306 C  CA  . GLN A 1 46 ? 0.238   10.587  4.566   1.00 14.66 ? 541 GLN A CA  1 
ATOM   307 C  C   . GLN A 1 46 ? -0.161  10.666  6.038   1.00 17.54 ? 541 GLN A C   1 
ATOM   308 O  O   . GLN A 1 46 ? -1.079  11.416  6.392   1.00 16.03 ? 541 GLN A O   1 
ATOM   309 C  CB  . GLN A 1 46 ? -0.480  9.409   3.917   1.00 12.69 ? 541 GLN A CB  1 
ATOM   310 C  CG  . GLN A 1 46 ? -0.409  9.373   2.415   1.00 12.02 ? 541 GLN A CG  1 
ATOM   311 C  CD  . GLN A 1 46 ? -1.407  8.391   1.871   1.00 12.29 ? 541 GLN A CD  1 
ATOM   312 O  OE1 . GLN A 1 46 ? -2.610  8.639   1.901   1.00 11.53 ? 541 GLN A OE1 1 
ATOM   313 N  NE2 . GLN A 1 46 ? -0.920  7.249   1.415   1.00 10.98 ? 541 GLN A NE2 1 
ATOM   314 N  N   . GLY A 1 47 ? 0.484   9.870   6.898   1.00 16.83 ? 542 GLY A N   1 
ATOM   315 C  CA  . GLY A 1 47 ? 0.083   9.780   8.294   1.00 15.74 ? 542 GLY A CA  1 
ATOM   316 C  C   . GLY A 1 47 ? 0.301   11.063  9.064   1.00 22.29 ? 542 GLY A C   1 
ATOM   317 O  O   . GLY A 1 47 ? -0.302  11.251  10.126  1.00 24.11 ? 542 GLY A O   1 
ATOM   318 N  N   . ALA A 1 48 ? 1.135   11.965  8.538   1.00 20.96 ? 543 ALA A N   1 
ATOM   319 C  CA  . ALA A 1 48 ? 1.267   13.291  9.130   1.00 22.56 ? 543 ALA A CA  1 
ATOM   320 C  C   . ALA A 1 48 ? -0.061  14.038  9.175   1.00 26.86 ? 543 ALA A C   1 
ATOM   321 O  O   . ALA A 1 48 ? -0.233  14.925  10.019  1.00 26.71 ? 543 ALA A O   1 
ATOM   322 C  CB  . ALA A 1 48 ? 2.295   14.116  8.349   1.00 22.53 ? 543 ALA A CB  1 
ATOM   323 N  N   . SER A 1 49 ? -1.011  13.691  8.299   1.00 23.92 ? 544 SER A N   1 
ATOM   324 C  CA  . SER A 1 49 ? -2.252  14.443  8.168   1.00 23.98 ? 544 SER A CA  1 
ATOM   325 C  C   . SER A 1 49 ? -3.514  13.589  8.251   1.00 27.24 ? 544 SER A C   1 
ATOM   326 O  O   . SER A 1 49 ? -4.611  14.117  8.022   1.00 32.38 ? 544 SER A O   1 
ATOM   327 C  CB  . SER A 1 49 ? -2.258  15.254  6.867   1.00 27.96 ? 544 SER A CB  1 
ATOM   328 O  OG  . SER A 1 49 ? -2.489  14.412  5.748   1.00 26.85 ? 544 SER A OG  1 
ATOM   329 N  N   . GLY A 1 50 ? -3.403  12.296  8.564   1.00 19.84 ? 545 GLY A N   1 
ATOM   330 C  CA  . GLY A 1 50 ? -4.588  11.471  8.740   1.00 19.28 ? 545 GLY A CA  1 
ATOM   331 C  C   . GLY A 1 50 ? -4.409  10.012  8.361   1.00 19.18 ? 545 GLY A C   1 
ATOM   332 O  O   . GLY A 1 50 ? -3.324  9.450   8.558   1.00 18.09 ? 545 GLY A O   1 
ATOM   333 N  N   . GLU A 1 51 ? -5.476  9.399   7.835   1.00 12.48 ? 546 GLU A N   1 
ATOM   334 C  CA  . GLU A 1 51 ? -5.471  8.010   7.385   1.00 13.70 ? 546 GLU A CA  1 
ATOM   335 C  C   . GLU A 1 51 ? -4.500  7.843   6.216   1.00 12.35 ? 546 GLU A C   1 
ATOM   336 O  O   . GLU A 1 51 ? -4.169  8.795   5.501   1.00 13.58 ? 546 GLU A O   1 
ATOM   337 C  CB  . GLU A 1 51 ? -6.866  7.640   6.884   1.00 16.76 ? 546 GLU A CB  1 
ATOM   338 C  CG  . GLU A 1 51 ? -7.966  7.638   7.944   1.00 16.32 ? 546 GLU A CG  1 
ATOM   339 C  CD  . GLU A 1 51 ? -9.155  6.800   7.529   1.00 15.68 ? 546 GLU A CD  1 
ATOM   340 O  OE1 . GLU A 1 51 ? -9.052  5.559   7.490   1.00 17.09 ? 546 GLU A OE1 1 
ATOM   341 O  OE2 . GLU A 1 51 ? -10.203 7.395   7.237   1.00 16.78 ? 546 GLU A OE2 1 
ATOM   342 N  N   . VAL A 1 52 ? -4.048  6.613   6.009   1.00 10.34 ? 547 VAL A N   1 
ATOM   343 C  CA  . VAL A 1 52 ? -3.110  6.309   4.932   1.00 8.39  ? 547 VAL A CA  1 
ATOM   344 C  C   . VAL A 1 52 ? -3.867  5.556   3.846   1.00 8.48  ? 547 VAL A C   1 
ATOM   345 O  O   . VAL A 1 52 ? -4.246  4.390   4.023   1.00 7.12  ? 547 VAL A O   1 
ATOM   346 C  CB  . VAL A 1 52 ? -1.891  5.514   5.417   1.00 7.76  ? 547 VAL A CB  1 
ATOM   347 C  CG1 . VAL A 1 52 ? -0.863  5.403   4.273   1.00 8.72  ? 547 VAL A CG1 1 
ATOM   348 C  CG2 . VAL A 1 52 ? -1.266  6.187   6.643   1.00 10.10 ? 547 VAL A CG2 1 
ATOM   349 N  N   . TYR A 1 53 ? -4.063  6.222   2.712   1.00 7.44  ? 548 TYR A N   1 
ATOM   350 C  CA  . TYR A 1 53 ? -4.815  5.690   1.580   1.00 8.43  ? 548 TYR A CA  1 
ATOM   351 C  C   . TYR A 1 53 ? -3.853  5.022   0.588   1.00 6.98  ? 548 TYR A C   1 
ATOM   352 O  O   . TYR A 1 53 ? -2.650  4.916   0.831   1.00 8.23  ? 548 TYR A O   1 
ATOM   353 C  CB  . TYR A 1 53 ? -5.611  6.831   0.949   1.00 9.86  ? 548 TYR A CB  1 
ATOM   354 C  CG  . TYR A 1 53 ? -6.532  7.531   1.917   1.00 9.40  ? 548 TYR A CG  1 
ATOM   355 C  CD1 . TYR A 1 53 ? -7.672  6.900   2.410   1.00 10.20 ? 548 TYR A CD1 1 
ATOM   356 C  CD2 . TYR A 1 53 ? -6.245  8.818   2.369   1.00 9.83  ? 548 TYR A CD2 1 
ATOM   357 C  CE1 . TYR A 1 53 ? -8.522  7.534   3.308   1.00 12.70 ? 548 TYR A CE1 1 
ATOM   358 C  CE2 . TYR A 1 53 ? -7.097  9.457   3.285   1.00 13.19 ? 548 TYR A CE2 1 
ATOM   359 C  CZ  . TYR A 1 53 ? -8.230  8.806   3.738   1.00 13.79 ? 548 TYR A CZ  1 
ATOM   360 O  OH  . TYR A 1 53 ? -9.080  9.418   4.630   1.00 18.45 ? 548 TYR A OH  1 
ATOM   361 N  N   . CYS A 1 54 ? -4.372  4.570   -0.554  1.00 7.48  ? 549 CYS A N   1 
ATOM   362 C  CA  . CYS A 1 54 ? -3.531  3.869   -1.516  1.00 8.01  ? 549 CYS A CA  1 
ATOM   363 C  C   . CYS A 1 54 ? -2.302  4.708   -1.852  1.00 5.88  ? 549 CYS A C   1 
ATOM   364 O  O   . CYS A 1 54 ? -2.441  5.891   -2.192  1.00 7.85  ? 549 CYS A O   1 
ATOM   365 C  CB  . CYS A 1 54 ? -4.295  3.610   -2.813  1.00 8.78  ? 549 CYS A CB  1 
ATOM   366 S  SG  . CYS A 1 54 ? -3.295  2.746   -4.067  1.00 5.90  ? 549 CYS A SG  1 
ATOM   367 N  N   . PRO A 1 55 ? -1.097  4.139   -1.795  1.00 7.06  ? 550 PRO A N   1 
ATOM   368 C  CA  . PRO A 1 55 ? 0.103   4.944   -2.092  1.00 8.18  ? 550 PRO A CA  1 
ATOM   369 C  C   . PRO A 1 55 ? 0.143   5.525   -3.506  1.00 9.34  ? 550 PRO A C   1 
ATOM   370 O  O   . PRO A 1 55 ? 1.000   6.376   -3.775  1.00 10.49 ? 550 PRO A O   1 
ATOM   371 C  CB  . PRO A 1 55 ? 1.247   3.953   -1.874  1.00 7.55  ? 550 PRO A CB  1 
ATOM   372 C  CG  . PRO A 1 55 ? 0.694   2.984   -0.841  1.00 7.17  ? 550 PRO A CG  1 
ATOM   373 C  CD  . PRO A 1 55 ? -0.756  2.812   -1.251  1.00 9.03  ? 550 PRO A CD  1 
ATOM   374 N  N   . SER A 1 56 ? -0.745  5.098   -4.410  1.00 8.08  ? 551 SER A N   1 
ATOM   375 C  CA  . SER A 1 56 ? -0.818  5.725   -5.728  1.00 7.29  ? 551 SER A CA  1 
ATOM   376 C  C   . SER A 1 56 ? -1.259  7.182   -5.654  1.00 11.77 ? 551 SER A C   1 
ATOM   377 O  O   . SER A 1 56 ? -1.041  7.931   -6.613  1.00 9.99  ? 551 SER A O   1 
ATOM   378 C  CB  . SER A 1 56 ? -1.816  4.960   -6.611  1.00 8.24  ? 551 SER A CB  1 
ATOM   379 O  OG  . SER A 1 56 ? -3.139  5.126   -6.123  1.00 7.41  ? 551 SER A OG  1 
ATOM   380 N  N   . GLY A 1 57 ? -1.882  7.596   -4.549  1.00 8.13  ? 552 GLY A N   1 
ATOM   381 C  CA  . GLY A 1 57 ? -2.493  8.903   -4.443  1.00 7.21  ? 552 GLY A CA  1 
ATOM   382 C  C   . GLY A 1 57 ? -3.929  8.950   -4.901  1.00 8.76  ? 552 GLY A C   1 
ATOM   383 O  O   . GLY A 1 57 ? -4.595  9.971   -4.702  1.00 9.34  ? 552 GLY A O   1 
ATOM   384 N  N   . GLU A 1 58 ? -4.436  7.879   -5.502  1.00 7.00  ? 553 GLU A N   1 
ATOM   385 C  CA  . GLU A 1 58 ? -5.740  7.938   -6.144  1.00 7.34  ? 553 GLU A CA  1 
ATOM   386 C  C   . GLU A 1 58 ? -6.918  7.643   -5.224  1.00 8.28  ? 553 GLU A C   1 
ATOM   387 O  O   . GLU A 1 58 ? -8.059  7.657   -5.700  1.00 9.31  ? 553 GLU A O   1 
ATOM   388 C  CB  . GLU A 1 58 ? -5.767  7.033   -7.376  1.00 7.31  ? 553 GLU A CB  1 
ATOM   389 C  CG  . GLU A 1 58 ? -4.894  7.602   -8.500  1.00 8.47  ? 553 GLU A CG  1 
ATOM   390 C  CD  . GLU A 1 58 ? -4.882  6.789   -9.757  1.00 13.05 ? 553 GLU A CD  1 
ATOM   391 O  OE1 . GLU A 1 58 ? -5.429  5.671   -9.783  1.00 12.49 ? 553 GLU A OE1 1 
ATOM   392 O  OE2 . GLU A 1 58 ? -4.392  7.328   -10.770 1.00 13.44 ? 553 GLU A OE2 1 
ATOM   393 N  N   . LYS A 1 59 ? -6.676  7.399   -3.935  1.00 5.98  ? 554 LYS A N   1 
ATOM   394 C  CA  . LYS A 1 59 ? -7.750  7.173   -2.960  1.00 7.84  ? 554 LYS A CA  1 
ATOM   395 C  C   . LYS A 1 59 ? -8.705  6.082   -3.433  1.00 8.30  ? 554 LYS A C   1 
ATOM   396 O  O   . LYS A 1 59 ? -9.926  6.187   -3.308  1.00 10.20 ? 554 LYS A O   1 
ATOM   397 C  CB  . LYS A 1 59 ? -8.460  8.473   -2.572  1.00 11.04 ? 554 LYS A CB  1 
ATOM   398 C  CG  . LYS A 1 59 ? -7.480  9.451   -1.929  1.00 13.93 ? 554 LYS A CG  1 
ATOM   399 C  CD  . LYS A 1 59 ? -8.145  10.649  -1.287  1.00 16.33 ? 554 LYS A CD  1 
ATOM   400 C  CE  . LYS A 1 59 ? -8.801  10.279  0.023   1.00 23.96 ? 554 LYS A CE  1 
ATOM   401 N  NZ  . LYS A 1 59 ? -9.605  11.407  0.560   1.00 25.17 ? 554 LYS A NZ  1 
ATOM   402 N  N   . CYS A 1 60 ? -8.117  4.997   -3.940  1.00 7.47  ? 555 CYS A N   1 
ATOM   403 C  CA  . CYS A 1 60 ? -8.864  3.904   -4.538  1.00 7.01  ? 555 CYS A CA  1 
ATOM   404 C  C   . CYS A 1 60 ? -9.842  3.305   -3.531  1.00 5.07  ? 555 CYS A C   1 
ATOM   405 O  O   . CYS A 1 60 ? -9.547  3.239   -2.336  1.00 8.04  ? 555 CYS A O   1 
ATOM   406 C  CB  . CYS A 1 60 ? -7.884  2.830   -4.995  1.00 8.63  ? 555 CYS A CB  1 
ATOM   407 S  SG  . CYS A 1 60 ? -6.554  3.548   -5.995  1.00 7.51  ? 555 CYS A SG  1 
ATOM   408 N  N   . PRO A 1 61 ? -11.001 2.849   -3.992  1.00 6.25  ? 556 PRO A N   1 
ATOM   409 C  CA  . PRO A 1 61 ? -12.029 2.353   -3.072  1.00 9.08  ? 556 PRO A CA  1 
ATOM   410 C  C   . PRO A 1 61 ? -11.765 0.939   -2.564  1.00 9.68  ? 556 PRO A C   1 
ATOM   411 O  O   . PRO A 1 61 ? -11.003 0.155   -3.133  1.00 9.38  ? 556 PRO A O   1 
ATOM   412 C  CB  . PRO A 1 61 ? -13.295 2.370   -3.939  1.00 9.83  ? 556 PRO A CB  1 
ATOM   413 C  CG  . PRO A 1 61 ? -12.781 2.131   -5.328  1.00 10.65 ? 556 PRO A CG  1 
ATOM   414 C  CD  . PRO A 1 61 ? -11.472 2.880   -5.390  1.00 10.37 ? 556 PRO A CD  1 
ATOM   415 N  N   . LEU A 1 62 ? -12.444 0.616   -1.464  1.00 9.49  ? 557 LEU A N   1 
ATOM   416 C  CA  . LEU A 1 62 ? -12.648 -0.782  -1.113  1.00 11.03 ? 557 LEU A CA  1 
ATOM   417 C  C   . LEU A 1 62 ? -13.420 -1.479  -2.225  1.00 13.68 ? 557 LEU A C   1 
ATOM   418 O  O   . LEU A 1 62 ? -14.224 -0.859  -2.930  1.00 14.96 ? 557 LEU A O   1 
ATOM   419 C  CB  . LEU A 1 62 ? -13.480 -0.874  0.164   1.00 13.23 ? 557 LEU A CB  1 
ATOM   420 C  CG  . LEU A 1 62 ? -12.765 -0.682  1.496   1.00 12.85 ? 557 LEU A CG  1 
ATOM   421 C  CD1 . LEU A 1 62 ? -13.806 -0.611  2.606   1.00 17.25 ? 557 LEU A CD1 1 
ATOM   422 C  CD2 . LEU A 1 62 ? -11.850 -1.882  1.752   1.00 12.96 ? 557 LEU A CD2 1 
ATOM   423 N  N   . VAL A 1 63 ? -13.180 -2.780  -2.383  1.00 10.33 ? 558 VAL A N   1 
ATOM   424 C  CA  . VAL A 1 63 ? -14.016 -3.556  -3.287  1.00 10.18 ? 558 VAL A CA  1 
ATOM   425 C  C   . VAL A 1 63 ? -15.403 -3.672  -2.658  1.00 12.68 ? 558 VAL A C   1 
ATOM   426 O  O   . VAL A 1 63 ? -15.557 -4.153  -1.528  1.00 14.89 ? 558 VAL A O   1 
ATOM   427 C  CB  . VAL A 1 63 ? -13.394 -4.930  -3.577  1.00 10.64 ? 558 VAL A CB  1 
ATOM   428 C  CG1 . VAL A 1 63 ? -14.348 -5.781  -4.396  1.00 11.71 ? 558 VAL A CG1 1 
ATOM   429 C  CG2 . VAL A 1 63 ? -12.066 -4.770  -4.292  1.00 11.75 ? 558 VAL A CG2 1 
ATOM   430 N  N   . GLY A 1 64 ? -16.411 -3.176  -3.362  1.00 13.42 ? 559 GLY A N   1 
ATOM   431 C  CA  . GLY A 1 64 ? -17.789 -3.318  -2.942  1.00 13.24 ? 559 GLY A CA  1 
ATOM   432 C  C   . GLY A 1 64 ? -18.358 -2.155  -2.158  1.00 15.23 ? 559 GLY A C   1 
ATOM   433 O  O   . GLY A 1 64 ? -19.575 -2.118  -1.951  1.00 15.85 ? 559 GLY A O   1 
ATOM   434 N  N   . SER A 1 65 ? -17.531 -1.205  -1.725  1.00 12.65 ? 560 SER A N   1 
ATOM   435 C  CA  . SER A 1 65 ? -17.996 -0.032  -0.994  1.00 13.97 ? 560 SER A CA  1 
ATOM   436 C  C   . SER A 1 65 ? -17.357 1.212   -1.594  1.00 14.34 ? 560 SER A C   1 
ATOM   437 O  O   . SER A 1 65 ? -16.175 1.200   -1.944  1.00 16.76 ? 560 SER A O   1 
ATOM   438 C  CB  . SER A 1 65 ? -17.632 -0.134  0.491   1.00 14.26 ? 560 SER A CB  1 
ATOM   439 O  OG  . SER A 1 65 ? -18.379 -1.152  1.141   1.00 20.96 ? 560 SER A OG  1 
ATOM   440 N  N   . ASN A 1 66 ? -18.146 2.285   -1.707  1.00 17.56 ? 561 ASN A N   1 
ATOM   441 C  CA  . ASN A 1 66 ? -17.685 3.549   -2.286  1.00 15.44 ? 561 ASN A CA  1 
ATOM   442 C  C   . ASN A 1 66 ? -17.033 4.385   -1.189  1.00 13.37 ? 561 ASN A C   1 
ATOM   443 O  O   . ASN A 1 66 ? -17.596 5.351   -0.668  1.00 15.87 ? 561 ASN A O   1 
ATOM   444 C  CB  . ASN A 1 66 ? -18.845 4.299   -2.926  1.00 18.33 ? 561 ASN A CB  1 
ATOM   445 C  CG  . ASN A 1 66 ? -18.383 5.476   -3.758  1.00 26.67 ? 561 ASN A CG  1 
ATOM   446 O  OD1 . ASN A 1 66 ? -19.143 6.420   -3.997  1.00 32.79 ? 561 ASN A OD1 1 
ATOM   447 N  ND2 . ASN A 1 66 ? -17.131 5.429   -4.207  1.00 24.04 ? 561 ASN A ND2 1 
ATOM   448 N  N   . VAL A 1 67 ? -15.817 3.996   -0.838  1.00 12.76 ? 562 VAL A N   1 
ATOM   449 C  CA  . VAL A 1 67 ? -15.048 4.650   0.219   1.00 10.10 ? 562 VAL A CA  1 
ATOM   450 C  C   . VAL A 1 67 ? -13.590 4.281   -0.014  1.00 9.71  ? 562 VAL A C   1 
ATOM   451 O  O   . VAL A 1 67 ? -13.309 3.134   -0.377  1.00 10.39 ? 562 VAL A O   1 
ATOM   452 C  CB  . VAL A 1 67 ? -15.544 4.213   1.611   1.00 11.42 ? 562 VAL A CB  1 
ATOM   453 C  CG1 . VAL A 1 67 ? -15.360 2.704   1.808   1.00 11.68 ? 562 VAL A CG1 1 
ATOM   454 C  CG2 . VAL A 1 67 ? -14.817 4.968   2.716   1.00 12.43 ? 562 VAL A CG2 1 
ATOM   455 N  N   . PRO A 1 68 ? -12.637 5.189   0.155   1.00 9.27  ? 563 PRO A N   1 
ATOM   456 C  CA  . PRO A 1 68 ? -11.233 4.802   -0.024  1.00 9.89  ? 563 PRO A CA  1 
ATOM   457 C  C   . PRO A 1 68 ? -10.835 3.756   0.999   1.00 8.49  ? 563 PRO A C   1 
ATOM   458 O  O   . PRO A 1 68 ? -11.208 3.839   2.172   1.00 10.30 ? 563 PRO A O   1 
ATOM   459 C  CB  . PRO A 1 68 ? -10.460 6.112   0.175   1.00 8.85  ? 563 PRO A CB  1 
ATOM   460 C  CG  . PRO A 1 68 ? -11.472 7.220   0.038   1.00 10.59 ? 563 PRO A CG  1 
ATOM   461 C  CD  . PRO A 1 68 ? -12.818 6.636   0.360   1.00 8.79  ? 563 PRO A CD  1 
ATOM   462 N  N   . TRP A 1 69 ? -10.094 2.750   0.537   1.00 7.79  ? 564 TRP A N   1 
ATOM   463 C  CA  . TRP A 1 69 ? -9.467  1.831   1.477   1.00 6.06  ? 564 TRP A CA  1 
ATOM   464 C  C   . TRP A 1 69 ? -8.331  2.553   2.196   1.00 6.86  ? 564 TRP A C   1 
ATOM   465 O  O   . TRP A 1 69 ? -7.772  3.526   1.690   1.00 7.23  ? 564 TRP A O   1 
ATOM   466 C  CB  . TRP A 1 69 ? -8.988  0.544   0.787   1.00 8.48  ? 564 TRP A CB  1 
ATOM   467 C  CG  . TRP A 1 69 ? -7.733  0.648   -0.086  1.00 6.13  ? 564 TRP A CG  1 
ATOM   468 C  CD1 . TRP A 1 69 ? -7.692  0.888   -1.426  1.00 6.01  ? 564 TRP A CD1 1 
ATOM   469 C  CD2 . TRP A 1 69 ? -6.365  0.477   0.332   1.00 7.88  ? 564 TRP A CD2 1 
ATOM   470 N  NE1 . TRP A 1 69 ? -6.384  0.889   -1.877  1.00 7.13  ? 564 TRP A NE1 1 
ATOM   471 C  CE2 . TRP A 1 69 ? -5.551  0.644   -0.815  1.00 6.78  ? 564 TRP A CE2 1 
ATOM   472 C  CE3 . TRP A 1 69 ? -5.750  0.220   1.561   1.00 8.51  ? 564 TRP A CE3 1 
ATOM   473 C  CZ2 . TRP A 1 69 ? -4.155  0.541   -0.768  1.00 8.03  ? 564 TRP A CZ2 1 
ATOM   474 C  CZ3 . TRP A 1 69 ? -4.356  0.120   1.605   1.00 7.07  ? 564 TRP A CZ3 1 
ATOM   475 C  CH2 . TRP A 1 69 ? -3.580  0.289   0.448   1.00 7.59  ? 564 TRP A CH2 1 
ATOM   476 N  N   . ALA A 1 70 ? -8.025  2.107   3.407   1.00 6.51  ? 565 ALA A N   1 
ATOM   477 C  CA  . ALA A 1 70 ? -6.925  2.683   4.172   1.00 6.81  ? 565 ALA A CA  1 
ATOM   478 C  C   . ALA A 1 70 ? -6.203  1.578   4.930   1.00 7.83  ? 565 ALA A C   1 
ATOM   479 O  O   . ALA A 1 70 ? -6.804  0.579   5.324   1.00 8.10  ? 565 ALA A O   1 
ATOM   480 C  CB  . ALA A 1 70 ? -7.401  3.806   5.119   1.00 7.32  ? 565 ALA A CB  1 
ATOM   481 N  N   . PHE A 1 71 ? -4.898  1.748   5.109   1.00 8.54  ? 566 PHE A N   1 
ATOM   482 C  CA  . PHE A 1 71 ? -4.137  0.762   5.863   1.00 7.82  ? 566 PHE A CA  1 
ATOM   483 C  C   . PHE A 1 71 ? -4.719  0.596   7.258   1.00 8.01  ? 566 PHE A C   1 
ATOM   484 O  O   . PHE A 1 71 ? -5.110  1.579   7.909   1.00 8.07  ? 566 PHE A O   1 
ATOM   485 C  CB  . PHE A 1 71 ? -2.686  1.212   6.014   1.00 9.15  ? 566 PHE A CB  1 
ATOM   486 C  CG  . PHE A 1 71 ? -1.868  1.073   4.777   1.00 6.11  ? 566 PHE A CG  1 
ATOM   487 C  CD1 . PHE A 1 71 ? -1.216  -0.102  4.493   1.00 8.31  ? 566 PHE A CD1 1 
ATOM   488 C  CD2 . PHE A 1 71 ? -1.741  2.133   3.900   1.00 8.42  ? 566 PHE A CD2 1 
ATOM   489 C  CE1 . PHE A 1 71 ? -0.437  -0.211  3.349   1.00 8.76  ? 566 PHE A CE1 1 
ATOM   490 C  CE2 . PHE A 1 71 ? -0.973  2.042   2.764   1.00 8.91  ? 566 PHE A CE2 1 
ATOM   491 C  CZ  . PHE A 1 71 ? -0.323  0.868   2.480   1.00 8.19  ? 566 PHE A CZ  1 
ATOM   492 N  N   . MET A 1 72 ? -4.770  -0.661  7.709   1.00 7.02  ? 567 MET A N   1 
ATOM   493 C  CA  . MET A 1 72 ? -5.101  -0.957  9.091   1.00 7.16  ? 567 MET A CA  1 
ATOM   494 C  C   . MET A 1 72 ? -3.865  -0.694  9.945   1.00 7.64  ? 567 MET A C   1 
ATOM   495 O  O   . MET A 1 72 ? -2.734  -0.706  9.458   1.00 7.51  ? 567 MET A O   1 
ATOM   496 C  CB  . MET A 1 72 ? -5.415  -2.441  9.229   1.00 9.58  ? 567 MET A CB  1 
ATOM   497 C  CG  . MET A 1 72 ? -6.610  -2.871  8.411   1.00 10.41 ? 567 MET A CG  1 
ATOM   498 S  SD  . MET A 1 72 ? -8.142  -2.109  8.935   1.00 9.85  ? 567 MET A SD  1 
ATOM   499 C  CE  . MET A 1 72 ? -9.258  -2.712  7.652   1.00 8.81  ? 567 MET A CE  1 
ATOM   500 N  N   . GLN A 1 73 ? -4.078  -0.514  11.247  1.00 7.62  ? 568 GLN A N   1 
ATOM   501 C  CA  . GLN A 1 73 ? -2.949  -0.279  12.137  1.00 8.61  ? 568 GLN A CA  1 
ATOM   502 C  C   . GLN A 1 73 ? -1.963  -1.448  12.105  1.00 7.64  ? 568 GLN A C   1 
ATOM   503 O  O   . GLN A 1 73 ? -0.748  -1.235  12.167  1.00 7.79  ? 568 GLN A O   1 
ATOM   504 C  CB  . GLN A 1 73 ? -3.469  -0.053  13.551  1.00 10.51 ? 568 GLN A CB  1 
ATOM   505 C  CG  . GLN A 1 73 ? -4.006  1.362   13.849  1.00 12.73 ? 568 GLN A CG  1 
ATOM   506 C  CD  . GLN A 1 73 ? -3.378  2.478   13.008  1.00 16.89 ? 568 GLN A CD  1 
ATOM   507 O  OE1 . GLN A 1 73 ? -2.199  2.799   13.176  1.00 16.01 ? 568 GLN A OE1 1 
ATOM   508 N  NE2 . GLN A 1 73 ? -4.179  3.110   12.139  1.00 16.75 ? 568 GLN A NE2 1 
ATOM   509 N  N   . GLY A 1 74 ? -2.459  -2.688  12.012  1.00 9.43  ? 569 GLY A N   1 
ATOM   510 C  CA  . GLY A 1 74 ? -1.555  -3.831  11.974  1.00 8.48  ? 569 GLY A CA  1 
ATOM   511 C  C   . GLY A 1 74 ? -0.712  -3.863  10.711  1.00 8.25  ? 569 GLY A C   1 
ATOM   512 O  O   . GLY A 1 74 ? 0.448   -4.287  10.731  1.00 9.25  ? 569 GLY A O   1 
ATOM   513 N  N   . GLU A 1 75 ? -1.288  -3.432  9.592   1.00 6.85  ? 570 GLU A N   1 
ATOM   514 C  CA  . GLU A 1 75 ? -0.514  -3.358  8.360   1.00 7.34  ? 570 GLU A CA  1 
ATOM   515 C  C   . GLU A 1 75 ? 0.564   -2.287  8.449   1.00 9.05  ? 570 GLU A C   1 
ATOM   516 O  O   . GLU A 1 75 ? 1.699   -2.505  8.012   1.00 7.11  ? 570 GLU A O   1 
ATOM   517 C  CB  . GLU A 1 75 ? -1.449  -3.087  7.177   1.00 8.48  ? 570 GLU A CB  1 
ATOM   518 C  CG  . GLU A 1 75 ? -2.434  -4.223  6.918   1.00 7.12  ? 570 GLU A CG  1 
ATOM   519 C  CD  . GLU A 1 75 ? -3.558  -3.865  5.979   1.00 7.91  ? 570 GLU A CD  1 
ATOM   520 O  OE1 . GLU A 1 75 ? -3.925  -2.673  5.898   1.00 8.30  ? 570 GLU A OE1 1 
ATOM   521 O  OE2 . GLU A 1 75 ? -4.125  -4.789  5.349   1.00 9.36  ? 570 GLU A OE2 1 
ATOM   522 N  N   . ILE A 1 76 ? 0.223   -1.123  9.003   1.00 7.61  ? 571 ILE A N   1 
ATOM   523 C  CA  . ILE A 1 76 ? 1.226   -0.088  9.232   1.00 8.72  ? 571 ILE A CA  1 
ATOM   524 C  C   . ILE A 1 76 ? 2.354   -0.612  10.115  1.00 7.28  ? 571 ILE A C   1 
ATOM   525 O  O   . ILE A 1 76 ? 3.539   -0.418  9.812   1.00 8.96  ? 571 ILE A O   1 
ATOM   526 C  CB  . ILE A 1 76 ? 0.556   1.167   9.810   1.00 8.20  ? 571 ILE A CB  1 
ATOM   527 C  CG1 . ILE A 1 76 ? -0.308  1.835   8.738   1.00 8.65  ? 571 ILE A CG1 1 
ATOM   528 C  CG2 . ILE A 1 76 ? 1.601   2.136   10.345  1.00 9.80  ? 571 ILE A CG2 1 
ATOM   529 C  CD1 . ILE A 1 76 ? -1.134  2.968   9.245   1.00 12.27 ? 571 ILE A CD1 1 
ATOM   530 N  N   . ALA A 1 77 ? 2.006   -1.317  11.199  1.00 8.18  ? 572 ALA A N   1 
ATOM   531 C  CA  . ALA A 1 77 ? 3.033   -1.808  12.117  1.00 7.57  ? 572 ALA A CA  1 
ATOM   532 C  C   . ALA A 1 77 ? 3.926   -2.836  11.440  1.00 8.82  ? 572 ALA A C   1 
ATOM   533 O  O   . ALA A 1 77 ? 5.140   -2.846  11.658  1.00 10.10 ? 572 ALA A O   1 
ATOM   534 C  CB  . ALA A 1 77 ? 2.390   -2.378  13.383  1.00 7.84  ? 572 ALA A CB  1 
ATOM   535 N  N   . THR A 1 78 ? 3.350   -3.683  10.588  1.00 8.92  ? 573 THR A N   1 
ATOM   536 C  CA  . THR A 1 78 ? 4.146   -4.675  9.879   1.00 8.08  ? 573 THR A CA  1 
ATOM   537 C  C   . THR A 1 78 ? 5.150   -3.990  8.962   1.00 9.59  ? 573 THR A C   1 
ATOM   538 O  O   . THR A 1 78 ? 6.334   -4.347  8.932   1.00 11.42 ? 573 THR A O   1 
ATOM   539 C  CB  . THR A 1 78 ? 3.213   -5.565  9.059   1.00 9.00  ? 573 THR A CB  1 
ATOM   540 O  OG1 . THR A 1 78 ? 2.307   -6.263  9.924   1.00 12.57 ? 573 THR A OG1 1 
ATOM   541 C  CG2 . THR A 1 78 ? 4.001   -6.588  8.266   1.00 9.22  ? 573 THR A CG2 1 
ATOM   542 N  N   . ILE A 1 79 ? 4.694   -2.976  8.229   1.00 8.28  ? 574 ILE A N   1 
ATOM   543 C  CA  . ILE A 1 79 ? 5.538   -2.316  7.242   1.00 8.70  ? 574 ILE A CA  1 
ATOM   544 C  C   . ILE A 1 79 ? 6.620   -1.477  7.913   1.00 8.83  ? 574 ILE A C   1 
ATOM   545 O  O   . ILE A 1 79 ? 7.786   -1.483  7.484   1.00 9.45  ? 574 ILE A O   1 
ATOM   546 C  CB  . ILE A 1 79 ? 4.652   -1.497  6.291   1.00 6.89  ? 574 ILE A CB  1 
ATOM   547 C  CG1 . ILE A 1 79 ? 3.821   -2.445  5.421   1.00 8.31  ? 574 ILE A CG1 1 
ATOM   548 C  CG2 . ILE A 1 79 ? 5.487   -0.581  5.413   1.00 9.00  ? 574 ILE A CG2 1 
ATOM   549 C  CD1 . ILE A 1 79 ? 2.644   -1.785  4.765   1.00 10.22 ? 574 ILE A CD1 1 
ATOM   550 N  N   . LEU A 1 80 ? 6.267   -0.749  8.977   1.00 8.65  ? 575 LEU A N   1 
ATOM   551 C  CA  . LEU A 1 80 ? 7.244   0.127   9.617   1.00 9.77  ? 575 LEU A CA  1 
ATOM   552 C  C   . LEU A 1 80 ? 8.239   -0.599  10.506  1.00 8.11  ? 575 LEU A C   1 
ATOM   553 O  O   . LEU A 1 80 ? 9.178   0.041   10.997  1.00 9.84  ? 575 LEU A O   1 
ATOM   554 C  CB  . LEU A 1 80 ? 6.586   1.246   10.426  1.00 8.46  ? 575 LEU A CB  1 
ATOM   555 C  CG  . LEU A 1 80 ? 5.630   2.152   9.653   1.00 6.63  ? 575 LEU A CG  1 
ATOM   556 C  CD1 . LEU A 1 80 ? 5.005   3.197   10.583  1.00 8.33  ? 575 LEU A CD1 1 
ATOM   557 C  CD2 . LEU A 1 80 ? 6.352   2.815   8.502   1.00 9.24  ? 575 LEU A CD2 1 
ATOM   558 N  N   . ALA A 1 81 ? 8.073   -1.909  10.729  1.00 8.61  ? 576 ALA A N   1 
ATOM   559 C  CA  . ALA A 1 81 ? 8.999   -2.608  11.608  1.00 10.61 ? 576 ALA A CA  1 
ATOM   560 C  C   . ALA A 1 81 ? 10.376  -2.774  10.980  1.00 12.59 ? 576 ALA A C   1 
ATOM   561 O  O   . ALA A 1 81 ? 11.375  -2.876  11.703  1.00 14.68 ? 576 ALA A O   1 
ATOM   562 C  CB  . ALA A 1 81 ? 8.433   -3.962  12.005  1.00 12.33 ? 576 ALA A CB  1 
ATOM   563 N  N   . GLY A 1 82 ? 10.456  -2.819  9.655   1.00 12.92 ? 577 GLY A N   1 
ATOM   564 C  CA  . GLY A 1 82 ? 11.717  -3.028  8.976   1.00 12.76 ? 577 GLY A CA  1 
ATOM   565 C  C   . GLY A 1 82 ? 11.865  -4.460  8.495   1.00 14.13 ? 577 GLY A C   1 
ATOM   566 O  O   . GLY A 1 82 ? 11.080  -5.354  8.827   1.00 16.76 ? 577 GLY A O   1 
ATOM   567 N  N   . ASP A 1 83 ? 12.913  -4.675  7.697   1.00 17.43 ? 578 ASP A N   1 
ATOM   568 C  CA  . ASP A 1 83 ? 13.155  -5.982  7.082   1.00 16.84 ? 578 ASP A CA  1 
ATOM   569 C  C   . ASP A 1 83 ? 14.061  -6.899  7.904   1.00 24.99 ? 578 ASP A C   1 
ATOM   570 O  O   . ASP A 1 83 ? 14.785  -6.450  8.792   1.00 30.76 ? 578 ASP A O   1 
ATOM   571 C  CB  . ASP A 1 83 ? 13.745  -5.785  5.687   1.00 19.12 ? 578 ASP A CB  1 
ATOM   572 C  CG  . ASP A 1 83 ? 12.857  -4.937  4.803   1.00 20.42 ? 578 ASP A CG  1 
ATOM   573 O  OD1 . ASP A 1 83 ? 11.621  -5.124  4.854   1.00 18.95 ? 578 ASP A OD1 1 
ATOM   574 O  OD2 . ASP A 1 83 ? 13.388  -4.086  4.063   1.00 22.67 ? 578 ASP A OD2 1 
ATOM   575 N  N   . ARG B 2 1  ? -11.994 -6.752  4.884   1.00 17.04 ? 1   ARG B N   1 
ATOM   576 C  CA  . ARG B 2 1  ? -11.222 -7.170  3.721   1.00 16.91 ? 1   ARG B CA  1 
ATOM   577 C  C   . ARG B 2 1  ? -10.004 -7.963  4.168   1.00 13.63 ? 1   ARG B C   1 
ATOM   578 O  O   . ARG B 2 1  ? -9.615  -7.929  5.332   1.00 15.06 ? 1   ARG B O   1 
ATOM   579 C  CB  . ARG B 2 1  ? -10.748 -5.962  2.912   1.00 14.61 ? 1   ARG B CB  1 
ATOM   580 C  CG  . ARG B 2 1  ? -9.976  -4.933  3.726   1.00 13.22 ? 1   ARG B CG  1 
ATOM   581 C  CD  . ARG B 2 1  ? -9.156  -4.044  2.791   1.00 10.78 ? 1   ARG B CD  1 
ATOM   582 N  NE  . ARG B 2 1  ? -8.399  -3.037  3.526   1.00 7.72  ? 1   ARG B NE  1 
ATOM   583 C  CZ  . ARG B 2 1  ? -7.232  -3.252  4.118   1.00 6.80  ? 1   ARG B CZ  1 
ATOM   584 N  NH1 . ARG B 2 1  ? -6.631  -4.437  4.064   1.00 7.55  ? 1   ARG B NH1 1 
ATOM   585 N  NH2 . ARG B 2 1  ? -6.654  -2.260  4.796   1.00 9.00  ? 1   ARG B NH2 1 
ATOM   586 N  N   . ALA B 2 2  ? -9.382  -8.656  3.222   1.00 15.80 ? 2   ALA B N   1 
ATOM   587 C  CA  . ALA B 2 2  ? -8.126  -9.316  3.524   1.00 14.05 ? 2   ALA B CA  1 
ATOM   588 C  C   . ALA B 2 2  ? -6.999  -8.291  3.616   1.00 11.36 ? 2   ALA B C   1 
ATOM   589 O  O   . ALA B 2 2  ? -7.111  -7.163  3.131   1.00 10.45 ? 2   ALA B O   1 
ATOM   590 C  CB  . ALA B 2 2  ? -7.802  -10.351 2.446   1.00 17.33 ? 2   ALA B CB  1 
ATOM   591 N  N   . SER B 2 3  ? -5.902  -8.699  4.251   1.00 11.48 ? 3   SER B N   1 
ATOM   592 C  CA  . SER B 2 3  ? -4.711  -7.862  4.309   1.00 10.66 ? 3   SER B CA  1 
ATOM   593 C  C   . SER B 2 3  ? -4.245  -7.476  2.910   1.00 8.56  ? 3   SER B C   1 
ATOM   594 O  O   . SER B 2 3  ? -4.335  -8.264  1.964   1.00 11.19 ? 3   SER B O   1 
ATOM   595 C  CB  . SER B 2 3  ? -3.585  -8.614  5.019   1.00 10.49 ? 3   SER B CB  1 
ATOM   596 O  OG  . SER B 2 3  ? -2.378  -7.867  4.957   1.00 10.05 ? 3   SER B OG  1 
ATOM   597 N  N   . VAL B 2 4  ? -3.741  -6.244  2.783   1.00 8.06  ? 4   VAL B N   1 
ATOM   598 C  CA  . VAL B 2 4  ? -3.136  -5.804  1.529   1.00 6.72  ? 4   VAL B CA  1 
ATOM   599 C  C   . VAL B 2 4  ? -1.703  -6.284  1.368   1.00 8.14  ? 4   VAL B C   1 
ATOM   600 O  O   . VAL B 2 4  ? -1.102  -6.070  0.303   1.00 8.50  ? 4   VAL B O   1 
ATOM   601 C  CB  . VAL B 2 4  ? -3.214  -4.272  1.365   1.00 7.85  ? 4   VAL B CB  1 
ATOM   602 C  CG1 . VAL B 2 4  ? -4.661  -3.815  1.281   1.00 7.59  ? 4   VAL B CG1 1 
ATOM   603 C  CG2 . VAL B 2 4  ? -2.485  -3.556  2.514   1.00 8.39  ? 4   VAL B CG2 1 
ATOM   604 N  N   . ILE B 2 5  ? -1.127  -6.929  2.376   1.00 6.81  ? 5   ILE B N   1 
ATOM   605 C  CA  . ILE B 2 5  ? 0.278   -7.315  2.321   1.00 7.57  ? 5   ILE B CA  1 
ATOM   606 C  C   . ILE B 2 5  ? 0.427   -8.684  1.677   1.00 10.80 ? 5   ILE B C   1 
ATOM   607 O  O   . ILE B 2 5  ? -0.156  -9.664  2.149   1.00 10.54 ? 5   ILE B O   1 
ATOM   608 C  CB  . ILE B 2 5  ? 0.939   -7.260  3.702   1.00 8.40  ? 5   ILE B CB  1 
ATOM   609 C  CG1 . ILE B 2 5  ? 0.869   -5.817  4.214   1.00 8.54  ? 5   ILE B CG1 1 
ATOM   610 C  CG2 . ILE B 2 5  ? 2.387   -7.789  3.618   1.00 9.07  ? 5   ILE B CG2 1 
ATOM   611 C  CD1 . ILE B 2 5  ? 1.433   -5.612  5.602   1.00 9.93  ? 5   ILE B CD1 1 
ATOM   612 N  N   . LYS B 2 6  ? 1.219   -8.738  0.606   1.00 8.26  ? 6   LYS B N   1 
ATOM   613 C  CA  . LYS B 2 6  ? 1.535   -9.969  -0.124  1.00 10.13 ? 6   LYS B CA  1 
ATOM   614 C  C   . LYS B 2 6  ? 3.009   -10.280 0.049   1.00 12.18 ? 6   LYS B C   1 
ATOM   615 O  O   . LYS B 2 6  ? 3.443   -11.372 -0.327  1.00 12.19 ? 6   LYS B O   1 
ATOM   616 C  CB  . LYS B 2 6  ? 1.292   -9.779  -1.623  1.00 11.21 ? 6   LYS B CB  1 
ATOM   617 C  CG  . LYS B 2 6  ? -0.096  -9.284  -2.014  1.00 14.02 ? 6   LYS B CG  1 
ATOM   618 C  CD  . LYS B 2 6  ? -1.185  -10.016 -1.281  1.00 20.48 ? 6   LYS B CD  1 
ATOM   619 C  CE  . LYS B 2 6  ? -1.513  -11.325 -1.988  1.00 26.21 ? 6   LYS B CE  1 
ATOM   620 N  NZ  . LYS B 2 6  ? -2.541  -12.123 -1.250  1.00 28.02 ? 6   LYS B NZ  1 
HETATM 621 ZN ZN  . ZN  C 3 .  ? 8.851   1.093   -4.699  1.00 10.63 ? 601 ZN  A ZN  1 
HETATM 622 ZN ZN  . ZN  D 3 .  ? -4.892  1.970   -5.661  1.00 7.00  ? 602 ZN  A ZN  1 
HETATM 623 ZN ZN  . ZN  E 3 .  ? -9.914  -0.396  4.405   1.00 18.38 ? 603 ZN  A ZN  1 
HETATM 624 O  O   . HOH F 4 .  ? 4.024   -8.058  -15.533 1.00 26.15 ? 701 HOH A O   1 
HETATM 625 O  O   . HOH F 4 .  ? -20.713 -1.482  1.500   1.00 24.38 ? 702 HOH A O   1 
HETATM 626 O  O   . HOH F 4 .  ? -7.493  4.608   9.048   1.00 32.19 ? 703 HOH A O   1 
HETATM 627 O  O   . HOH F 4 .  ? -10.786 13.381  -0.413  1.00 37.20 ? 704 HOH A O   1 
HETATM 628 O  O   . HOH F 4 .  ? -1.710  9.895   11.745  1.00 28.62 ? 705 HOH A O   1 
HETATM 629 O  O   . HOH F 4 .  ? -20.985 7.308   -2.462  1.00 32.27 ? 706 HOH A O   1 
HETATM 630 O  O   . HOH F 4 .  ? -11.855 7.689   -4.140  1.00 24.94 ? 707 HOH A O   1 
HETATM 631 O  O   . HOH F 4 .  ? -6.807  13.779  9.357   1.00 19.41 ? 708 HOH A O   1 
HETATM 632 O  O   . HOH F 4 .  ? 10.520  -15.864 -3.161  1.00 15.50 ? 709 HOH A O   1 
HETATM 633 O  O   . HOH F 4 .  ? 11.389  4.740   2.102   1.00 29.38 ? 710 HOH A O   1 
HETATM 634 O  O   . HOH F 4 .  ? -1.310  -9.269  -5.675  1.00 20.93 ? 711 HOH A O   1 
HETATM 635 O  O   . HOH F 4 .  ? 2.082   7.695   -1.769  1.00 18.11 ? 712 HOH A O   1 
HETATM 636 O  O   . HOH F 4 .  ? -3.854  6.100   -13.040 1.00 20.98 ? 713 HOH A O   1 
HETATM 637 O  O   . HOH F 4 .  ? 17.098  -7.402  9.636   1.00 27.51 ? 714 HOH A O   1 
HETATM 638 O  O   . HOH F 4 .  ? 10.248  -15.279 -7.104  1.00 25.91 ? 715 HOH A O   1 
HETATM 639 O  O   . HOH F 4 .  ? 9.393   -4.596  -0.555  1.00 12.95 ? 716 HOH A O   1 
HETATM 640 O  O   . HOH F 4 .  ? -11.517 5.700   4.052   1.00 14.18 ? 717 HOH A O   1 
HETATM 641 O  O   . HOH F 4 .  ? 8.616   -4.684  7.590   1.00 15.30 ? 718 HOH A O   1 
HETATM 642 O  O   . HOH F 4 .  ? 2.594   -2.810  -10.789 1.00 19.32 ? 719 HOH A O   1 
HETATM 643 O  O   . HOH F 4 .  ? -3.716  11.412  5.196   1.00 18.05 ? 720 HOH A O   1 
HETATM 644 O  O   . HOH F 4 .  ? 5.696   -3.737  -15.185 1.00 22.85 ? 721 HOH A O   1 
HETATM 645 O  O   . HOH F 4 .  ? 13.045  -0.784  11.665  1.00 19.16 ? 722 HOH A O   1 
HETATM 646 O  O   . HOH F 4 .  ? -0.059  14.483  4.597   1.00 24.47 ? 723 HOH A O   1 
HETATM 647 O  O   . HOH F 4 .  ? 13.695  -14.565 -8.270  1.00 34.53 ? 724 HOH A O   1 
HETATM 648 O  O   . HOH F 4 .  ? 13.532  0.808   -10.470 1.00 23.51 ? 725 HOH A O   1 
HETATM 649 O  O   . HOH F 4 .  ? 3.522   3.228   -12.443 1.00 26.68 ? 726 HOH A O   1 
HETATM 650 O  O   . HOH F 4 .  ? -9.270  -7.200  -4.122  1.00 12.49 ? 727 HOH A O   1 
HETATM 651 O  O   . HOH F 4 .  ? -9.777  6.508   -7.453  1.00 21.19 ? 728 HOH A O   1 
HETATM 652 O  O   . HOH F 4 .  ? 15.399  -11.398 -11.583 1.00 28.48 ? 729 HOH A O   1 
HETATM 653 O  O   . HOH F 4 .  ? -7.271  4.385   -0.833  1.00 8.15  ? 730 HOH A O   1 
HETATM 654 O  O   . HOH F 4 .  ? 15.845  -3.660  2.987   1.00 37.93 ? 731 HOH A O   1 
HETATM 655 O  O   . HOH F 4 .  ? -0.887  5.030   12.352  1.00 25.55 ? 732 HOH A O   1 
HETATM 656 O  O   . HOH F 4 .  ? -3.381  11.175  2.519   1.00 18.08 ? 733 HOH A O   1 
HETATM 657 O  O   . HOH F 4 .  ? -4.481  7.692   -2.193  1.00 9.65  ? 734 HOH A O   1 
HETATM 658 O  O   . HOH F 4 .  ? 0.464   9.886   -0.946  1.00 23.08 ? 735 HOH A O   1 
HETATM 659 O  O   . HOH F 4 .  ? 13.059  -8.018  -6.238  1.00 16.64 ? 736 HOH A O   1 
HETATM 660 O  O   . HOH F 4 .  ? 14.601  -8.555  -8.418  1.00 23.91 ? 737 HOH A O   1 
HETATM 661 O  O   . HOH F 4 .  ? 7.018   -10.440 -12.987 1.00 21.51 ? 738 HOH A O   1 
HETATM 662 O  O   . HOH F 4 .  ? 8.434   7.062   -12.309 1.00 31.51 ? 739 HOH A O   1 
HETATM 663 O  O   . HOH F 4 .  ? -3.730  12.391  -3.789  1.00 18.19 ? 740 HOH A O   1 
HETATM 664 O  O   . HOH F 4 .  ? -6.322  -6.041  -6.342  1.00 15.18 ? 741 HOH A O   1 
HETATM 665 O  O   . HOH F 4 .  ? -2.591  -8.678  -9.310  1.00 24.60 ? 742 HOH A O   1 
HETATM 666 O  O   . HOH F 4 .  ? -21.525 -4.032  -2.339  1.00 22.21 ? 743 HOH A O   1 
HETATM 667 O  O   . HOH F 4 .  ? -11.178 4.244   6.274   1.00 19.04 ? 744 HOH A O   1 
HETATM 668 O  O   . HOH F 4 .  ? 9.039   -9.201  -9.913  1.00 13.10 ? 745 HOH A O   1 
HETATM 669 O  O   . HOH F 4 .  ? 6.275   -1.831  13.986  1.00 14.94 ? 746 HOH A O   1 
HETATM 670 O  O   . HOH F 4 .  ? 6.200   0.133   -12.353 1.00 18.40 ? 747 HOH A O   1 
HETATM 671 O  O   . HOH F 4 .  ? 13.359  3.984   -8.868  1.00 28.29 ? 748 HOH A O   1 
HETATM 672 O  O   . HOH F 4 .  ? -0.056  1.013   13.691  1.00 12.92 ? 749 HOH A O   1 
HETATM 673 O  O   . HOH F 4 .  ? 10.635  -4.930  -3.998  1.00 21.86 ? 750 HOH A O   1 
HETATM 674 O  O   . HOH F 4 .  ? -20.313 5.852   -0.104  1.00 29.73 ? 751 HOH A O   1 
HETATM 675 O  O   . HOH F 4 .  ? -11.688 -0.423  -9.370  1.00 14.82 ? 752 HOH A O   1 
HETATM 676 O  O   . HOH F 4 .  ? -5.303  -6.453  -1.586  1.00 12.31 ? 753 HOH A O   1 
HETATM 677 O  O   . HOH F 4 .  ? 4.719   10.285  -0.269  1.00 26.98 ? 754 HOH A O   1 
HETATM 678 O  O   . HOH F 4 .  ? -4.730  4.390   7.801   1.00 12.32 ? 755 HOH A O   1 
HETATM 679 O  O   . HOH F 4 .  ? 10.163  -7.671  1.818   1.00 12.35 ? 756 HOH A O   1 
HETATM 680 O  O   . HOH F 4 .  ? 1.863   0.523   -11.798 1.00 18.84 ? 757 HOH A O   1 
HETATM 681 O  O   . HOH F 4 .  ? 6.526   6.667   -10.781 1.00 30.24 ? 758 HOH A O   1 
HETATM 682 O  O   . HOH F 4 .  ? -2.541  4.478   -11.667 1.00 25.23 ? 759 HOH A O   1 
HETATM 683 O  O   . HOH F 4 .  ? -0.878  1.369   -12.072 1.00 21.21 ? 760 HOH A O   1 
HETATM 684 O  O   . HOH F 4 .  ? 7.857   -13.341 -4.779  1.00 12.30 ? 761 HOH A O   1 
HETATM 685 O  O   . HOH F 4 .  ? 6.610   -10.964 -4.480  1.00 10.23 ? 762 HOH A O   1 
HETATM 686 O  O   . HOH F 4 .  ? -1.508  12.778  1.002   1.00 25.18 ? 763 HOH A O   1 
HETATM 687 O  O   . HOH F 4 .  ? -14.042 -4.912  0.814   1.00 18.51 ? 764 HOH A O   1 
HETATM 688 O  O   . HOH F 4 .  ? -11.596 -4.387  -0.567  1.00 10.60 ? 765 HOH A O   1 
HETATM 689 O  O   . HOH F 4 .  ? 8.312   5.518   7.378   1.00 12.46 ? 766 HOH A O   1 
HETATM 690 O  O   . HOH F 4 .  ? 2.434   -9.137  10.418  1.00 22.47 ? 767 HOH A O   1 
HETATM 691 O  O   . HOH F 4 .  ? -14.861 6.356   -2.609  1.00 23.06 ? 768 HOH A O   1 
HETATM 692 O  O   . HOH F 4 .  ? -12.815 5.682   -3.336  1.00 20.24 ? 769 HOH A O   1 
HETATM 693 O  O   . HOH F 4 .  ? 13.270  -13.589 -0.250  1.00 18.48 ? 770 HOH A O   1 
HETATM 694 O  O   . HOH F 4 .  ? 8.840   11.082  10.464  1.00 13.57 ? 771 HOH A O   1 
HETATM 695 O  O   . HOH F 4 .  ? 9.932   -7.540  4.701   1.00 18.06 ? 772 HOH A O   1 
HETATM 696 O  O   . HOH F 4 .  ? -11.606 10.191  2.358   1.00 26.31 ? 773 HOH A O   1 
HETATM 697 O  O   . HOH F 4 .  ? 12.916  0.968   3.704   1.00 17.27 ? 774 HOH A O   1 
HETATM 698 O  O   . HOH F 4 .  ? -3.632  9.727   -0.663  1.00 16.78 ? 775 HOH A O   1 
HETATM 699 O  O   . HOH F 4 .  ? 6.430   6.577   -1.719  1.00 22.38 ? 776 HOH A O   1 
HETATM 700 O  O   . HOH F 4 .  ? -16.697 2.986   -5.869  1.00 26.91 ? 777 HOH A O   1 
HETATM 701 O  O   . HOH F 4 .  ? -7.984  11.012  6.908   1.00 19.45 ? 778 HOH A O   1 
HETATM 702 O  O   . HOH F 4 .  ? 4.298   10.981  9.916   1.00 21.49 ? 779 HOH A O   1 
HETATM 703 O  O   . HOH F 4 .  ? 3.720   -5.968  -17.466 1.00 26.87 ? 780 HOH A O   1 
HETATM 704 O  O   . HOH F 4 .  ? -11.937 2.323   4.686   1.00 18.20 ? 781 HOH A O   1 
HETATM 705 O  O   . HOH F 4 .  ? -16.230 0.326   -4.864  1.00 23.79 ? 782 HOH A O   1 
HETATM 706 O  O   . HOH F 4 .  ? -5.277  -6.550  7.562   1.00 15.72 ? 783 HOH A O   1 
HETATM 707 O  O   . HOH F 4 .  ? -6.650  15.634  6.328   1.00 38.85 ? 784 HOH A O   1 
HETATM 708 O  O   . HOH F 4 .  ? 8.861   -10.468 -15.255 1.00 24.82 ? 785 HOH A O   1 
HETATM 709 O  O   . HOH F 4 .  ? -3.679  5.510   10.236  1.00 17.23 ? 786 HOH A O   1 
HETATM 710 O  O   . HOH F 4 .  ? 3.277   -4.879  -12.045 1.00 22.75 ? 787 HOH A O   1 
HETATM 711 O  O   . HOH F 4 .  ? 14.320  -1.955  7.048   1.00 22.82 ? 788 HOH A O   1 
HETATM 712 O  O   . HOH F 4 .  ? -1.630  7.315   10.135  1.00 24.45 ? 789 HOH A O   1 
HETATM 713 O  O   . HOH F 4 .  ? 11.308  -4.994  1.671   1.00 20.52 ? 790 HOH A O   1 
HETATM 714 O  O   . HOH F 4 .  ? -5.219  -2.988  -13.019 1.00 14.81 ? 791 HOH A O   1 
HETATM 715 O  O   . HOH F 4 .  ? -5.770  13.112  5.106   1.00 26.70 ? 792 HOH A O   1 
HETATM 716 O  O   . HOH F 4 .  ? 1.283   -6.154  13.478  1.00 28.19 ? 793 HOH A O   1 
HETATM 717 O  O   . HOH F 4 .  ? -1.339  -6.901  9.399   1.00 21.65 ? 794 HOH A O   1 
HETATM 718 O  O   . HOH F 4 .  ? 8.390   -11.541 -11.037 1.00 26.30 ? 795 HOH A O   1 
HETATM 719 O  O   . HOH F 4 .  ? 5.358   6.050   -12.185 1.00 31.71 ? 796 HOH A O   1 
HETATM 720 O  O   . HOH F 4 .  ? -21.636 3.940   -3.540  1.00 29.59 ? 797 HOH A O   1 
HETATM 721 O  O   . HOH F 4 .  ? 2.472   9.097   10.641  1.00 24.49 ? 798 HOH A O   1 
HETATM 722 O  O   . HOH F 4 .  ? -3.121  -4.584  14.944  1.00 19.43 ? 799 HOH A O   1 
HETATM 723 O  O   . HOH F 4 .  ? -15.309 -1.497  -6.294  1.00 30.46 ? 800 HOH A O   1 
HETATM 724 O  O   . HOH F 4 .  ? 6.103   8.020   -8.494  1.00 35.38 ? 801 HOH A O   1 
HETATM 725 O  O   . HOH F 4 .  ? -2.399  -6.398  -12.491 1.00 25.75 ? 802 HOH A O   1 
HETATM 726 O  O   . HOH F 4 .  ? 7.430   -10.224 -17.804 1.00 28.11 ? 803 HOH A O   1 
HETATM 727 O  O   . HOH F 4 .  ? -0.771  -3.180  15.234  1.00 20.01 ? 804 HOH A O   1 
HETATM 728 O  O   . HOH F 4 .  ? 16.060  -10.698 -7.659  1.00 32.23 ? 805 HOH A O   1 
HETATM 729 O  O   . HOH F 4 .  ? -11.668 7.442   -6.420  1.00 34.61 ? 806 HOH A O   1 
HETATM 730 O  O   . HOH F 4 .  ? 10.262  6.056   5.565   1.00 15.74 ? 807 HOH A O   1 
HETATM 731 O  O   . HOH F 4 .  ? 8.805   6.259   -5.519  1.00 40.13 ? 808 HOH A O   1 
HETATM 732 O  O   . HOH F 4 .  ? -15.245 -7.935  -1.664  1.00 27.09 ? 809 HOH A O   1 
HETATM 733 O  O   . HOH F 4 .  ? 4.920   -10.951 -14.657 1.00 25.82 ? 810 HOH A O   1 
HETATM 734 O  O   . HOH F 4 .  ? -0.816  -7.754  11.912  1.00 26.69 ? 811 HOH A O   1 
HETATM 735 O  O   . HOH F 4 .  ? 5.049   -10.499 -18.058 1.00 40.49 ? 812 HOH A O   1 
HETATM 736 O  O   . HOH F 4 .  ? -0.148  -0.440  15.961  1.00 18.33 ? 813 HOH A O   1 
HETATM 737 O  O   . HOH F 4 .  ? 3.315   -8.950  -18.349 1.00 28.58 ? 814 HOH A O   1 
HETATM 738 O  O   . HOH F 4 .  ? -6.552  -7.586  -3.788  1.00 16.17 ? 815 HOH A O   1 
HETATM 739 O  O   . HOH F 4 .  ? -22.295 5.582   -1.712  1.00 28.40 ? 816 HOH A O   1 
HETATM 740 O  O   . HOH F 4 .  ? -11.028 2.156   -8.598  1.00 16.53 ? 817 HOH A O   1 
HETATM 741 O  O   . HOH F 4 .  ? 14.904  -6.915  -4.987  1.00 33.22 ? 818 HOH A O   1 
HETATM 742 O  O   . HOH F 4 .  ? 8.222   -7.449  6.408   1.00 20.14 ? 819 HOH A O   1 
HETATM 743 O  O   . HOH F 4 .  ? 12.354  -3.945  -3.019  1.00 25.65 ? 820 HOH A O   1 
HETATM 744 O  O   . HOH F 4 .  ? 4.788   8.177   -2.099  1.00 24.00 ? 821 HOH A O   1 
HETATM 745 O  O   . HOH F 4 .  ? 8.167   -13.767 -11.809 1.00 35.94 ? 822 HOH A O   1 
HETATM 746 O  O   . HOH F 4 .  ? 4.125   12.956  11.577  1.00 31.65 ? 823 HOH A O   1 
HETATM 747 O  O   . HOH F 4 .  ? 3.354   6.650   10.891  1.00 24.71 ? 824 HOH A O   1 
HETATM 748 O  O   . HOH F 4 .  ? -1.603  11.131  -1.632  1.00 21.67 ? 825 HOH A O   1 
HETATM 749 O  O   . HOH F 4 .  ? 13.856  -5.469  -0.109  1.00 28.88 ? 826 HOH A O   1 
HETATM 750 O  O   . HOH F 4 .  ? 5.288   -11.128 -6.881  1.00 21.47 ? 827 HOH A O   1 
HETATM 751 O  O   . HOH F 4 .  ? 7.719   7.956   -5.528  1.00 34.98 ? 828 HOH A O   1 
HETATM 752 O  O   . HOH F 4 .  ? 6.712   -12.457 -8.890  1.00 26.11 ? 829 HOH A O   1 
HETATM 753 O  O   . HOH F 4 .  ? -10.093 -6.735  -1.355  1.00 20.50 ? 830 HOH A O   1 
HETATM 754 O  O   . HOH F 4 .  ? 0.534   -5.937  -13.210 1.00 35.91 ? 831 HOH A O   1 
HETATM 755 O  O   . HOH F 4 .  ? 17.730  -3.108  5.263   1.00 39.27 ? 832 HOH A O   1 
HETATM 756 O  O   . HOH F 4 .  ? 4.669   -1.749  16.173  1.00 25.58 ? 833 HOH A O   1 
HETATM 757 O  O   . HOH F 4 .  ? 12.532  6.103   -7.232  1.00 36.00 ? 834 HOH A O   1 
HETATM 758 O  O   . HOH F 4 .  ? -19.422 -6.827  -0.863  1.00 24.70 ? 835 HOH A O   1 
HETATM 759 O  O   . HOH F 4 .  ? 14.997  0.932   2.240   1.00 28.86 ? 836 HOH A O   1 
HETATM 760 O  O   . HOH F 4 .  ? -21.762 -6.454  -1.263  1.00 26.55 ? 837 HOH A O   1 
HETATM 761 O  O   . HOH F 4 .  ? 1.359   -5.229  15.534  1.00 29.75 ? 838 HOH A O   1 
HETATM 762 O  O   . HOH F 4 .  ? 12.670  -1.081  -3.183  1.00 22.27 ? 839 HOH A O   1 
HETATM 763 O  O   . HOH F 4 .  ? 12.680  1.363   -4.477  1.00 31.20 ? 840 HOH A O   1 
HETATM 764 O  O   . HOH F 4 .  ? 2.459   -12.176 -13.778 1.00 35.06 ? 841 HOH A O   1 
HETATM 765 O  O   . HOH F 4 .  ? 15.327  0.821   -0.673  1.00 29.88 ? 842 HOH A O   1 
HETATM 766 O  O   . HOH F 4 .  ? 6.988   -15.468 -12.189 1.00 43.63 ? 843 HOH A O   1 
HETATM 767 O  O   . HOH G 4 .  ? -3.206  -14.081 -2.532  1.00 24.44 ? 101 HOH B O   1 
HETATM 768 O  O   . HOH G 4 .  ? -4.081  -8.738  -0.586  1.00 18.84 ? 102 HOH B O   1 
HETATM 769 O  O   . HOH G 4 .  ? 5.713   -11.692 -1.749  1.00 9.71  ? 103 HOH B O   1 
HETATM 770 O  O   . HOH G 4 .  ? -1.323  -12.101 1.820   1.00 21.43 ? 104 HOH B O   1 
HETATM 771 O  O   . HOH G 4 .  ? -0.985  -8.528  7.205   1.00 16.10 ? 105 HOH B O   1 
HETATM 772 O  O   . HOH G 4 .  ? -13.441 -4.440  4.457   1.00 21.43 ? 106 HOH B O   1 
HETATM 773 O  O   . HOH G 4 .  ? -11.135 -8.845  0.903   1.00 29.42 ? 107 HOH B O   1 
HETATM 774 O  O   . HOH G 4 .  ? -7.384  -6.591  0.287   1.00 14.18 ? 108 HOH B O   1 
HETATM 775 O  O   . HOH G 4 .  ? -4.079  -11.090 2.717   1.00 25.16 ? 109 HOH B O   1 
HETATM 776 O  O   . HOH G 4 .  ? -14.348 -6.010  6.503   1.00 29.57 ? 110 HOH B O   1 
HETATM 777 O  O   . HOH G 4 .  ? -9.381  -8.161  0.088   1.00 28.08 ? 111 HOH B O   1 
HETATM 778 O  O   . HOH G 4 .  ? -15.074 -7.556  3.194   1.00 36.55 ? 112 HOH B O   1 
HETATM 779 O  O   . HOH G 4 .  ? -13.935 -7.332  1.381   1.00 32.01 ? 113 HOH B O   1 
HETATM 780 O  O   . HOH G 4 .  ? -13.665 -4.625  7.921   1.00 31.82 ? 114 HOH B O   1 
HETATM 781 O  O   . HOH G 4 .  ? -12.218 -2.484  5.622   1.00 16.46 ? 115 HOH B O   1 
# 
